data_5UAU
#
_entry.id   5UAU
#
_cell.length_a   165.130
_cell.length_b   87.750
_cell.length_c   117.130
_cell.angle_alpha   90.000
_cell.angle_beta   90.000
_cell.angle_gamma   90.000
#
_symmetry.space_group_name_H-M   'P 21 21 2'
#
loop_
_entity.id
_entity.type
_entity.pdbx_description
1 polymer 'Pyrroline-5-carboxylate reductase 1, mitochondrial'
2 non-polymer PROLINE
3 non-polymer 'SULFATE ION'
4 water water
#
_entity_poly.entity_id   1
_entity_poly.type   'polypeptide(L)'
_entity_poly.pdbx_seq_one_letter_code
;MHHHHHHSSGVDLGTENLYFQSMSVGFIGAGQLAFALAKGFTAAGVLAAHKIMASSPDMDLATVSALRKMGVKLTPHNKE
TVQHSDVLFLAVKPHIIPFILDEIGADIEDRHIVVSCAAGVTISSIEKKLSAFRPAPRVIRCMTNTPVVVREGATVYATG
THAQVEDGRLMEQLLSSVGFCTEVEEDLIDAVTGLSGSGPAYAFTALDALADGGVKMGLPRRLAVRLGAQALLGAAKMLL
HSEQHPGQLKDNVSSPGGATIHALHVLESGGFRSLLINAVEASCIRTRELQSMADQEQVSPAAIKKTILDKVKLDSPAGT
AL
;
_entity_poly.pdbx_strand_id   A,B,C,D,E
#
loop_
_chem_comp.id
_chem_comp.type
_chem_comp.name
_chem_comp.formula
SO4 non-polymer 'SULFATE ION' 'O4 S -2'
#
# COMPACT_ATOMS: atom_id res chain seq x y z
N MET A 23 -4.85 13.54 -49.89
CA MET A 23 -5.25 14.14 -48.62
C MET A 23 -4.54 15.48 -48.39
N SER A 24 -5.30 16.49 -47.98
CA SER A 24 -4.77 17.81 -47.67
C SER A 24 -5.00 18.11 -46.20
N VAL A 25 -3.93 18.44 -45.48
CA VAL A 25 -3.99 18.71 -44.05
C VAL A 25 -3.79 20.21 -43.84
N GLY A 26 -4.63 20.78 -42.98
CA GLY A 26 -4.50 22.19 -42.63
C GLY A 26 -4.39 22.35 -41.13
N PHE A 27 -3.76 23.46 -40.73
CA PHE A 27 -3.58 23.81 -39.34
C PHE A 27 -4.12 25.21 -39.11
N ILE A 28 -5.05 25.35 -38.17
CA ILE A 28 -5.49 26.66 -37.72
C ILE A 28 -4.76 26.93 -36.42
N GLY A 29 -3.87 27.92 -36.46
CA GLY A 29 -2.89 28.14 -35.42
C GLY A 29 -1.54 27.65 -35.90
N ALA A 30 -0.47 28.33 -35.51
CA ALA A 30 0.88 27.94 -35.86
C ALA A 30 1.77 27.92 -34.63
N GLY A 31 1.23 27.41 -33.53
CA GLY A 31 1.98 27.32 -32.28
C GLY A 31 2.95 26.15 -32.29
N GLN A 32 3.29 25.70 -31.09
CA GLN A 32 4.23 24.58 -30.97
C GLN A 32 3.62 23.29 -31.49
N LEU A 33 2.35 23.03 -31.16
CA LEU A 33 1.72 21.77 -31.57
C LEU A 33 1.54 21.70 -33.08
N ALA A 34 1.22 22.85 -33.71
CA ALA A 34 1.11 22.88 -35.16
C ALA A 34 2.44 22.56 -35.82
N PHE A 35 3.53 23.15 -35.32
CA PHE A 35 4.86 22.83 -35.84
C PHE A 35 5.23 21.39 -35.51
N ALA A 36 4.99 20.96 -34.28
CA ALA A 36 5.33 19.60 -33.88
C ALA A 36 4.66 18.58 -34.79
N LEU A 37 3.34 18.68 -34.98
CA LEU A 37 2.64 17.71 -35.81
C LEU A 37 3.12 17.75 -37.26
N ALA A 38 3.33 18.96 -37.81
CA ALA A 38 3.80 19.05 -39.18
C ALA A 38 5.23 18.55 -39.32
N LYS A 39 6.06 18.76 -38.29
CA LYS A 39 7.41 18.19 -38.31
C LYS A 39 7.34 16.67 -38.30
N GLY A 40 6.56 16.10 -37.38
CA GLY A 40 6.42 14.66 -37.32
C GLY A 40 5.81 14.06 -38.57
N PHE A 41 4.73 14.68 -39.08
CA PHE A 41 4.04 14.11 -40.24
C PHE A 41 4.95 14.03 -41.46
N THR A 42 5.78 15.06 -41.66
CA THR A 42 6.65 15.06 -42.83
C THR A 42 7.87 14.17 -42.60
N ALA A 43 8.44 14.18 -41.39
CA ALA A 43 9.51 13.24 -41.08
C ALA A 43 9.04 11.80 -41.22
N ALA A 44 7.77 11.53 -40.91
CA ALA A 44 7.19 10.21 -41.12
C ALA A 44 6.98 9.89 -42.59
N GLY A 45 7.11 10.88 -43.48
CA GLY A 45 6.88 10.63 -44.88
C GLY A 45 5.44 10.35 -45.25
N VAL A 46 4.49 10.64 -44.36
CA VAL A 46 3.07 10.44 -44.70
C VAL A 46 2.45 11.67 -45.37
N LEU A 47 3.10 12.82 -45.30
CA LEU A 47 2.58 14.05 -45.90
C LEU A 47 3.70 14.84 -46.53
N ALA A 48 3.52 15.23 -47.80
CA ALA A 48 4.41 16.19 -48.42
C ALA A 48 4.21 17.56 -47.79
N ALA A 49 5.31 18.24 -47.45
CA ALA A 49 5.23 19.48 -46.69
C ALA A 49 4.38 20.53 -47.41
N HIS A 50 4.38 20.54 -48.75
CA HIS A 50 3.59 21.51 -49.47
C HIS A 50 2.10 21.19 -49.49
N LYS A 51 1.72 19.97 -49.12
CA LYS A 51 0.31 19.62 -48.95
C LYS A 51 -0.25 20.04 -47.61
N ILE A 52 0.52 20.81 -46.83
CA ILE A 52 0.13 21.26 -45.50
C ILE A 52 0.11 22.78 -45.50
N MET A 53 -1.03 23.35 -45.09
CA MET A 53 -1.18 24.79 -44.95
C MET A 53 -1.41 25.14 -43.49
N ALA A 54 -0.77 26.22 -43.04
CA ALA A 54 -0.91 26.69 -41.66
C ALA A 54 -1.22 28.18 -41.66
N SER A 55 -2.08 28.60 -40.74
CA SER A 55 -2.47 30.00 -40.60
C SER A 55 -2.21 30.46 -39.18
N SER A 56 -1.76 31.72 -39.03
CA SER A 56 -1.43 32.30 -37.74
C SER A 56 -1.91 33.74 -37.67
N PRO A 57 -2.43 34.16 -36.50
CA PRO A 57 -2.71 35.58 -36.31
C PRO A 57 -1.47 36.42 -36.02
N ASP A 58 -0.36 35.79 -35.64
CA ASP A 58 0.92 36.45 -35.45
C ASP A 58 1.91 35.78 -36.41
N MET A 59 1.99 36.31 -37.63
CA MET A 59 2.84 35.74 -38.67
C MET A 59 4.33 35.94 -38.43
N ASP A 60 4.73 36.50 -37.29
CA ASP A 60 6.13 36.66 -36.94
C ASP A 60 6.58 35.69 -35.86
N LEU A 61 5.82 34.62 -35.65
CA LEU A 61 6.14 33.67 -34.58
C LEU A 61 7.39 32.88 -34.93
N ALA A 62 8.08 32.42 -33.87
CA ALA A 62 9.24 31.55 -34.07
C ALA A 62 8.84 30.27 -34.78
N THR A 63 7.66 29.72 -34.44
CA THR A 63 7.19 28.50 -35.08
C THR A 63 6.74 28.74 -36.50
N VAL A 64 6.27 29.95 -36.82
CA VAL A 64 5.85 30.24 -38.19
C VAL A 64 7.06 30.30 -39.11
N SER A 65 8.19 30.80 -38.61
CA SER A 65 9.41 30.82 -39.42
C SER A 65 9.93 29.41 -39.67
N ALA A 66 9.80 28.54 -38.67
CA ALA A 66 10.24 27.15 -38.85
C ALA A 66 9.40 26.43 -39.90
N LEU A 67 8.08 26.66 -39.89
CA LEU A 67 7.21 25.99 -40.86
C LEU A 67 7.53 26.43 -42.28
N ARG A 68 7.84 27.71 -42.48
CA ARG A 68 8.13 28.20 -43.82
C ARG A 68 9.38 27.55 -44.38
N LYS A 69 10.35 27.21 -43.53
CA LYS A 69 11.55 26.52 -43.99
C LYS A 69 11.23 25.09 -44.40
N MET A 70 10.36 24.40 -43.66
CA MET A 70 9.99 23.02 -43.98
C MET A 70 9.38 22.91 -45.37
N GLY A 71 8.77 23.98 -45.86
CA GLY A 71 7.97 23.92 -47.07
C GLY A 71 6.48 24.02 -46.82
N VAL A 72 6.07 24.18 -45.56
CA VAL A 72 4.65 24.32 -45.24
C VAL A 72 4.13 25.64 -45.80
N LYS A 73 3.04 25.55 -46.58
CA LYS A 73 2.40 26.77 -47.06
C LYS A 73 1.84 27.56 -45.88
N LEU A 74 1.96 28.88 -45.96
CA LEU A 74 1.49 29.76 -44.90
C LEU A 74 0.56 30.81 -45.47
N THR A 75 -0.33 31.30 -44.60
CA THR A 75 -1.32 32.31 -44.97
C THR A 75 -1.85 32.93 -43.69
N PRO A 76 -2.18 34.23 -43.69
CA PRO A 76 -2.72 34.85 -42.47
C PRO A 76 -4.22 34.62 -42.29
N HIS A 77 -4.92 34.13 -43.31
CA HIS A 77 -6.37 34.02 -43.29
C HIS A 77 -6.77 32.57 -43.07
N ASN A 78 -7.50 32.31 -41.98
CA ASN A 78 -7.97 30.97 -41.68
C ASN A 78 -8.87 30.41 -42.78
N LYS A 79 -9.56 31.29 -43.52
CA LYS A 79 -10.42 30.82 -44.60
C LYS A 79 -9.62 30.17 -45.72
N GLU A 80 -8.40 30.68 -45.98
CA GLU A 80 -7.52 30.04 -46.95
C GLU A 80 -7.17 28.62 -46.51
N THR A 81 -6.92 28.43 -45.22
CA THR A 81 -6.59 27.10 -44.71
C THR A 81 -7.75 26.14 -44.86
N VAL A 82 -8.97 26.61 -44.58
CA VAL A 82 -10.16 25.77 -44.70
C VAL A 82 -10.35 25.32 -46.15
N GLN A 83 -10.20 26.26 -47.09
CA GLN A 83 -10.44 25.95 -48.50
C GLN A 83 -9.39 24.99 -49.05
N HIS A 84 -8.19 24.98 -48.47
CA HIS A 84 -7.09 24.20 -49.02
C HIS A 84 -6.92 22.83 -48.36
N SER A 85 -7.69 22.52 -47.33
CA SER A 85 -7.46 21.30 -46.56
C SER A 85 -8.72 20.45 -46.47
N ASP A 86 -8.50 19.15 -46.25
CA ASP A 86 -9.53 18.17 -45.98
C ASP A 86 -9.63 17.85 -44.50
N VAL A 87 -8.49 17.55 -43.87
CA VAL A 87 -8.39 17.38 -42.43
C VAL A 87 -7.91 18.69 -41.83
N LEU A 88 -8.64 19.20 -40.86
CA LEU A 88 -8.44 20.55 -40.35
C LEU A 88 -8.15 20.46 -38.85
N PHE A 89 -6.88 20.63 -38.48
CA PHE A 89 -6.49 20.67 -37.08
C PHE A 89 -6.72 22.05 -36.50
N LEU A 90 -7.35 22.10 -35.33
CA LEU A 90 -7.55 23.34 -34.58
C LEU A 90 -6.47 23.37 -33.51
N ALA A 91 -5.37 24.07 -33.80
CA ALA A 91 -4.24 24.16 -32.90
C ALA A 91 -4.17 25.56 -32.30
N VAL A 92 -5.26 26.00 -31.69
CA VAL A 92 -5.33 27.30 -31.03
C VAL A 92 -5.60 27.06 -29.56
N LYS A 93 -5.42 28.11 -28.77
CA LYS A 93 -5.72 28.04 -27.34
C LYS A 93 -7.20 27.71 -27.13
N PRO A 94 -7.53 27.01 -26.04
CA PRO A 94 -8.92 26.59 -25.81
C PRO A 94 -9.94 27.72 -25.86
N HIS A 95 -9.61 28.88 -25.30
CA HIS A 95 -10.55 30.00 -25.30
C HIS A 95 -10.69 30.65 -26.68
N ILE A 96 -9.87 30.26 -27.65
CA ILE A 96 -9.99 30.81 -29.00
C ILE A 96 -10.87 29.95 -29.89
N ILE A 97 -11.13 28.68 -29.51
CA ILE A 97 -11.91 27.78 -30.36
C ILE A 97 -13.26 28.37 -30.77
N PRO A 98 -14.09 28.91 -29.87
CA PRO A 98 -15.39 29.44 -30.33
C PRO A 98 -15.26 30.53 -31.37
N PHE A 99 -14.25 31.39 -31.26
CA PHE A 99 -14.09 32.46 -32.24
C PHE A 99 -13.65 31.92 -33.59
N ILE A 100 -12.79 30.90 -33.58
CA ILE A 100 -12.40 30.27 -34.85
C ILE A 100 -13.61 29.60 -35.51
N LEU A 101 -14.41 28.87 -34.71
CA LEU A 101 -15.55 28.18 -35.28
C LEU A 101 -16.58 29.15 -35.85
N ASP A 102 -16.75 30.31 -35.21
CA ASP A 102 -17.63 31.33 -35.76
C ASP A 102 -17.08 31.90 -37.05
N GLU A 103 -15.76 31.98 -37.19
CA GLU A 103 -15.17 32.61 -38.38
C GLU A 103 -15.21 31.68 -39.59
N ILE A 104 -14.94 30.39 -39.39
CA ILE A 104 -14.82 29.44 -40.50
C ILE A 104 -16.06 28.58 -40.67
N GLY A 105 -17.06 28.71 -39.78
CA GLY A 105 -18.17 27.79 -39.78
C GLY A 105 -18.93 27.74 -41.10
N ALA A 106 -19.09 28.88 -41.75
CA ALA A 106 -19.80 28.91 -43.03
C ALA A 106 -18.98 28.37 -44.18
N ASP A 107 -17.69 28.10 -43.94
CA ASP A 107 -16.76 27.59 -44.94
C ASP A 107 -16.51 26.08 -44.83
N ILE A 108 -17.06 25.43 -43.81
CA ILE A 108 -16.90 23.99 -43.70
C ILE A 108 -17.76 23.30 -44.74
N GLU A 109 -17.16 22.37 -45.48
CA GLU A 109 -17.85 21.60 -46.50
C GLU A 109 -17.97 20.15 -46.04
N ASP A 110 -18.76 19.37 -46.80
CA ASP A 110 -19.01 17.98 -46.42
C ASP A 110 -17.71 17.18 -46.33
N ARG A 111 -16.70 17.55 -47.10
CA ARG A 111 -15.44 16.81 -47.13
C ARG A 111 -14.61 17.02 -45.87
N HIS A 112 -14.95 17.98 -45.01
CA HIS A 112 -14.07 18.36 -43.93
C HIS A 112 -14.16 17.40 -42.75
N ILE A 113 -13.00 17.11 -42.17
CA ILE A 113 -12.92 16.52 -40.84
C ILE A 113 -12.25 17.56 -39.96
N VAL A 114 -12.96 18.01 -38.93
CA VAL A 114 -12.45 19.03 -38.02
C VAL A 114 -11.91 18.32 -36.79
N VAL A 115 -10.63 18.52 -36.52
CA VAL A 115 -9.93 17.84 -35.45
C VAL A 115 -9.51 18.89 -34.43
N SER A 116 -10.23 18.97 -33.31
CA SER A 116 -9.84 19.90 -32.24
C SER A 116 -8.77 19.27 -31.38
N CYS A 117 -7.67 19.99 -31.17
CA CYS A 117 -6.63 19.58 -30.23
C CYS A 117 -6.70 20.33 -28.92
N ALA A 118 -7.67 21.23 -28.76
CA ALA A 118 -7.72 22.07 -27.57
C ALA A 118 -8.07 21.24 -26.35
N ALA A 119 -7.33 21.45 -25.27
CA ALA A 119 -7.62 20.75 -24.02
C ALA A 119 -8.98 21.20 -23.47
N GLY A 120 -9.74 20.25 -22.94
CA GLY A 120 -10.99 20.56 -22.27
C GLY A 120 -12.20 20.76 -23.17
N VAL A 121 -12.00 21.34 -24.37
CA VAL A 121 -13.13 21.70 -25.23
C VAL A 121 -13.83 20.45 -25.71
N THR A 122 -15.15 20.41 -25.52
CA THR A 122 -15.93 19.20 -25.78
C THR A 122 -16.34 19.11 -27.25
N ILE A 123 -16.62 17.87 -27.66
CA ILE A 123 -17.16 17.65 -29.00
C ILE A 123 -18.51 18.33 -29.14
N SER A 124 -19.36 18.21 -28.11
CA SER A 124 -20.70 18.78 -28.20
C SER A 124 -20.66 20.28 -28.40
N SER A 125 -19.73 20.97 -27.72
CA SER A 125 -19.66 22.42 -27.88
C SER A 125 -19.20 22.80 -29.29
N ILE A 126 -18.23 22.06 -29.83
CA ILE A 126 -17.78 22.30 -31.21
C ILE A 126 -18.90 22.02 -32.19
N GLU A 127 -19.56 20.86 -32.05
CA GLU A 127 -20.62 20.50 -32.98
C GLU A 127 -21.77 21.50 -32.92
N LYS A 128 -22.10 21.97 -31.72
CA LYS A 128 -23.18 22.96 -31.59
C LYS A 128 -22.84 24.23 -32.34
N LYS A 129 -21.61 24.70 -32.23
CA LYS A 129 -21.21 25.91 -32.96
C LYS A 129 -21.26 25.68 -34.47
N LEU A 130 -20.65 24.60 -34.94
CA LEU A 130 -20.60 24.36 -36.38
C LEU A 130 -21.97 23.98 -36.95
N SER A 131 -22.85 23.40 -36.12
CA SER A 131 -24.15 22.97 -36.64
C SER A 131 -25.03 24.14 -37.01
N ALA A 132 -24.86 25.30 -36.36
CA ALA A 132 -25.63 26.47 -36.71
C ALA A 132 -25.43 26.88 -38.17
N PHE A 133 -24.29 26.50 -38.75
CA PHE A 133 -23.97 26.85 -40.14
C PHE A 133 -24.42 25.77 -41.12
N ARG A 134 -23.90 24.55 -40.96
CA ARG A 134 -24.27 23.43 -41.81
C ARG A 134 -24.51 22.22 -40.93
N PRO A 135 -25.46 21.36 -41.28
CA PRO A 135 -25.75 20.19 -40.44
C PRO A 135 -24.68 19.12 -40.62
N ALA A 136 -24.51 18.33 -39.55
CA ALA A 136 -23.67 17.14 -39.50
C ALA A 136 -22.18 17.46 -39.68
N PRO A 137 -21.60 18.37 -38.89
CA PRO A 137 -20.14 18.53 -38.91
C PRO A 137 -19.45 17.24 -38.47
N ARG A 138 -18.31 16.95 -39.11
CA ARG A 138 -17.50 15.77 -38.81
C ARG A 138 -16.37 16.19 -37.87
N VAL A 139 -16.52 15.89 -36.59
CA VAL A 139 -15.65 16.43 -35.56
C VAL A 139 -14.95 15.28 -34.85
N ILE A 140 -13.65 15.42 -34.65
CA ILE A 140 -12.87 14.52 -33.82
C ILE A 140 -12.09 15.36 -32.81
N ARG A 141 -12.03 14.87 -31.57
CA ARG A 141 -11.35 15.56 -30.50
C ARG A 141 -10.14 14.72 -30.12
N CYS A 142 -8.99 15.35 -29.95
CA CYS A 142 -7.82 14.59 -29.59
C CYS A 142 -7.02 15.33 -28.53
N MET A 143 -6.27 14.54 -27.77
CA MET A 143 -5.25 15.04 -26.85
C MET A 143 -3.95 14.36 -27.25
N THR A 144 -3.00 15.17 -27.71
CA THR A 144 -1.68 14.69 -28.08
C THR A 144 -0.67 15.44 -27.21
N ASN A 145 0.62 15.31 -27.52
CA ASN A 145 1.64 15.99 -26.72
C ASN A 145 2.80 16.38 -27.63
N THR A 146 3.73 17.17 -27.08
CA THR A 146 4.80 17.73 -27.91
CA THR A 146 4.80 17.73 -27.91
C THR A 146 5.74 16.67 -28.48
N PRO A 147 5.98 15.51 -27.85
CA PRO A 147 6.89 14.53 -28.46
C PRO A 147 6.52 14.01 -29.85
N VAL A 148 5.38 14.44 -30.42
CA VAL A 148 5.12 14.10 -31.81
C VAL A 148 6.21 14.66 -32.71
N VAL A 149 6.93 15.70 -32.26
CA VAL A 149 7.98 16.29 -33.07
C VAL A 149 9.14 15.30 -33.29
N VAL A 150 9.34 14.34 -32.40
CA VAL A 150 10.33 13.28 -32.62
C VAL A 150 9.64 11.94 -32.88
N ARG A 151 8.36 12.01 -33.31
CA ARG A 151 7.56 10.84 -33.67
C ARG A 151 7.40 9.86 -32.52
N GLU A 152 7.38 10.35 -31.29
CA GLU A 152 7.10 9.50 -30.13
C GLU A 152 6.03 10.14 -29.26
N GLY A 153 4.98 10.67 -29.90
CA GLY A 153 3.91 11.26 -29.14
C GLY A 153 3.02 10.20 -28.51
N ALA A 154 2.11 10.69 -27.66
CA ALA A 154 1.04 9.88 -27.10
C ALA A 154 -0.27 10.61 -27.39
N THR A 155 -1.12 9.98 -28.19
CA THR A 155 -2.33 10.63 -28.68
C THR A 155 -3.52 9.72 -28.39
N VAL A 156 -4.59 10.31 -27.86
CA VAL A 156 -5.88 9.65 -27.85
C VAL A 156 -6.85 10.53 -28.61
N TYR A 157 -7.94 9.93 -29.06
CA TYR A 157 -8.94 10.70 -29.78
C TYR A 157 -10.31 10.12 -29.51
N ALA A 158 -11.33 10.95 -29.65
CA ALA A 158 -12.71 10.49 -29.58
C ALA A 158 -13.49 11.03 -30.77
N THR A 159 -14.42 10.25 -31.26
CA THR A 159 -15.17 10.59 -32.46
C THR A 159 -16.49 11.28 -32.12
N GLY A 160 -16.82 12.32 -32.89
CA GLY A 160 -18.05 13.06 -32.71
C GLY A 160 -19.25 12.37 -33.31
N THR A 161 -20.39 13.06 -33.27
CA THR A 161 -21.66 12.44 -33.63
C THR A 161 -21.64 11.95 -35.07
N HIS A 162 -21.18 12.77 -36.00
CA HIS A 162 -21.30 12.50 -37.42
C HIS A 162 -19.99 12.05 -38.02
N ALA A 163 -18.98 11.80 -37.20
CA ALA A 163 -17.73 11.21 -37.66
C ALA A 163 -18.02 9.78 -38.06
N GLN A 164 -18.17 9.55 -39.36
CA GLN A 164 -18.38 8.21 -39.88
C GLN A 164 -17.26 7.29 -39.42
N VAL A 165 -17.54 5.99 -39.44
CA VAL A 165 -16.59 5.00 -38.93
C VAL A 165 -15.23 5.17 -39.59
N GLU A 166 -15.18 5.66 -40.82
CA GLU A 166 -13.91 5.81 -41.53
C GLU A 166 -13.08 6.96 -40.99
N ASP A 167 -13.72 8.02 -40.48
CA ASP A 167 -12.96 9.21 -40.08
C ASP A 167 -12.07 8.92 -38.89
N GLY A 168 -12.56 8.16 -37.91
CA GLY A 168 -11.74 7.82 -36.77
C GLY A 168 -10.56 6.95 -37.15
N ARG A 169 -10.79 5.95 -38.00
CA ARG A 169 -9.70 5.09 -38.47
C ARG A 169 -8.70 5.88 -39.31
N LEU A 170 -9.18 6.82 -40.11
CA LEU A 170 -8.27 7.67 -40.88
C LEU A 170 -7.42 8.50 -39.94
N MET A 171 -8.04 9.11 -38.93
CA MET A 171 -7.24 9.90 -38.01
CA MET A 171 -7.32 9.89 -37.93
C MET A 171 -6.28 9.04 -37.20
N GLU A 172 -6.66 7.81 -36.85
CA GLU A 172 -5.73 6.95 -36.13
C GLU A 172 -4.53 6.58 -37.00
N GLN A 173 -4.78 6.26 -38.28
CA GLN A 173 -3.67 6.00 -39.18
C GLN A 173 -2.73 7.20 -39.26
N LEU A 174 -3.28 8.41 -39.39
CA LEU A 174 -2.45 9.60 -39.49
C LEU A 174 -1.66 9.86 -38.21
N LEU A 175 -2.33 9.82 -37.07
CA LEU A 175 -1.65 10.16 -35.83
CA LEU A 175 -1.65 10.15 -35.81
C LEU A 175 -0.72 9.04 -35.34
N SER A 176 -0.96 7.79 -35.77
CA SER A 176 -0.03 6.71 -35.44
C SER A 176 1.34 6.90 -36.08
N SER A 177 1.44 7.75 -37.09
CA SER A 177 2.73 7.97 -37.72
C SER A 177 3.68 8.80 -36.86
N VAL A 178 3.21 9.42 -35.79
CA VAL A 178 4.02 10.27 -34.94
C VAL A 178 4.00 9.83 -33.48
N GLY A 179 3.50 8.63 -33.19
CA GLY A 179 3.55 8.12 -31.84
C GLY A 179 2.46 7.09 -31.62
N PHE A 180 2.26 6.76 -30.33
CA PHE A 180 1.14 5.92 -29.97
C PHE A 180 -0.16 6.67 -30.22
N CYS A 181 -1.18 5.97 -30.72
CA CYS A 181 -2.49 6.59 -30.88
C CYS A 181 -3.58 5.54 -30.70
N THR A 182 -4.63 5.90 -29.96
CA THR A 182 -5.75 4.99 -29.77
C THR A 182 -7.03 5.78 -29.52
N GLU A 183 -8.15 5.15 -29.80
CA GLU A 183 -9.45 5.75 -29.53
C GLU A 183 -9.81 5.58 -28.05
N VAL A 184 -10.43 6.61 -27.48
CA VAL A 184 -11.00 6.52 -26.13
C VAL A 184 -12.39 7.13 -26.15
N GLU A 185 -13.17 6.78 -25.13
CA GLU A 185 -14.38 7.55 -24.83
C GLU A 185 -13.99 8.97 -24.47
N GLU A 186 -14.81 9.94 -24.92
CA GLU A 186 -14.46 11.34 -24.67
C GLU A 186 -14.36 11.65 -23.19
N ASP A 187 -15.13 10.97 -22.35
CA ASP A 187 -15.09 11.33 -20.92
C ASP A 187 -13.80 10.90 -20.23
N LEU A 188 -12.87 10.27 -20.94
CA LEU A 188 -11.54 9.98 -20.41
C LEU A 188 -10.51 11.01 -20.82
N ILE A 189 -10.84 11.94 -21.72
CA ILE A 189 -9.78 12.76 -22.29
C ILE A 189 -9.21 13.74 -21.27
N ASP A 190 -10.02 14.20 -20.32
CA ASP A 190 -9.46 15.10 -19.32
C ASP A 190 -8.41 14.41 -18.46
N ALA A 191 -8.66 13.14 -18.10
CA ALA A 191 -7.67 12.38 -17.33
C ALA A 191 -6.43 12.10 -18.16
N VAL A 192 -6.61 11.75 -19.45
CA VAL A 192 -5.47 11.55 -20.34
C VAL A 192 -4.62 12.82 -20.40
N THR A 193 -5.27 13.98 -20.52
CA THR A 193 -4.57 15.25 -20.50
C THR A 193 -3.69 15.38 -19.27
N GLY A 194 -4.18 14.94 -18.12
CA GLY A 194 -3.39 15.04 -16.90
C GLY A 194 -2.23 14.07 -16.83
N LEU A 195 -2.26 13.01 -17.64
CA LEU A 195 -1.23 11.98 -17.66
C LEU A 195 -0.24 12.16 -18.80
N SER A 196 -0.66 11.96 -20.06
CA SER A 196 0.28 12.08 -21.18
C SER A 196 0.29 13.46 -21.81
N GLY A 197 -0.77 14.25 -21.66
CA GLY A 197 -0.74 15.61 -22.16
C GLY A 197 0.22 16.48 -21.38
N SER A 198 0.12 16.44 -20.06
CA SER A 198 1.03 17.18 -19.18
C SER A 198 2.30 16.41 -18.87
N GLY A 199 2.31 15.10 -19.12
CA GLY A 199 3.41 14.21 -18.80
C GLY A 199 4.81 14.67 -19.17
N PRO A 200 5.00 15.11 -20.41
CA PRO A 200 6.34 15.58 -20.80
C PRO A 200 6.89 16.67 -19.89
N ALA A 201 6.04 17.58 -19.38
CA ALA A 201 6.55 18.60 -18.47
C ALA A 201 7.03 17.99 -17.16
N TYR A 202 6.30 16.99 -16.65
CA TYR A 202 6.77 16.26 -15.47
C TYR A 202 8.15 15.67 -15.74
N ALA A 203 8.33 15.11 -16.93
CA ALA A 203 9.59 14.48 -17.29
C ALA A 203 10.71 15.50 -17.46
N PHE A 204 10.41 16.68 -18.03
CA PHE A 204 11.45 17.69 -18.15
C PHE A 204 11.89 18.19 -16.78
N THR A 205 10.93 18.33 -15.85
CA THR A 205 11.28 18.68 -14.46
C THR A 205 12.15 17.60 -13.84
N ALA A 206 11.75 16.34 -14.00
CA ALA A 206 12.50 15.24 -13.41
C ALA A 206 13.92 15.18 -13.97
N LEU A 207 14.07 15.42 -15.28
CA LEU A 207 15.38 15.32 -15.92
C LEU A 207 16.30 16.47 -15.50
N ASP A 208 15.74 17.69 -15.36
CA ASP A 208 16.52 18.81 -14.85
C ASP A 208 17.03 18.51 -13.45
N ALA A 209 16.16 17.95 -12.60
CA ALA A 209 16.53 17.66 -11.21
C ALA A 209 17.51 16.50 -11.13
N LEU A 210 17.29 15.45 -11.92
CA LEU A 210 18.23 14.34 -11.96
C LEU A 210 19.61 14.82 -12.37
N ALA A 211 19.66 15.75 -13.33
CA ALA A 211 20.94 16.32 -13.75
C ALA A 211 21.58 17.15 -12.63
N ASP A 212 20.80 17.95 -11.90
CA ASP A 212 21.35 18.66 -10.74
C ASP A 212 21.94 17.67 -9.74
N GLY A 213 21.26 16.53 -9.55
CA GLY A 213 21.80 15.49 -8.68
C GLY A 213 23.13 14.96 -9.17
N GLY A 214 23.21 14.65 -10.47
CA GLY A 214 24.49 14.24 -11.04
C GLY A 214 25.57 15.29 -10.89
N VAL A 215 25.22 16.56 -11.14
CA VAL A 215 26.20 17.64 -10.97
C VAL A 215 26.64 17.74 -9.51
N LYS A 216 25.71 17.58 -8.57
CA LYS A 216 26.09 17.66 -7.15
C LYS A 216 27.13 16.61 -6.83
N MET A 217 27.00 15.42 -7.40
CA MET A 217 27.91 14.32 -7.13
C MET A 217 29.15 14.34 -8.02
N GLY A 218 29.34 15.39 -8.82
CA GLY A 218 30.60 15.64 -9.50
C GLY A 218 30.61 15.48 -11.01
N LEU A 219 29.45 15.19 -11.64
CA LEU A 219 29.41 15.03 -13.08
C LEU A 219 29.31 16.38 -13.80
N PRO A 220 29.93 16.50 -14.98
CA PRO A 220 29.67 17.68 -15.81
C PRO A 220 28.19 17.73 -16.18
N ARG A 221 27.68 18.96 -16.34
CA ARG A 221 26.25 19.14 -16.60
CA ARG A 221 26.25 19.13 -16.59
C ARG A 221 25.81 18.44 -17.88
N ARG A 222 26.58 18.60 -18.96
CA ARG A 222 26.16 18.04 -20.25
C ARG A 222 26.03 16.52 -20.16
N LEU A 223 27.00 15.86 -19.51
CA LEU A 223 26.97 14.42 -19.38
C LEU A 223 25.84 13.97 -18.46
N ALA A 224 25.54 14.76 -17.43
CA ALA A 224 24.47 14.37 -16.50
C ALA A 224 23.11 14.43 -17.19
N VAL A 225 22.88 15.44 -18.03
CA VAL A 225 21.60 15.54 -18.76
C VAL A 225 21.45 14.37 -19.73
N ARG A 226 22.53 14.04 -20.44
CA ARG A 226 22.51 12.93 -21.40
C ARG A 226 22.23 11.61 -20.70
N LEU A 227 22.92 11.35 -19.59
CA LEU A 227 22.73 10.09 -18.88
C LEU A 227 21.33 9.99 -18.28
N GLY A 228 20.85 11.07 -17.64
CA GLY A 228 19.52 11.02 -17.06
C GLY A 228 18.45 10.79 -18.13
N ALA A 229 18.57 11.52 -19.25
CA ALA A 229 17.61 11.37 -20.35
C ALA A 229 17.68 9.98 -20.96
N GLN A 230 18.88 9.43 -21.14
CA GLN A 230 18.98 8.07 -21.68
C GLN A 230 18.40 7.06 -20.70
N ALA A 231 18.60 7.28 -19.40
CA ALA A 231 18.06 6.36 -18.40
C ALA A 231 16.53 6.34 -18.41
N LEU A 232 15.92 7.51 -18.60
CA LEU A 232 14.46 7.58 -18.61
C LEU A 232 13.88 6.96 -19.87
N LEU A 233 14.47 7.27 -21.03
CA LEU A 233 14.05 6.68 -22.30
C LEU A 233 14.18 5.16 -22.27
N GLY A 234 15.32 4.67 -21.78
CA GLY A 234 15.53 3.23 -21.75
C GLY A 234 14.55 2.51 -20.84
N ALA A 235 14.31 3.05 -19.65
CA ALA A 235 13.36 2.42 -18.74
C ALA A 235 11.95 2.42 -19.34
N ALA A 236 11.57 3.52 -19.98
CA ALA A 236 10.23 3.58 -20.55
C ALA A 236 10.08 2.60 -21.71
N LYS A 237 11.11 2.48 -22.55
CA LYS A 237 11.08 1.50 -23.62
C LYS A 237 11.04 0.08 -23.07
N MET A 238 11.82 -0.20 -22.01
CA MET A 238 11.75 -1.50 -21.35
C MET A 238 10.32 -1.82 -20.93
N LEU A 239 9.67 -0.90 -20.23
CA LEU A 239 8.31 -1.14 -19.76
C LEU A 239 7.36 -1.40 -20.92
N LEU A 240 7.42 -0.56 -21.95
CA LEU A 240 6.54 -0.73 -23.11
C LEU A 240 6.76 -2.08 -23.80
N HIS A 241 7.98 -2.60 -23.79
CA HIS A 241 8.29 -3.86 -24.43
C HIS A 241 8.21 -5.06 -23.49
N SER A 242 7.75 -4.86 -22.27
CA SER A 242 7.73 -5.91 -21.26
C SER A 242 6.31 -6.35 -20.96
N GLU A 243 6.18 -7.62 -20.55
CA GLU A 243 4.93 -8.14 -20.02
C GLU A 243 4.92 -8.17 -18.51
N GLN A 244 5.78 -7.38 -17.87
CA GLN A 244 5.93 -7.42 -16.42
C GLN A 244 5.52 -6.08 -15.82
N HIS A 245 5.12 -6.15 -14.56
CA HIS A 245 4.72 -4.96 -13.83
C HIS A 245 5.93 -4.05 -13.59
N PRO A 246 5.73 -2.73 -13.59
CA PRO A 246 6.85 -1.82 -13.28
C PRO A 246 7.51 -2.12 -11.94
N GLY A 247 6.76 -2.60 -10.94
CA GLY A 247 7.39 -3.00 -9.70
C GLY A 247 8.34 -4.18 -9.87
N GLN A 248 8.03 -5.09 -10.80
CA GLN A 248 8.93 -6.19 -11.07
C GLN A 248 10.21 -5.70 -11.74
N LEU A 249 10.09 -4.80 -12.71
CA LEU A 249 11.27 -4.25 -13.35
C LEU A 249 12.10 -3.45 -12.34
N LYS A 250 11.42 -2.73 -11.45
CA LYS A 250 12.10 -2.06 -10.36
C LYS A 250 12.88 -3.05 -9.50
N ASP A 251 12.26 -4.19 -9.20
CA ASP A 251 12.94 -5.19 -8.37
C ASP A 251 14.22 -5.70 -9.02
N ASN A 252 14.24 -5.83 -10.35
CA ASN A 252 15.42 -6.33 -11.04
C ASN A 252 16.58 -5.36 -11.02
N VAL A 253 16.31 -4.06 -10.82
CA VAL A 253 17.40 -3.10 -10.71
C VAL A 253 18.00 -3.11 -9.30
N SER A 254 17.22 -3.42 -8.27
CA SER A 254 17.61 -3.17 -6.89
C SER A 254 18.27 -4.42 -6.30
N SER A 255 19.60 -4.47 -6.33
CA SER A 255 20.30 -5.58 -5.67
C SER A 255 20.19 -5.42 -4.15
N PRO A 256 20.08 -6.53 -3.41
CA PRO A 256 19.96 -6.44 -1.96
C PRO A 256 21.08 -5.62 -1.34
N GLY A 257 20.70 -4.67 -0.48
CA GLY A 257 21.64 -3.83 0.23
C GLY A 257 22.31 -2.76 -0.60
N GLY A 258 21.95 -2.66 -1.88
CA GLY A 258 22.74 -1.92 -2.84
C GLY A 258 22.37 -0.45 -2.95
N ALA A 259 22.98 0.20 -3.94
CA ALA A 259 22.83 1.64 -4.07
C ALA A 259 21.40 2.00 -4.47
N THR A 260 20.84 1.25 -5.41
CA THR A 260 19.50 1.55 -5.95
C THR A 260 18.44 1.51 -4.86
N ILE A 261 18.42 0.45 -4.05
CA ILE A 261 17.37 0.37 -3.02
C ILE A 261 17.57 1.45 -1.96
N HIS A 262 18.81 1.88 -1.71
CA HIS A 262 19.00 3.02 -0.82
C HIS A 262 18.40 4.29 -1.41
N ALA A 263 18.59 4.51 -2.72
CA ALA A 263 18.01 5.69 -3.36
C ALA A 263 16.49 5.58 -3.42
N LEU A 264 15.97 4.37 -3.64
CA LEU A 264 14.51 4.21 -3.67
C LEU A 264 13.89 4.58 -2.33
N HIS A 265 14.57 4.26 -1.23
CA HIS A 265 14.04 4.59 0.10
C HIS A 265 13.89 6.10 0.30
N VAL A 266 14.87 6.90 -0.13
CA VAL A 266 14.74 8.33 0.09
C VAL A 266 13.65 8.92 -0.81
N LEU A 267 13.43 8.35 -2.00
CA LEU A 267 12.23 8.73 -2.76
C LEU A 267 10.97 8.46 -1.96
N GLU A 268 10.86 7.26 -1.40
CA GLU A 268 9.67 6.88 -0.65
C GLU A 268 9.48 7.79 0.57
N SER A 269 10.58 8.17 1.23
CA SER A 269 10.47 8.99 2.42
C SER A 269 9.89 10.37 2.09
N GLY A 270 10.10 10.85 0.87
CA GLY A 270 9.50 12.11 0.47
C GLY A 270 8.13 12.00 -0.18
N GLY A 271 7.53 10.81 -0.22
CA GLY A 271 6.22 10.70 -0.84
C GLY A 271 6.25 10.90 -2.33
N PHE A 272 7.39 10.59 -2.96
CA PHE A 272 7.58 10.73 -4.41
C PHE A 272 6.40 10.21 -5.22
N ARG A 273 5.89 9.03 -4.89
CA ARG A 273 4.76 8.46 -5.63
C ARG A 273 3.54 9.36 -5.52
N SER A 274 3.22 9.81 -4.31
CA SER A 274 2.05 10.67 -4.11
C SER A 274 2.14 11.97 -4.89
N LEU A 275 3.34 12.51 -5.08
CA LEU A 275 3.50 13.76 -5.81
C LEU A 275 3.04 13.62 -7.26
N LEU A 276 3.36 12.49 -7.89
CA LEU A 276 3.00 12.30 -9.29
C LEU A 276 1.51 12.02 -9.43
N ILE A 277 0.93 11.29 -8.48
CA ILE A 277 -0.53 11.16 -8.42
C ILE A 277 -1.17 12.53 -8.25
N ASN A 278 -0.65 13.34 -7.32
CA ASN A 278 -1.12 14.71 -7.13
C ASN A 278 -1.10 15.47 -8.45
N ALA A 279 -0.05 15.30 -9.22
CA ALA A 279 0.13 16.06 -10.46
C ALA A 279 -0.92 15.67 -11.50
N VAL A 280 -1.11 14.36 -11.74
CA VAL A 280 -2.13 13.92 -12.71
C VAL A 280 -3.50 14.42 -12.29
N GLU A 281 -3.81 14.29 -11.00
CA GLU A 281 -5.06 14.79 -10.47
C GLU A 281 -5.22 16.29 -10.71
N ALA A 282 -4.22 17.08 -10.33
CA ALA A 282 -4.35 18.53 -10.42
C ALA A 282 -4.51 18.98 -11.87
N SER A 283 -3.75 18.36 -12.78
CA SER A 283 -3.90 18.71 -14.20
C SER A 283 -5.30 18.37 -14.69
N CYS A 284 -5.80 17.17 -14.38
CA CYS A 284 -7.14 16.76 -14.81
C CYS A 284 -8.21 17.67 -14.22
N ILE A 285 -8.10 18.01 -12.93
CA ILE A 285 -9.10 18.89 -12.31
C ILE A 285 -9.10 20.26 -12.96
N ARG A 286 -7.90 20.81 -13.23
CA ARG A 286 -7.84 22.12 -13.88
C ARG A 286 -8.45 22.09 -15.27
N THR A 287 -8.18 21.01 -16.02
CA THR A 287 -8.77 20.85 -17.34
C THR A 287 -10.29 20.92 -17.27
N ARG A 288 -10.89 20.22 -16.30
CA ARG A 288 -12.35 20.28 -16.11
C ARG A 288 -12.80 21.69 -15.74
N GLU A 289 -12.03 22.39 -14.90
CA GLU A 289 -12.38 23.75 -14.49
C GLU A 289 -12.38 24.71 -15.67
N LEU A 290 -11.33 24.63 -16.50
CA LEU A 290 -11.25 25.52 -17.66
C LEU A 290 -12.44 25.33 -18.59
N GLN A 291 -12.95 24.11 -18.70
CA GLN A 291 -14.09 23.88 -19.57
C GLN A 291 -15.38 24.35 -18.91
N SER A 292 -15.50 24.19 -17.58
CA SER A 292 -16.63 24.76 -16.88
C SER A 292 -16.66 26.28 -17.00
N MET A 293 -15.48 26.91 -16.97
CA MET A 293 -15.41 28.34 -17.25
C MET A 293 -15.84 28.65 -18.68
N ALA A 294 -15.45 27.79 -19.63
CA ALA A 294 -15.84 27.99 -21.03
C ALA A 294 -17.36 27.87 -21.19
N ASP A 295 -17.96 26.85 -20.57
CA ASP A 295 -19.40 26.62 -20.75
C ASP A 295 -20.24 27.69 -20.08
N GLN A 296 -19.72 28.33 -19.04
CA GLN A 296 -20.46 29.35 -18.30
C GLN A 296 -20.70 30.61 -19.12
N PHE B 20 34.33 -7.97 -35.43
CA PHE B 20 34.50 -8.76 -34.22
C PHE B 20 33.41 -9.82 -34.04
N GLN B 21 32.91 -10.33 -35.17
CA GLN B 21 31.91 -11.41 -35.16
C GLN B 21 32.55 -12.79 -34.99
N SER B 22 33.81 -12.85 -34.60
CA SER B 22 34.47 -14.08 -34.22
C SER B 22 34.90 -14.07 -32.76
N MET B 23 34.58 -13.03 -32.02
CA MET B 23 35.03 -12.86 -30.64
C MET B 23 34.12 -13.61 -29.68
N SER B 24 34.73 -14.25 -28.68
CA SER B 24 34.01 -14.95 -27.62
C SER B 24 33.84 -14.03 -26.43
N VAL B 25 32.62 -13.96 -25.91
CA VAL B 25 32.29 -13.15 -24.75
C VAL B 25 31.84 -14.07 -23.63
N GLY B 26 32.32 -13.80 -22.42
CA GLY B 26 31.96 -14.61 -21.27
C GLY B 26 31.46 -13.74 -20.14
N PHE B 27 30.52 -14.31 -19.38
CA PHE B 27 29.97 -13.66 -18.21
C PHE B 27 30.24 -14.53 -16.98
N ILE B 28 30.91 -13.94 -15.99
CA ILE B 28 30.97 -14.53 -14.66
C ILE B 28 29.83 -13.90 -13.87
N GLY B 29 28.85 -14.73 -13.49
CA GLY B 29 27.55 -14.24 -13.08
C GLY B 29 26.56 -14.47 -14.19
N ALA B 30 25.37 -14.97 -13.85
CA ALA B 30 24.30 -15.20 -14.80
C ALA B 30 23.01 -14.58 -14.30
N GLY B 31 23.11 -13.39 -13.72
CA GLY B 31 21.96 -12.69 -13.17
C GLY B 31 21.36 -11.72 -14.14
N GLN B 32 20.71 -10.68 -13.59
CA GLN B 32 19.95 -9.74 -14.41
C GLN B 32 20.84 -9.01 -15.41
N LEU B 33 22.07 -8.66 -15.01
CA LEU B 33 22.93 -7.88 -15.90
C LEU B 33 23.53 -8.73 -17.00
N ALA B 34 23.92 -9.96 -16.69
CA ALA B 34 24.39 -10.87 -17.72
C ALA B 34 23.29 -11.15 -18.74
N PHE B 35 22.08 -11.37 -18.26
CA PHE B 35 20.99 -11.66 -19.18
C PHE B 35 20.68 -10.44 -20.05
N ALA B 36 20.63 -9.25 -19.45
CA ALA B 36 20.30 -8.06 -20.23
C ALA B 36 21.38 -7.75 -21.26
N LEU B 37 22.66 -7.85 -20.87
CA LEU B 37 23.71 -7.66 -21.85
C LEU B 37 23.68 -8.74 -22.92
N ALA B 38 23.48 -10.00 -22.53
CA ALA B 38 23.45 -11.08 -23.52
C ALA B 38 22.26 -10.94 -24.46
N LYS B 39 21.11 -10.51 -23.94
CA LYS B 39 19.95 -10.29 -24.80
C LYS B 39 20.20 -9.10 -25.73
N GLY B 40 20.70 -7.99 -25.19
CA GLY B 40 20.98 -6.85 -26.03
C GLY B 40 21.98 -7.14 -27.12
N PHE B 41 23.09 -7.82 -26.76
CA PHE B 41 24.14 -8.12 -27.73
C PHE B 41 23.64 -9.00 -28.85
N THR B 42 22.84 -10.02 -28.53
CA THR B 42 22.32 -10.87 -29.59
C THR B 42 21.19 -10.19 -30.35
N ALA B 43 20.39 -9.36 -29.68
CA ALA B 43 19.37 -8.60 -30.39
C ALA B 43 20.00 -7.62 -31.38
N ALA B 44 21.09 -6.97 -30.97
CA ALA B 44 21.86 -6.14 -31.89
C ALA B 44 22.52 -6.96 -32.99
N GLY B 45 22.59 -8.27 -32.82
CA GLY B 45 23.26 -9.11 -33.80
C GLY B 45 24.74 -8.86 -33.91
N VAL B 46 25.38 -8.38 -32.84
CA VAL B 46 26.83 -8.23 -32.86
C VAL B 46 27.54 -9.47 -32.32
N LEU B 47 26.85 -10.31 -31.56
CA LEU B 47 27.37 -11.58 -31.08
C LEU B 47 26.35 -12.69 -31.30
N ALA B 48 26.84 -13.86 -31.68
CA ALA B 48 25.99 -15.04 -31.70
C ALA B 48 25.85 -15.60 -30.29
N ALA B 49 24.63 -16.06 -29.97
CA ALA B 49 24.33 -16.51 -28.62
C ALA B 49 25.21 -17.69 -28.22
N HIS B 50 25.52 -18.59 -29.16
CA HIS B 50 26.36 -19.74 -28.83
C HIS B 50 27.81 -19.33 -28.60
N LYS B 51 28.20 -18.12 -29.01
CA LYS B 51 29.52 -17.59 -28.72
C LYS B 51 29.59 -16.95 -27.33
N ILE B 52 28.54 -17.12 -26.53
CA ILE B 52 28.45 -16.53 -25.20
C ILE B 52 28.39 -17.66 -24.18
N MET B 53 29.19 -17.55 -23.13
CA MET B 53 29.17 -18.48 -22.01
C MET B 53 28.94 -17.70 -20.72
N ALA B 54 28.16 -18.28 -19.82
CA ALA B 54 27.87 -17.67 -18.53
C ALA B 54 28.01 -18.73 -17.44
N SER B 55 28.52 -18.31 -16.29
CA SER B 55 28.71 -19.22 -15.17
C SER B 55 28.10 -18.61 -13.91
N SER B 56 27.39 -19.45 -13.15
CA SER B 56 26.73 -19.02 -11.93
C SER B 56 26.79 -20.14 -10.90
N PRO B 57 26.97 -19.80 -9.62
CA PRO B 57 26.90 -20.83 -8.58
C PRO B 57 25.49 -21.34 -8.31
N ASP B 58 24.46 -20.55 -8.62
CA ASP B 58 23.07 -20.94 -8.44
C ASP B 58 22.42 -21.07 -9.82
N MET B 59 22.06 -22.29 -10.19
CA MET B 59 21.52 -22.58 -11.51
C MET B 59 19.99 -22.55 -11.56
N ASP B 60 19.32 -22.45 -10.42
CA ASP B 60 17.86 -22.44 -10.36
C ASP B 60 17.28 -21.03 -10.54
N LEU B 61 18.08 -20.09 -11.06
CA LEU B 61 17.61 -18.74 -11.27
C LEU B 61 16.82 -18.64 -12.57
N ALA B 62 15.83 -17.74 -12.57
CA ALA B 62 15.03 -17.54 -13.78
C ALA B 62 15.89 -17.05 -14.93
N THR B 63 16.83 -16.13 -14.65
CA THR B 63 17.70 -15.62 -15.69
C THR B 63 18.56 -16.72 -16.30
N VAL B 64 18.84 -17.78 -15.52
CA VAL B 64 19.63 -18.89 -16.03
C VAL B 64 18.84 -19.68 -17.06
N SER B 65 17.57 -19.98 -16.76
CA SER B 65 16.73 -20.67 -17.73
C SER B 65 16.50 -19.82 -18.97
N ALA B 66 16.42 -18.50 -18.81
CA ALA B 66 16.32 -17.62 -19.97
C ALA B 66 17.56 -17.72 -20.86
N LEU B 67 18.75 -17.56 -20.26
CA LEU B 67 19.98 -17.68 -21.02
C LEU B 67 20.06 -19.03 -21.73
N ARG B 68 19.56 -20.08 -21.07
CA ARG B 68 19.61 -21.41 -21.66
C ARG B 68 18.78 -21.48 -22.94
N LYS B 69 17.63 -20.82 -22.95
CA LYS B 69 16.77 -20.88 -24.13
C LYS B 69 17.29 -20.01 -25.27
N MET B 70 17.98 -18.91 -24.94
CA MET B 70 18.61 -18.07 -25.95
C MET B 70 19.68 -18.81 -26.74
N GLY B 71 20.25 -19.88 -26.17
CA GLY B 71 21.37 -20.55 -26.77
C GLY B 71 22.71 -20.22 -26.16
N VAL B 72 22.72 -19.49 -25.05
CA VAL B 72 23.97 -19.18 -24.35
C VAL B 72 24.45 -20.43 -23.63
N LYS B 73 25.75 -20.71 -23.72
CA LYS B 73 26.32 -21.85 -23.03
C LYS B 73 26.42 -21.55 -21.54
N LEU B 74 25.92 -22.46 -20.72
CA LEU B 74 25.93 -22.30 -19.27
C LEU B 74 26.85 -23.34 -18.65
N THR B 75 27.50 -22.95 -17.55
CA THR B 75 28.42 -23.83 -16.85
C THR B 75 28.46 -23.42 -15.39
N PRO B 76 28.71 -24.36 -14.47
CA PRO B 76 28.88 -23.99 -13.07
C PRO B 76 30.29 -23.58 -12.68
N HIS B 77 31.26 -23.68 -13.59
CA HIS B 77 32.66 -23.48 -13.29
C HIS B 77 33.16 -22.19 -13.95
N ASN B 78 33.65 -21.27 -13.13
CA ASN B 78 34.17 -20.02 -13.67
C ASN B 78 35.40 -20.23 -14.54
N LYS B 79 36.19 -21.28 -14.26
CA LYS B 79 37.40 -21.54 -15.04
C LYS B 79 37.08 -21.76 -16.52
N GLU B 80 36.01 -22.50 -16.81
CA GLU B 80 35.63 -22.77 -18.21
C GLU B 80 35.20 -21.49 -18.92
N THR B 81 34.46 -20.62 -18.23
CA THR B 81 34.10 -19.33 -18.81
C THR B 81 35.36 -18.54 -19.19
N VAL B 82 36.40 -18.60 -18.37
CA VAL B 82 37.63 -17.86 -18.66
C VAL B 82 38.32 -18.44 -19.89
N GLN B 83 38.47 -19.78 -19.93
CA GLN B 83 39.12 -20.42 -21.07
C GLN B 83 38.31 -20.24 -22.36
N HIS B 84 37.00 -20.07 -22.23
CA HIS B 84 36.14 -19.86 -23.39
C HIS B 84 36.27 -18.46 -23.97
N SER B 85 36.51 -17.46 -23.14
CA SER B 85 36.21 -16.08 -23.50
C SER B 85 37.44 -15.30 -23.93
N ASP B 86 37.19 -14.28 -24.77
CA ASP B 86 38.15 -13.22 -25.06
C ASP B 86 37.87 -11.98 -24.23
N VAL B 87 36.63 -11.49 -24.27
CA VAL B 87 36.16 -10.44 -23.37
C VAL B 87 35.42 -11.11 -22.25
N LEU B 88 35.74 -10.74 -21.01
CA LEU B 88 35.21 -11.39 -19.82
C LEU B 88 34.53 -10.35 -18.94
N PHE B 89 33.20 -10.37 -18.89
CA PHE B 89 32.45 -9.49 -18.01
C PHE B 89 32.33 -10.11 -16.63
N LEU B 90 32.59 -9.30 -15.60
CA LEU B 90 32.38 -9.72 -14.22
C LEU B 90 31.06 -9.13 -13.76
N ALA B 91 30.01 -9.94 -13.80
CA ALA B 91 28.65 -9.49 -13.52
C ALA B 91 28.13 -10.16 -12.26
N VAL B 92 28.94 -10.15 -11.22
CA VAL B 92 28.56 -10.68 -9.93
C VAL B 92 28.38 -9.51 -8.97
N LYS B 93 27.84 -9.81 -7.79
CA LYS B 93 27.67 -8.76 -6.79
C LYS B 93 29.02 -8.17 -6.42
N PRO B 94 29.07 -6.89 -6.04
CA PRO B 94 30.36 -6.24 -5.77
C PRO B 94 31.25 -6.98 -4.78
N HIS B 95 30.69 -7.49 -3.68
CA HIS B 95 31.54 -8.11 -2.67
C HIS B 95 32.05 -9.49 -3.07
N ILE B 96 31.54 -10.07 -4.17
CA ILE B 96 32.05 -11.35 -4.63
C ILE B 96 33.31 -11.18 -5.49
N ILE B 97 33.56 -9.98 -6.02
CA ILE B 97 34.64 -9.78 -6.99
C ILE B 97 36.00 -10.29 -6.48
N PRO B 98 36.47 -9.92 -5.28
CA PRO B 98 37.78 -10.45 -4.85
C PRO B 98 37.83 -11.96 -4.78
N PHE B 99 36.71 -12.62 -4.44
CA PHE B 99 36.69 -14.07 -4.44
C PHE B 99 36.86 -14.63 -5.84
N ILE B 100 36.26 -13.98 -6.83
CA ILE B 100 36.40 -14.43 -8.21
C ILE B 100 37.83 -14.23 -8.69
N LEU B 101 38.40 -13.05 -8.42
CA LEU B 101 39.74 -12.75 -8.92
C LEU B 101 40.77 -13.74 -8.37
N ASP B 102 40.60 -14.19 -7.12
CA ASP B 102 41.51 -15.20 -6.60
C ASP B 102 41.32 -16.53 -7.30
N GLU B 103 40.08 -16.86 -7.69
CA GLU B 103 39.78 -18.17 -8.26
C GLU B 103 40.35 -18.31 -9.66
N ILE B 104 40.15 -17.31 -10.52
CA ILE B 104 40.47 -17.44 -11.94
C ILE B 104 41.67 -16.59 -12.33
N GLY B 105 42.34 -15.96 -11.37
CA GLY B 105 43.45 -15.07 -11.70
C GLY B 105 44.57 -15.79 -12.41
N ALA B 106 44.90 -17.01 -11.96
CA ALA B 106 45.94 -17.78 -12.62
C ALA B 106 45.54 -18.24 -14.02
N ASP B 107 44.26 -18.11 -14.38
CA ASP B 107 43.78 -18.53 -15.69
C ASP B 107 43.69 -17.38 -16.68
N ILE B 108 43.84 -16.14 -16.22
CA ILE B 108 43.88 -15.00 -17.13
C ILE B 108 45.06 -15.14 -18.06
N GLU B 109 44.83 -14.95 -19.35
CA GLU B 109 45.85 -15.02 -20.37
C GLU B 109 46.03 -13.64 -21.01
N ASP B 110 47.04 -13.55 -21.88
CA ASP B 110 47.34 -12.27 -22.53
C ASP B 110 46.18 -11.75 -23.36
N ARG B 111 45.41 -12.66 -23.97
CA ARG B 111 44.33 -12.24 -24.85
C ARG B 111 43.16 -11.59 -24.10
N HIS B 112 43.08 -11.76 -22.79
CA HIS B 112 41.87 -11.40 -22.04
C HIS B 112 41.76 -9.89 -21.81
N ILE B 113 40.55 -9.37 -22.02
CA ILE B 113 40.12 -8.09 -21.48
C ILE B 113 39.09 -8.37 -20.39
N VAL B 114 39.36 -7.92 -19.17
CA VAL B 114 38.46 -8.13 -18.04
C VAL B 114 37.63 -6.87 -17.87
N VAL B 115 36.32 -7.01 -18.00
CA VAL B 115 35.40 -5.88 -17.86
C VAL B 115 34.59 -6.11 -16.59
N SER B 116 34.88 -5.31 -15.57
CA SER B 116 34.12 -5.36 -14.33
C SER B 116 32.88 -4.49 -14.47
N CYS B 117 31.72 -5.06 -14.19
CA CYS B 117 30.47 -4.31 -14.13
C CYS B 117 30.01 -4.07 -12.69
N ALA B 118 30.80 -4.48 -11.70
CA ALA B 118 30.40 -4.35 -10.31
C ALA B 118 30.37 -2.89 -9.88
N ALA B 119 29.31 -2.51 -9.19
CA ALA B 119 29.21 -1.16 -8.63
C ALA B 119 30.32 -0.92 -7.61
N GLY B 120 31.00 0.21 -7.74
CA GLY B 120 31.95 0.68 -6.75
C GLY B 120 33.34 0.08 -6.82
N VAL B 121 33.49 -1.14 -7.35
CA VAL B 121 34.78 -1.82 -7.32
C VAL B 121 35.77 -1.12 -8.24
N THR B 122 36.93 -0.77 -7.71
CA THR B 122 37.88 0.09 -8.41
C THR B 122 38.79 -0.71 -9.33
N ILE B 123 39.26 -0.03 -10.39
CA ILE B 123 40.22 -0.66 -11.30
C ILE B 123 41.47 -1.09 -10.55
N SER B 124 41.97 -0.26 -9.63
CA SER B 124 43.20 -0.61 -8.92
C SER B 124 43.02 -1.83 -8.03
N SER B 125 41.84 -2.00 -7.43
CA SER B 125 41.59 -3.21 -6.63
C SER B 125 41.60 -4.45 -7.50
N ILE B 126 41.06 -4.35 -8.71
CA ILE B 126 41.06 -5.49 -9.63
C ILE B 126 42.47 -5.77 -10.14
N GLU B 127 43.16 -4.73 -10.59
CA GLU B 127 44.51 -4.92 -11.14
C GLU B 127 45.47 -5.46 -10.09
N LYS B 128 45.29 -5.07 -8.83
CA LYS B 128 46.18 -5.57 -7.78
C LYS B 128 46.04 -7.08 -7.63
N LYS B 129 44.80 -7.56 -7.53
CA LYS B 129 44.56 -8.99 -7.39
C LYS B 129 45.05 -9.76 -8.60
N LEU B 130 44.79 -9.25 -9.81
CA LEU B 130 45.18 -10.00 -11.01
C LEU B 130 46.69 -9.93 -11.25
N SER B 131 47.33 -8.82 -10.91
CA SER B 131 48.77 -8.67 -11.16
C SER B 131 49.59 -9.65 -10.32
N ALA B 132 49.05 -10.12 -9.20
CA ALA B 132 49.71 -11.14 -8.41
C ALA B 132 49.98 -12.40 -9.23
N PHE B 133 49.15 -12.68 -10.24
CA PHE B 133 49.26 -13.91 -11.03
C PHE B 133 50.07 -13.73 -12.30
N ARG B 134 49.81 -12.67 -13.06
CA ARG B 134 50.51 -12.40 -14.30
C ARG B 134 50.47 -10.89 -14.52
N PRO B 135 51.56 -10.28 -14.98
CA PRO B 135 51.59 -8.81 -15.06
C PRO B 135 50.71 -8.28 -16.18
N ALA B 136 50.51 -6.97 -16.14
CA ALA B 136 49.79 -6.22 -17.15
C ALA B 136 48.40 -6.77 -17.50
N PRO B 137 47.57 -7.08 -16.50
CA PRO B 137 46.19 -7.46 -16.81
C PRO B 137 45.46 -6.30 -17.47
N ARG B 138 44.64 -6.62 -18.46
CA ARG B 138 43.89 -5.63 -19.24
C ARG B 138 42.50 -5.49 -18.63
N VAL B 139 42.26 -4.37 -17.95
CA VAL B 139 41.08 -4.20 -17.12
C VAL B 139 40.32 -2.98 -17.60
N ILE B 140 39.01 -3.12 -17.70
CA ILE B 140 38.09 -2.02 -17.97
C ILE B 140 36.99 -2.09 -16.93
N ARG B 141 36.62 -0.95 -16.38
CA ARG B 141 35.50 -0.85 -15.45
C ARG B 141 34.38 -0.11 -16.16
N CYS B 142 33.16 -0.64 -16.05
CA CYS B 142 32.03 0.01 -16.68
C CYS B 142 30.86 0.05 -15.73
N MET B 143 29.92 0.94 -16.02
CA MET B 143 28.63 0.99 -15.36
C MET B 143 27.58 1.10 -16.44
N THR B 144 26.71 0.11 -16.51
CA THR B 144 25.65 0.10 -17.51
C THR B 144 24.33 -0.05 -16.76
N ASN B 145 23.25 -0.39 -17.48
CA ASN B 145 21.95 -0.51 -16.83
C ASN B 145 21.07 -1.48 -17.62
N THR B 146 19.97 -1.88 -16.99
CA THR B 146 19.13 -2.92 -17.59
C THR B 146 18.56 -2.57 -18.97
N PRO B 147 18.27 -1.33 -19.34
CA PRO B 147 17.68 -1.08 -20.67
C PRO B 147 18.56 -1.48 -21.85
N VAL B 148 19.78 -1.98 -21.63
CA VAL B 148 20.49 -2.62 -22.73
C VAL B 148 19.68 -3.78 -23.30
N VAL B 149 18.72 -4.32 -22.54
CA VAL B 149 17.92 -5.41 -23.07
C VAL B 149 17.06 -4.94 -24.25
N VAL B 150 16.71 -3.65 -24.32
CA VAL B 150 16.00 -3.09 -25.47
C VAL B 150 16.91 -2.17 -26.28
N ARG B 151 18.23 -2.32 -26.10
CA ARG B 151 19.26 -1.60 -26.85
C ARG B 151 19.22 -0.09 -26.59
N GLU B 152 18.75 0.32 -25.42
CA GLU B 152 18.73 1.72 -25.06
C GLU B 152 19.37 1.93 -23.70
N GLY B 153 20.42 1.18 -23.41
CA GLY B 153 21.09 1.35 -22.15
C GLY B 153 21.89 2.64 -22.10
N ALA B 154 22.48 2.89 -20.94
CA ALA B 154 23.40 4.01 -20.75
C ALA B 154 24.64 3.44 -20.11
N THR B 155 25.76 3.47 -20.82
CA THR B 155 26.99 2.84 -20.38
C THR B 155 28.11 3.87 -20.36
N VAL B 156 28.88 3.89 -19.27
CA VAL B 156 30.16 4.60 -19.23
C VAL B 156 31.23 3.58 -18.87
N TYR B 157 32.45 3.83 -19.29
CA TYR B 157 33.54 2.94 -18.94
C TYR B 157 34.81 3.76 -18.68
N ALA B 158 35.73 3.16 -17.93
CA ALA B 158 37.04 3.75 -17.69
C ALA B 158 38.09 2.68 -17.97
N THR B 159 39.18 3.08 -18.59
CA THR B 159 40.22 2.15 -19.00
C THR B 159 41.30 2.04 -17.93
N GLY B 160 41.72 0.81 -17.65
CA GLY B 160 42.76 0.56 -16.67
C GLY B 160 44.15 0.80 -17.23
N THR B 161 45.14 0.46 -16.39
CA THR B 161 46.52 0.84 -16.66
C THR B 161 47.04 0.25 -17.97
N HIS B 162 46.74 -1.02 -18.22
CA HIS B 162 47.27 -1.73 -19.38
C HIS B 162 46.21 -1.96 -20.44
N ALA B 163 45.04 -1.36 -20.29
CA ALA B 163 43.97 -1.45 -21.27
C ALA B 163 44.35 -0.57 -22.45
N GLN B 164 44.89 -1.20 -23.48
CA GLN B 164 45.35 -0.49 -24.67
C GLN B 164 44.23 0.37 -25.26
N VAL B 165 44.62 1.44 -25.95
CA VAL B 165 43.65 2.31 -26.61
C VAL B 165 42.68 1.50 -27.45
N GLU B 166 43.15 0.39 -28.03
CA GLU B 166 42.29 -0.49 -28.80
C GLU B 166 41.26 -1.21 -27.94
N ASP B 167 41.60 -1.49 -26.67
CA ASP B 167 40.64 -2.17 -25.80
C ASP B 167 39.47 -1.26 -25.46
N GLY B 168 39.76 0.02 -25.22
CA GLY B 168 38.68 0.98 -24.98
C GLY B 168 37.81 1.16 -26.20
N ARG B 169 38.42 1.27 -27.38
CA ARG B 169 37.65 1.42 -28.62
C ARG B 169 36.82 0.17 -28.89
N LEU B 170 37.38 -1.01 -28.69
CA LEU B 170 36.58 -2.24 -28.76
C LEU B 170 35.42 -2.18 -27.78
N MET B 171 35.72 -1.82 -26.52
CA MET B 171 34.70 -1.75 -25.50
C MET B 171 33.57 -0.82 -25.91
N GLU B 172 33.91 0.36 -26.44
CA GLU B 172 32.87 1.33 -26.79
C GLU B 172 32.09 0.86 -28.01
N GLN B 173 32.76 0.23 -28.98
CA GLN B 173 32.03 -0.31 -30.12
C GLN B 173 31.03 -1.36 -29.66
N LEU B 174 31.45 -2.26 -28.76
CA LEU B 174 30.57 -3.33 -28.29
C LEU B 174 29.38 -2.76 -27.52
N LEU B 175 29.64 -1.88 -26.55
CA LEU B 175 28.56 -1.42 -25.70
C LEU B 175 27.68 -0.36 -26.37
N SER B 176 28.20 0.33 -27.39
CA SER B 176 27.35 1.23 -28.17
C SER B 176 26.31 0.49 -28.98
N SER B 177 26.48 -0.82 -29.18
CA SER B 177 25.47 -1.56 -29.90
C SER B 177 24.18 -1.73 -29.09
N VAL B 178 24.24 -1.50 -27.77
CA VAL B 178 23.07 -1.68 -26.93
C VAL B 178 22.67 -0.40 -26.19
N GLY B 179 23.14 0.76 -26.64
CA GLY B 179 22.70 2.03 -26.10
C GLY B 179 23.80 3.06 -26.17
N PHE B 180 23.61 4.15 -25.42
CA PHE B 180 24.65 5.17 -25.30
C PHE B 180 25.88 4.61 -24.59
N CYS B 181 27.06 4.94 -25.11
CA CYS B 181 28.30 4.55 -24.44
C CYS B 181 29.37 5.62 -24.65
N THR B 182 30.09 5.93 -23.58
CA THR B 182 31.20 6.88 -23.70
C THR B 182 32.23 6.57 -22.62
N GLU B 183 33.48 6.96 -22.88
CA GLU B 183 34.52 6.86 -21.86
C GLU B 183 34.40 8.02 -20.86
N VAL B 184 34.63 7.72 -19.58
CA VAL B 184 34.75 8.73 -18.52
C VAL B 184 36.02 8.43 -17.72
N GLU B 185 36.45 9.43 -16.93
CA GLU B 185 37.42 9.19 -15.88
C GLU B 185 36.79 8.32 -14.79
N GLU B 186 37.59 7.43 -14.19
CA GLU B 186 37.02 6.47 -13.24
C GLU B 186 36.36 7.15 -12.06
N ASP B 187 36.90 8.30 -11.61
CA ASP B 187 36.34 8.94 -10.42
C ASP B 187 34.94 9.52 -10.65
N LEU B 188 34.42 9.44 -11.87
CA LEU B 188 33.03 9.81 -12.12
C LEU B 188 32.07 8.63 -12.03
N ILE B 189 32.55 7.39 -11.93
CA ILE B 189 31.66 6.26 -12.17
C ILE B 189 30.68 6.08 -11.00
N ASP B 190 31.12 6.34 -9.77
CA ASP B 190 30.20 6.22 -8.65
C ASP B 190 29.01 7.18 -8.80
N ALA B 191 29.26 8.39 -9.32
CA ALA B 191 28.16 9.32 -9.55
C ALA B 191 27.30 8.89 -10.73
N VAL B 192 27.91 8.37 -11.80
CA VAL B 192 27.11 7.79 -12.88
C VAL B 192 26.23 6.67 -12.35
N THR B 193 26.76 5.86 -11.41
CA THR B 193 25.96 4.79 -10.84
C THR B 193 24.67 5.33 -10.21
N GLY B 194 24.75 6.47 -9.53
CA GLY B 194 23.57 7.03 -8.89
C GLY B 194 22.60 7.65 -9.86
N LEU B 195 23.07 8.03 -11.04
CA LEU B 195 22.22 8.69 -12.03
C LEU B 195 21.65 7.67 -13.01
N SER B 196 22.48 7.12 -13.91
CA SER B 196 21.95 6.19 -14.92
C SER B 196 22.00 4.73 -14.48
N GLY B 197 22.85 4.37 -13.53
CA GLY B 197 22.85 3.00 -13.03
C GLY B 197 21.56 2.67 -12.31
N SER B 198 21.22 3.51 -11.32
CA SER B 198 20.00 3.39 -10.53
C SER B 198 18.80 4.03 -11.24
N GLY B 199 19.06 4.93 -12.18
CA GLY B 199 18.02 5.68 -12.87
C GLY B 199 16.78 4.93 -13.29
N PRO B 200 16.93 3.76 -13.95
CA PRO B 200 15.73 3.03 -14.39
C PRO B 200 14.76 2.74 -13.27
N ALA B 201 15.25 2.44 -12.06
CA ALA B 201 14.34 2.18 -10.95
C ALA B 201 13.55 3.42 -10.54
N TYR B 202 14.17 4.61 -10.63
CA TYR B 202 13.43 5.85 -10.38
C TYR B 202 12.30 6.00 -11.38
N ALA B 203 12.60 5.69 -12.65
CA ALA B 203 11.59 5.78 -13.71
C ALA B 203 10.49 4.74 -13.52
N PHE B 204 10.84 3.50 -13.18
CA PHE B 204 9.82 2.47 -12.93
C PHE B 204 8.91 2.88 -11.79
N THR B 205 9.49 3.40 -10.70
CA THR B 205 8.68 3.94 -9.60
C THR B 205 7.77 5.06 -10.10
N ALA B 206 8.32 5.98 -10.90
CA ALA B 206 7.51 7.10 -11.37
C ALA B 206 6.39 6.63 -12.27
N LEU B 207 6.65 5.63 -13.11
CA LEU B 207 5.63 5.14 -14.04
C LEU B 207 4.52 4.42 -13.30
N ASP B 208 4.88 3.65 -12.26
CA ASP B 208 3.85 3.02 -11.43
C ASP B 208 2.93 4.08 -10.81
N ALA B 209 3.55 5.13 -10.26
CA ALA B 209 2.81 6.21 -9.58
C ALA B 209 1.95 7.00 -10.57
N LEU B 210 2.53 7.39 -11.71
CA LEU B 210 1.76 8.09 -12.72
C LEU B 210 0.56 7.26 -13.18
N ALA B 211 0.74 5.95 -13.33
CA ALA B 211 -0.37 5.08 -13.69
C ALA B 211 -1.43 5.06 -12.60
N ASP B 212 -1.01 5.04 -11.33
CA ASP B 212 -1.98 5.19 -10.24
C ASP B 212 -2.73 6.51 -10.35
N GLY B 213 -2.04 7.58 -10.77
CA GLY B 213 -2.73 8.86 -10.94
C GLY B 213 -3.78 8.80 -12.03
N GLY B 214 -3.43 8.21 -13.17
CA GLY B 214 -4.41 8.01 -14.23
C GLY B 214 -5.60 7.18 -13.78
N VAL B 215 -5.35 6.10 -13.03
CA VAL B 215 -6.44 5.25 -12.55
C VAL B 215 -7.33 6.03 -11.58
N LYS B 216 -6.71 6.84 -10.71
CA LYS B 216 -7.52 7.64 -9.78
C LYS B 216 -8.48 8.55 -10.53
N MET B 217 -8.03 9.09 -11.66
CA MET B 217 -8.81 10.01 -12.48
C MET B 217 -9.67 9.31 -13.52
N GLY B 218 -9.82 7.98 -13.45
CA GLY B 218 -10.78 7.27 -14.27
C GLY B 218 -10.19 6.42 -15.39
N LEU B 219 -8.86 6.39 -15.58
CA LEU B 219 -8.37 5.61 -16.72
C LEU B 219 -8.23 4.13 -16.36
N PRO B 220 -8.40 3.23 -17.32
CA PRO B 220 -8.04 1.83 -17.08
C PRO B 220 -6.53 1.71 -16.87
N ARG B 221 -6.14 0.78 -15.99
CA ARG B 221 -4.74 0.63 -15.62
CA ARG B 221 -4.73 0.66 -15.62
C ARG B 221 -3.85 0.43 -16.85
N ARG B 222 -4.22 -0.54 -17.70
CA ARG B 222 -3.39 -0.85 -18.86
C ARG B 222 -3.17 0.39 -19.74
N LEU B 223 -4.23 1.16 -20.00
CA LEU B 223 -4.06 2.38 -20.78
C LEU B 223 -3.22 3.41 -20.03
N ALA B 224 -3.44 3.55 -18.71
CA ALA B 224 -2.68 4.52 -17.95
C ALA B 224 -1.19 4.19 -17.94
N VAL B 225 -0.84 2.90 -17.82
CA VAL B 225 0.56 2.49 -17.85
C VAL B 225 1.19 2.85 -19.19
N ARG B 226 0.49 2.52 -20.28
CA ARG B 226 1.00 2.77 -21.63
C ARG B 226 1.17 4.27 -21.89
N LEU B 227 0.18 5.09 -21.50
CA LEU B 227 0.29 6.53 -21.74
C LEU B 227 1.45 7.14 -20.96
N GLY B 228 1.58 6.79 -19.68
CA GLY B 228 2.66 7.35 -18.88
C GLY B 228 4.03 6.94 -19.38
N ALA B 229 4.18 5.68 -19.79
CA ALA B 229 5.44 5.22 -20.35
C ALA B 229 5.75 5.91 -21.66
N GLN B 230 4.76 6.03 -22.55
CA GLN B 230 5.00 6.71 -23.81
C GLN B 230 5.35 8.18 -23.59
N ALA B 231 4.70 8.82 -22.61
CA ALA B 231 5.01 10.21 -22.28
C ALA B 231 6.47 10.36 -21.86
N LEU B 232 6.95 9.46 -20.99
CA LEU B 232 8.33 9.54 -20.52
C LEU B 232 9.32 9.29 -21.66
N LEU B 233 9.10 8.25 -22.45
CA LEU B 233 9.98 7.97 -23.58
C LEU B 233 10.02 9.14 -24.55
N GLY B 234 8.85 9.68 -24.90
CA GLY B 234 8.80 10.80 -25.83
C GLY B 234 9.51 12.03 -25.29
N ALA B 235 9.31 12.33 -24.01
CA ALA B 235 9.95 13.53 -23.46
C ALA B 235 11.46 13.34 -23.44
N ALA B 236 11.91 12.15 -23.04
CA ALA B 236 13.35 11.90 -22.98
C ALA B 236 13.98 12.00 -24.37
N LYS B 237 13.31 11.43 -25.38
CA LYS B 237 13.84 11.55 -26.74
C LYS B 237 13.86 13.00 -27.21
N MET B 238 12.82 13.77 -26.87
CA MET B 238 12.79 15.19 -27.24
C MET B 238 14.01 15.92 -26.72
N LEU B 239 14.35 15.70 -25.46
CA LEU B 239 15.48 16.39 -24.87
C LEU B 239 16.80 15.95 -25.52
N LEU B 240 16.94 14.64 -25.77
CA LEU B 240 18.16 14.15 -26.41
C LEU B 240 18.35 14.72 -27.81
N HIS B 241 17.26 15.05 -28.50
CA HIS B 241 17.34 15.61 -29.85
C HIS B 241 17.24 17.13 -29.89
N SER B 242 17.05 17.79 -28.75
CA SER B 242 16.90 19.24 -28.69
C SER B 242 18.21 19.92 -28.32
N GLU B 243 18.41 21.12 -28.88
CA GLU B 243 19.48 22.01 -28.46
C GLU B 243 19.03 22.98 -27.38
N GLN B 244 17.93 22.69 -26.70
CA GLN B 244 17.31 23.59 -25.73
C GLN B 244 17.40 23.00 -24.33
N HIS B 245 17.38 23.90 -23.35
CA HIS B 245 17.43 23.50 -21.95
C HIS B 245 16.13 22.81 -21.55
N PRO B 246 16.19 21.82 -20.65
CA PRO B 246 14.94 21.15 -20.24
C PRO B 246 13.93 22.12 -19.64
N GLY B 247 14.40 23.20 -19.01
CA GLY B 247 13.48 24.20 -18.52
C GLY B 247 12.75 24.90 -19.65
N GLN B 248 13.42 25.11 -20.77
CA GLN B 248 12.77 25.72 -21.93
C GLN B 248 11.75 24.77 -22.52
N LEU B 249 12.09 23.48 -22.63
CA LEU B 249 11.11 22.51 -23.10
C LEU B 249 9.91 22.46 -22.17
N LYS B 250 10.17 22.50 -20.85
CA LYS B 250 9.08 22.57 -19.88
C LYS B 250 8.22 23.82 -20.10
N ASP B 251 8.85 24.97 -20.36
CA ASP B 251 8.08 26.19 -20.61
C ASP B 251 7.21 26.06 -21.86
N ASN B 252 7.69 25.37 -22.89
CA ASN B 252 6.92 25.20 -24.12
C ASN B 252 5.67 24.35 -23.90
N VAL B 253 5.66 23.49 -22.88
CA VAL B 253 4.48 22.67 -22.61
C VAL B 253 3.42 23.41 -21.79
N SER B 254 3.82 24.41 -21.00
CA SER B 254 2.96 25.00 -19.97
C SER B 254 2.21 26.20 -20.56
N SER B 255 0.96 25.98 -20.94
CA SER B 255 0.11 27.09 -21.36
C SER B 255 -0.24 27.97 -20.17
N PRO B 256 -0.29 29.30 -20.35
CA PRO B 256 -0.59 30.18 -19.20
C PRO B 256 -1.94 29.84 -18.60
N GLY B 257 -1.98 29.77 -17.27
CA GLY B 257 -3.19 29.43 -16.54
C GLY B 257 -3.65 27.99 -16.66
N GLY B 258 -2.92 27.13 -17.37
CA GLY B 258 -3.44 25.86 -17.82
C GLY B 258 -3.21 24.71 -16.85
N ALA B 259 -3.57 23.52 -17.33
CA ALA B 259 -3.53 22.32 -16.48
C ALA B 259 -2.10 21.92 -16.15
N THR B 260 -1.19 22.04 -17.11
CA THR B 260 0.18 21.59 -16.86
C THR B 260 0.84 22.42 -15.77
N ILE B 261 0.78 23.76 -15.87
CA ILE B 261 1.41 24.59 -14.84
C ILE B 261 0.74 24.37 -13.48
N HIS B 262 -0.56 24.05 -13.47
CA HIS B 262 -1.19 23.70 -12.20
C HIS B 262 -0.60 22.40 -11.64
N ALA B 263 -0.33 21.43 -12.51
CA ALA B 263 0.28 20.19 -12.03
C ALA B 263 1.72 20.41 -11.60
N LEU B 264 2.45 21.25 -12.34
CA LEU B 264 3.84 21.50 -11.96
C LEU B 264 3.92 22.15 -10.58
N HIS B 265 2.94 22.97 -10.23
CA HIS B 265 2.97 23.60 -8.91
C HIS B 265 2.86 22.58 -7.80
N VAL B 266 1.99 21.58 -7.96
CA VAL B 266 1.86 20.61 -6.87
C VAL B 266 3.12 19.75 -6.76
N LEU B 267 3.81 19.49 -7.88
CA LEU B 267 5.12 18.82 -7.77
C LEU B 267 6.13 19.68 -7.01
N GLU B 268 6.16 20.99 -7.30
CA GLU B 268 7.10 21.87 -6.59
C GLU B 268 6.79 21.92 -5.10
N SER B 269 5.50 21.92 -4.74
CA SER B 269 5.16 22.05 -3.32
C SER B 269 5.62 20.84 -2.51
N GLY B 270 5.74 19.68 -3.15
CA GLY B 270 6.27 18.49 -2.50
C GLY B 270 7.77 18.33 -2.58
N GLY B 271 8.48 19.30 -3.17
CA GLY B 271 9.93 19.17 -3.28
C GLY B 271 10.37 18.07 -4.24
N PHE B 272 9.57 17.84 -5.29
CA PHE B 272 9.82 16.81 -6.29
C PHE B 272 11.26 16.83 -6.79
N ARG B 273 11.76 18.03 -7.13
CA ARG B 273 13.12 18.15 -7.63
C ARG B 273 14.12 17.65 -6.59
N SER B 274 13.91 18.05 -5.34
CA SER B 274 14.87 17.70 -4.29
C SER B 274 14.91 16.19 -4.04
N LEU B 275 13.77 15.52 -4.17
CA LEU B 275 13.73 14.06 -3.96
C LEU B 275 14.61 13.32 -4.97
N LEU B 276 14.63 13.78 -6.23
CA LEU B 276 15.46 13.14 -7.24
C LEU B 276 16.93 13.45 -7.02
N ILE B 277 17.24 14.67 -6.55
CA ILE B 277 18.60 14.97 -6.12
C ILE B 277 19.00 14.06 -4.96
N ASN B 278 18.11 13.93 -3.97
CA ASN B 278 18.35 13.02 -2.84
C ASN B 278 18.67 11.61 -3.32
N ALA B 279 17.96 11.14 -4.35
CA ALA B 279 18.14 9.76 -4.83
C ALA B 279 19.51 9.56 -5.46
N VAL B 280 19.89 10.43 -6.39
CA VAL B 280 21.22 10.32 -7.01
C VAL B 280 22.30 10.35 -5.95
N GLU B 281 22.18 11.26 -4.98
CA GLU B 281 23.15 11.36 -3.91
C GLU B 281 23.19 10.10 -3.06
N ALA B 282 22.03 9.63 -2.63
CA ALA B 282 21.96 8.44 -1.76
C ALA B 282 22.57 7.22 -2.45
N SER B 283 22.29 7.06 -3.74
CA SER B 283 22.84 5.93 -4.49
C SER B 283 24.35 6.05 -4.64
N CYS B 284 24.82 7.23 -5.05
CA CYS B 284 26.24 7.46 -5.18
C CYS B 284 26.96 7.24 -3.85
N ILE B 285 26.41 7.78 -2.76
CA ILE B 285 27.03 7.63 -1.44
C ILE B 285 27.09 6.16 -1.03
N ARG B 286 26.00 5.42 -1.22
CA ARG B 286 26.00 4.00 -0.90
C ARG B 286 27.03 3.25 -1.74
N THR B 287 27.11 3.56 -3.04
CA THR B 287 28.14 2.97 -3.88
C THR B 287 29.53 3.19 -3.31
N ARG B 288 29.82 4.40 -2.81
CA ARG B 288 31.12 4.65 -2.19
C ARG B 288 31.30 3.83 -0.91
N GLU B 289 30.24 3.72 -0.09
CA GLU B 289 30.30 2.92 1.13
C GLU B 289 30.62 1.47 0.82
N LEU B 290 29.92 0.88 -0.15
CA LEU B 290 30.15 -0.51 -0.52
C LEU B 290 31.63 -0.75 -0.82
N GLN B 291 32.27 0.21 -1.48
CA GLN B 291 33.68 0.01 -1.80
C GLN B 291 34.55 0.16 -0.56
N SER B 292 34.21 1.08 0.34
CA SER B 292 35.00 1.23 1.56
C SER B 292 34.84 0.04 2.50
N MET B 293 33.72 -0.66 2.43
CA MET B 293 33.59 -1.89 3.20
C MET B 293 34.43 -3.01 2.60
N ALA B 294 34.44 -3.13 1.27
CA ALA B 294 35.32 -4.08 0.62
C ALA B 294 36.78 -3.76 0.89
N ASP B 295 37.13 -2.46 0.85
CA ASP B 295 38.52 -2.06 1.09
C ASP B 295 39.00 -2.45 2.48
N GLN B 296 38.11 -2.48 3.46
CA GLN B 296 38.48 -2.79 4.84
C GLN B 296 39.01 -4.22 4.98
N SER C 22 -28.71 -28.57 -7.43
CA SER C 22 -29.63 -28.13 -8.48
C SER C 22 -29.55 -26.61 -8.69
N MET C 23 -28.84 -25.93 -7.80
CA MET C 23 -28.77 -24.47 -7.85
C MET C 23 -27.85 -24.02 -8.98
N SER C 24 -28.34 -23.09 -9.79
CA SER C 24 -27.58 -22.51 -10.89
C SER C 24 -27.18 -21.09 -10.52
N VAL C 25 -25.94 -20.73 -10.84
CA VAL C 25 -25.36 -19.44 -10.50
C VAL C 25 -24.91 -18.76 -11.79
N GLY C 26 -25.17 -17.45 -11.89
CA GLY C 26 -24.75 -16.68 -13.03
C GLY C 26 -23.98 -15.44 -12.62
N PHE C 27 -23.21 -14.91 -13.56
CA PHE C 27 -22.41 -13.72 -13.36
C PHE C 27 -22.61 -12.76 -14.52
N ILE C 28 -23.18 -11.59 -14.23
CA ILE C 28 -23.26 -10.50 -15.20
C ILE C 28 -22.02 -9.64 -14.96
N GLY C 29 -21.03 -9.77 -15.83
CA GLY C 29 -19.70 -9.25 -15.64
C GLY C 29 -18.75 -10.42 -15.44
N ALA C 30 -17.58 -10.33 -16.06
CA ALA C 30 -16.55 -11.37 -15.96
C ALA C 30 -15.22 -10.74 -15.58
N GLY C 31 -15.23 -9.85 -14.60
CA GLY C 31 -14.04 -9.15 -14.17
C GLY C 31 -13.31 -9.90 -13.07
N GLN C 32 -12.52 -9.12 -12.31
CA GLN C 32 -11.75 -9.69 -11.20
C GLN C 32 -12.66 -10.38 -10.19
N LEU C 33 -13.74 -9.70 -9.80
CA LEU C 33 -14.62 -10.23 -8.77
C LEU C 33 -15.36 -11.48 -9.25
N ALA C 34 -15.84 -11.47 -10.49
CA ALA C 34 -16.57 -12.62 -11.01
C ALA C 34 -15.66 -13.84 -11.12
N PHE C 35 -14.47 -13.65 -11.72
CA PHE C 35 -13.50 -14.74 -11.75
C PHE C 35 -13.19 -15.24 -10.35
N ALA C 36 -12.96 -14.32 -9.41
CA ALA C 36 -12.54 -14.71 -8.07
C ALA C 36 -13.62 -15.54 -7.38
N LEU C 37 -14.88 -15.11 -7.47
CA LEU C 37 -15.98 -15.87 -6.87
C LEU C 37 -16.17 -17.20 -7.58
N ALA C 38 -16.06 -17.23 -8.91
CA ALA C 38 -16.22 -18.48 -9.64
C ALA C 38 -15.09 -19.44 -9.31
N LYS C 39 -13.87 -18.92 -9.13
CA LYS C 39 -12.74 -19.79 -8.79
C LYS C 39 -12.92 -20.36 -7.38
N GLY C 40 -13.22 -19.49 -6.41
CA GLY C 40 -13.43 -19.97 -5.05
C GLY C 40 -14.59 -20.93 -4.92
N PHE C 41 -15.70 -20.66 -5.63
CA PHE C 41 -16.86 -21.55 -5.54
C PHE C 41 -16.52 -22.94 -6.05
N THR C 42 -15.77 -23.02 -7.15
CA THR C 42 -15.37 -24.33 -7.68
C THR C 42 -14.36 -25.01 -6.77
N ALA C 43 -13.39 -24.26 -6.24
CA ALA C 43 -12.43 -24.85 -5.32
C ALA C 43 -13.12 -25.35 -4.05
N ALA C 44 -14.18 -24.68 -3.62
CA ALA C 44 -14.98 -25.12 -2.49
C ALA C 44 -15.84 -26.34 -2.80
N GLY C 45 -16.01 -26.68 -4.08
CA GLY C 45 -16.86 -27.79 -4.43
C GLY C 45 -18.32 -27.60 -4.18
N VAL C 46 -18.77 -26.39 -3.86
CA VAL C 46 -20.19 -26.17 -3.63
C VAL C 46 -20.97 -26.05 -4.94
N LEU C 47 -20.29 -25.70 -6.04
CA LEU C 47 -20.90 -25.62 -7.35
C LEU C 47 -20.03 -26.36 -8.34
N ALA C 48 -20.64 -27.20 -9.17
CA ALA C 48 -19.99 -27.69 -10.37
C ALA C 48 -19.80 -26.54 -11.34
N ALA C 49 -18.63 -26.48 -11.98
CA ALA C 49 -18.32 -25.33 -12.82
C ALA C 49 -19.28 -25.20 -14.00
N HIS C 50 -19.87 -26.31 -14.45
CA HIS C 50 -20.83 -26.23 -15.55
C HIS C 50 -22.20 -25.70 -15.11
N LYS C 51 -22.44 -25.60 -13.81
CA LYS C 51 -23.62 -24.92 -13.30
C LYS C 51 -23.41 -23.41 -13.16
N ILE C 52 -22.27 -22.90 -13.61
CA ILE C 52 -21.95 -21.48 -13.52
C ILE C 52 -21.87 -20.90 -14.93
N MET C 53 -22.56 -19.78 -15.15
CA MET C 53 -22.50 -19.05 -16.40
C MET C 53 -22.03 -17.63 -16.13
N ALA C 54 -21.22 -17.09 -17.03
CA ALA C 54 -20.72 -15.73 -16.94
C ALA C 54 -20.92 -15.02 -18.27
N SER C 55 -21.27 -13.74 -18.20
CA SER C 55 -21.53 -12.94 -19.40
C SER C 55 -20.80 -11.62 -19.30
N SER C 56 -20.28 -11.16 -20.43
CA SER C 56 -19.49 -9.94 -20.53
C SER C 56 -19.62 -9.42 -21.95
N PRO C 57 -19.61 -8.10 -22.14
CA PRO C 57 -19.64 -7.56 -23.51
C PRO C 57 -18.39 -7.92 -24.27
N ASP C 58 -17.23 -7.74 -23.64
CA ASP C 58 -15.95 -8.17 -24.17
C ASP C 58 -15.23 -8.95 -23.10
N MET C 59 -14.92 -10.21 -23.39
CA MET C 59 -14.22 -11.07 -22.43
C MET C 59 -12.77 -11.28 -22.85
N THR C 63 -9.79 -13.75 -19.78
CA THR C 63 -10.54 -14.56 -18.83
C THR C 63 -11.39 -15.59 -19.56
N VAL C 64 -11.53 -15.42 -20.87
CA VAL C 64 -12.35 -16.36 -21.66
C VAL C 64 -11.72 -17.74 -21.64
N SER C 65 -10.42 -17.82 -21.94
CA SER C 65 -9.73 -19.10 -21.87
C SER C 65 -9.57 -19.59 -20.43
N ALA C 66 -9.66 -18.68 -19.45
CA ALA C 66 -9.57 -19.09 -18.05
C ALA C 66 -10.82 -19.82 -17.60
N LEU C 67 -11.99 -19.20 -17.80
CA LEU C 67 -13.25 -19.78 -17.32
C LEU C 67 -13.61 -21.03 -18.12
N ARG C 68 -13.34 -21.04 -19.43
CA ARG C 68 -13.67 -22.21 -20.23
C ARG C 68 -12.84 -23.42 -19.81
N LYS C 69 -11.55 -23.21 -19.52
CA LYS C 69 -10.73 -24.29 -18.96
C LYS C 69 -11.24 -24.69 -17.59
N MET C 70 -11.69 -23.72 -16.79
CA MET C 70 -12.27 -24.00 -15.49
C MET C 70 -13.60 -24.74 -15.62
N GLY C 71 -14.30 -24.58 -16.74
CA GLY C 71 -15.58 -25.22 -16.97
C GLY C 71 -16.76 -24.27 -16.93
N VAL C 72 -16.54 -22.97 -16.76
CA VAL C 72 -17.62 -22.00 -16.66
C VAL C 72 -18.15 -21.70 -18.05
N LYS C 73 -19.45 -21.94 -18.25
CA LYS C 73 -20.08 -21.58 -19.53
C LYS C 73 -20.06 -20.06 -19.69
N LEU C 74 -19.55 -19.61 -20.83
CA LEU C 74 -19.47 -18.19 -21.14
C LEU C 74 -20.41 -17.84 -22.29
N THR C 75 -20.84 -16.58 -22.33
CA THR C 75 -21.78 -16.11 -23.35
C THR C 75 -21.73 -14.59 -23.38
N PRO C 76 -21.93 -13.98 -24.55
CA PRO C 76 -21.91 -12.51 -24.62
C PRO C 76 -23.22 -11.85 -24.22
N HIS C 77 -24.29 -12.63 -24.05
CA HIS C 77 -25.63 -12.10 -23.84
C HIS C 77 -26.01 -12.21 -22.37
N ASN C 78 -26.41 -11.08 -21.78
CA ASN C 78 -26.82 -11.08 -20.38
C ASN C 78 -28.13 -11.83 -20.18
N LYS C 79 -29.03 -11.79 -21.16
CA LYS C 79 -30.30 -12.50 -21.03
C LYS C 79 -30.11 -14.01 -20.93
N GLU C 80 -29.06 -14.53 -21.56
CA GLU C 80 -28.78 -15.96 -21.46
C GLU C 80 -28.36 -16.34 -20.04
N THR C 81 -27.56 -15.49 -19.39
CA THR C 81 -27.17 -15.75 -18.01
C THR C 81 -28.37 -15.71 -17.08
N VAL C 82 -29.28 -14.74 -17.28
CA VAL C 82 -30.49 -14.67 -16.48
C VAL C 82 -31.32 -15.94 -16.63
N GLN C 83 -31.55 -16.35 -17.89
CA GLN C 83 -32.38 -17.53 -18.15
C GLN C 83 -31.76 -18.79 -17.58
N HIS C 84 -30.43 -18.84 -17.46
CA HIS C 84 -29.75 -20.02 -16.95
C HIS C 84 -29.73 -20.07 -15.42
N SER C 85 -29.75 -18.92 -14.75
CA SER C 85 -29.35 -18.84 -13.35
C SER C 85 -30.55 -18.79 -12.40
N ASP C 86 -30.32 -19.27 -11.18
CA ASP C 86 -31.19 -19.02 -10.04
C ASP C 86 -30.66 -17.85 -9.19
N VAL C 87 -29.40 -17.95 -8.77
CA VAL C 87 -28.71 -16.86 -8.08
C VAL C 87 -27.93 -16.08 -9.14
N LEU C 88 -28.11 -14.76 -9.15
CA LEU C 88 -27.57 -13.90 -10.20
C LEU C 88 -26.71 -12.82 -9.57
N PHE C 89 -25.38 -12.96 -9.71
CA PHE C 89 -24.45 -11.95 -9.22
C PHE C 89 -24.28 -10.84 -10.25
N LEU C 90 -24.46 -9.60 -9.80
CA LEU C 90 -24.17 -8.42 -10.62
C LEU C 90 -22.77 -7.96 -10.24
N ALA C 91 -21.79 -8.30 -11.08
CA ALA C 91 -20.40 -7.95 -10.81
C ALA C 91 -19.89 -6.98 -11.86
N VAL C 92 -20.61 -5.90 -12.07
CA VAL C 92 -20.23 -4.86 -13.02
C VAL C 92 -19.81 -3.62 -12.24
N LYS C 93 -19.18 -2.68 -12.94
CA LYS C 93 -18.83 -1.42 -12.32
C LYS C 93 -20.09 -0.73 -11.81
N PRO C 94 -20.02 -0.03 -10.68
CA PRO C 94 -21.26 0.52 -10.08
C PRO C 94 -22.12 1.34 -11.02
N HIS C 95 -21.52 2.11 -11.94
CA HIS C 95 -22.34 2.93 -12.82
C HIS C 95 -22.98 2.15 -13.96
N ILE C 96 -22.65 0.86 -14.12
CA ILE C 96 -23.29 0.03 -15.14
C ILE C 96 -24.54 -0.67 -14.63
N ILE C 97 -24.82 -0.61 -13.32
CA ILE C 97 -25.95 -1.34 -12.77
C ILE C 97 -27.28 -0.89 -13.36
N PRO C 98 -27.59 0.41 -13.48
CA PRO C 98 -28.89 0.79 -14.06
C PRO C 98 -29.11 0.26 -15.46
N PHE C 99 -28.06 0.18 -16.28
CA PHE C 99 -28.24 -0.31 -17.63
C PHE C 99 -28.43 -1.82 -17.65
N ILE C 100 -27.79 -2.54 -16.73
CA ILE C 100 -28.01 -3.97 -16.61
C ILE C 100 -29.45 -4.24 -16.17
N LEU C 101 -29.91 -3.53 -15.14
CA LEU C 101 -31.24 -3.79 -14.60
C LEU C 101 -32.32 -3.52 -15.63
N ASP C 102 -32.20 -2.44 -16.40
CA ASP C 102 -33.17 -2.18 -17.45
C ASP C 102 -33.07 -3.18 -18.59
N GLU C 103 -31.91 -3.81 -18.78
CA GLU C 103 -31.75 -4.75 -19.88
C GLU C 103 -32.42 -6.09 -19.58
N ILE C 104 -32.30 -6.58 -18.34
CA ILE C 104 -32.79 -7.90 -17.98
C ILE C 104 -33.93 -7.85 -16.98
N GLY C 105 -34.37 -6.65 -16.58
CA GLY C 105 -35.46 -6.55 -15.61
C GLY C 105 -36.71 -7.30 -16.03
N ALA C 106 -37.00 -7.34 -17.33
CA ALA C 106 -38.18 -8.06 -17.81
C ALA C 106 -37.96 -9.57 -17.89
N ASP C 107 -36.72 -10.02 -17.73
CA ASP C 107 -36.41 -11.45 -17.74
C ASP C 107 -36.32 -12.05 -16.34
N ILE C 108 -36.45 -11.23 -15.31
CA ILE C 108 -36.40 -11.72 -13.93
C ILE C 108 -37.68 -12.50 -13.63
N GLU C 109 -37.52 -13.70 -13.08
CA GLU C 109 -38.62 -14.57 -12.70
C GLU C 109 -38.70 -14.67 -11.18
N ASP C 110 -39.73 -15.38 -10.71
CA ASP C 110 -39.90 -15.57 -9.27
C ASP C 110 -38.71 -16.29 -8.64
N ARG C 111 -38.09 -17.21 -9.38
CA ARG C 111 -37.00 -18.02 -8.84
C ARG C 111 -35.74 -17.22 -8.59
N HIS C 112 -35.64 -15.99 -9.08
CA HIS C 112 -34.36 -15.30 -9.12
C HIS C 112 -34.04 -14.62 -7.79
N ILE C 113 -32.80 -14.81 -7.34
CA ILE C 113 -32.18 -13.96 -6.32
C ILE C 113 -31.14 -13.11 -7.01
N VAL C 114 -31.24 -11.79 -6.82
CA VAL C 114 -30.33 -10.84 -7.47
C VAL C 114 -29.36 -10.33 -6.41
N VAL C 115 -28.09 -10.64 -6.59
CA VAL C 115 -27.05 -10.31 -5.63
C VAL C 115 -26.15 -9.26 -6.26
N SER C 116 -26.29 -8.01 -5.81
CA SER C 116 -25.45 -6.94 -6.30
C SER C 116 -24.12 -6.92 -5.57
N CYS C 117 -23.02 -6.94 -6.32
CA CYS C 117 -21.69 -6.79 -5.75
C CYS C 117 -21.10 -5.40 -6.01
N ALA C 118 -21.87 -4.49 -6.59
CA ALA C 118 -21.35 -3.17 -6.91
C ALA C 118 -21.16 -2.35 -5.64
N ALA C 119 -20.06 -1.60 -5.60
CA ALA C 119 -19.82 -0.72 -4.47
C ALA C 119 -20.81 0.44 -4.48
N GLY C 120 -21.31 0.79 -3.29
CA GLY C 120 -22.16 1.95 -3.13
C GLY C 120 -23.61 1.81 -3.59
N VAL C 121 -23.87 0.95 -4.57
CA VAL C 121 -25.21 0.86 -5.15
C VAL C 121 -26.20 0.32 -4.13
N THR C 122 -27.30 1.06 -3.91
CA THR C 122 -28.20 0.76 -2.81
C THR C 122 -29.24 -0.29 -3.21
N ILE C 123 -29.74 -1.01 -2.21
CA ILE C 123 -30.82 -1.96 -2.44
C ILE C 123 -32.02 -1.25 -3.02
N SER C 124 -32.38 -0.09 -2.45
CA SER C 124 -33.57 0.61 -2.88
C SER C 124 -33.49 1.03 -4.34
N SER C 125 -32.30 1.37 -4.82
CA SER C 125 -32.18 1.73 -6.23
C SER C 125 -32.27 0.51 -7.14
N ILE C 126 -31.80 -0.66 -6.68
CA ILE C 126 -31.98 -1.87 -7.47
C ILE C 126 -33.44 -2.31 -7.47
N GLU C 127 -34.07 -2.32 -6.30
CA GLU C 127 -35.46 -2.73 -6.21
C GLU C 127 -36.36 -1.79 -7.00
N LYS C 128 -36.08 -0.49 -6.94
CA LYS C 128 -36.87 0.48 -7.67
C LYS C 128 -36.83 0.20 -9.17
N LYS C 129 -35.64 -0.07 -9.71
CA LYS C 129 -35.54 -0.32 -11.14
C LYS C 129 -36.19 -1.64 -11.53
N LEU C 130 -35.98 -2.70 -10.74
CA LEU C 130 -36.53 -4.00 -11.10
C LEU C 130 -38.03 -4.06 -10.88
N SER C 131 -38.55 -3.35 -9.86
CA SER C 131 -39.99 -3.39 -9.59
C SER C 131 -40.81 -2.77 -10.69
N ALA C 132 -40.20 -1.98 -11.57
CA ALA C 132 -40.92 -1.47 -12.74
C ALA C 132 -41.32 -2.61 -13.67
N PHE C 133 -40.59 -3.71 -13.66
CA PHE C 133 -40.87 -4.84 -14.54
C PHE C 133 -41.78 -5.87 -13.88
N ARG C 134 -41.45 -6.26 -12.66
CA ARG C 134 -42.23 -7.24 -11.93
C ARG C 134 -42.16 -6.88 -10.45
N PRO C 135 -43.25 -7.05 -9.71
CA PRO C 135 -43.22 -6.72 -8.29
C PRO C 135 -42.39 -7.72 -7.50
N ALA C 136 -41.93 -7.27 -6.34
CA ALA C 136 -41.24 -8.09 -5.35
C ALA C 136 -39.96 -8.75 -5.87
N PRO C 137 -39.02 -8.03 -6.44
CA PRO C 137 -37.71 -8.65 -6.74
C PRO C 137 -36.99 -9.02 -5.45
N ARG C 138 -36.24 -10.11 -5.52
CA ARG C 138 -35.47 -10.62 -4.38
C ARG C 138 -34.05 -10.13 -4.57
N VAL C 139 -33.63 -9.16 -3.77
CA VAL C 139 -32.38 -8.44 -3.96
C VAL C 139 -31.53 -8.59 -2.71
N ILE C 140 -30.27 -8.92 -2.91
CA ILE C 140 -29.29 -8.93 -1.83
C ILE C 140 -28.11 -8.08 -2.28
N ARG C 141 -27.59 -7.28 -1.36
CA ARG C 141 -26.43 -6.46 -1.59
C ARG C 141 -25.27 -7.04 -0.80
N CYS C 142 -24.12 -7.22 -1.43
CA CYS C 142 -22.98 -7.72 -0.69
C CYS C 142 -21.72 -6.93 -1.04
N MET C 143 -20.79 -6.94 -0.09
CA MET C 143 -19.45 -6.41 -0.31
C MET C 143 -18.48 -7.53 0.04
N THR C 144 -17.77 -8.04 -0.96
CA THR C 144 -16.81 -9.11 -0.77
C THR C 144 -15.46 -8.60 -1.26
N ASN C 145 -14.48 -9.48 -1.38
CA ASN C 145 -13.17 -9.02 -1.83
C ASN C 145 -12.44 -10.15 -2.55
N THR C 146 -11.33 -9.78 -3.17
CA THR C 146 -10.68 -10.70 -4.10
CA THR C 146 -10.67 -10.71 -4.10
C THR C 146 -10.12 -11.97 -3.44
N PRO C 147 -9.73 -11.98 -2.13
CA PRO C 147 -9.23 -13.26 -1.59
C PRO C 147 -10.24 -14.39 -1.54
N VAL C 148 -11.48 -14.18 -2.01
CA VAL C 148 -12.36 -15.32 -2.20
C VAL C 148 -11.72 -16.31 -3.16
N VAL C 149 -10.77 -15.85 -3.99
CA VAL C 149 -10.15 -16.74 -4.95
C VAL C 149 -9.30 -17.81 -4.25
N VAL C 150 -8.79 -17.53 -3.05
CA VAL C 150 -8.12 -18.53 -2.21
C VAL C 150 -9.00 -18.95 -1.03
N ARG C 151 -10.31 -18.71 -1.14
CA ARG C 151 -11.29 -19.09 -0.12
C ARG C 151 -11.02 -18.46 1.23
N GLU C 152 -10.46 -17.24 1.24
CA GLU C 152 -10.27 -16.47 2.46
C GLU C 152 -10.83 -15.07 2.31
N GLY C 153 -11.95 -14.95 1.61
CA GLY C 153 -12.58 -13.66 1.46
C GLY C 153 -13.20 -13.15 2.76
N ALA C 154 -13.54 -11.86 2.74
CA ALA C 154 -14.35 -11.25 3.78
C ALA C 154 -15.60 -10.66 3.12
N THR C 155 -16.76 -11.18 3.49
CA THR C 155 -18.01 -10.84 2.83
C THR C 155 -19.04 -10.39 3.86
N VAL C 156 -19.70 -9.27 3.60
CA VAL C 156 -20.92 -8.90 4.31
C VAL C 156 -22.03 -8.78 3.28
N TYR C 157 -23.27 -9.01 3.72
CA TYR C 157 -24.40 -8.82 2.84
C TYR C 157 -25.54 -8.18 3.61
N ALA C 158 -26.39 -7.47 2.88
CA ALA C 158 -27.65 -6.96 3.41
C ALA C 158 -28.79 -7.49 2.56
N THR C 159 -29.91 -7.78 3.20
CA THR C 159 -31.07 -8.38 2.54
C THR C 159 -32.09 -7.31 2.18
N GLY C 160 -32.67 -7.43 0.98
CA GLY C 160 -33.64 -6.47 0.51
C GLY C 160 -35.06 -6.75 1.02
N THR C 161 -35.99 -5.92 0.54
CA THR C 161 -37.34 -5.89 1.10
C THR C 161 -38.03 -7.24 0.95
N HIS C 162 -37.85 -7.90 -0.19
CA HIS C 162 -38.56 -9.13 -0.49
C HIS C 162 -37.63 -10.34 -0.47
N ALA C 163 -36.40 -10.15 0.00
CA ALA C 163 -35.50 -11.27 0.23
C ALA C 163 -35.96 -12.00 1.47
N GLN C 164 -36.69 -13.09 1.25
CA GLN C 164 -37.21 -13.92 2.33
C GLN C 164 -36.09 -14.37 3.26
N VAL C 165 -36.47 -14.80 4.46
CA VAL C 165 -35.49 -15.27 5.43
C VAL C 165 -34.61 -16.35 4.82
N GLU C 166 -35.15 -17.09 3.85
CA GLU C 166 -34.40 -18.17 3.21
C GLU C 166 -33.29 -17.63 2.32
N ASP C 167 -33.52 -16.51 1.64
CA ASP C 167 -32.54 -15.99 0.68
C ASP C 167 -31.25 -15.56 1.37
N GLY C 168 -31.35 -14.86 2.50
CA GLY C 168 -30.16 -14.45 3.22
C GLY C 168 -29.39 -15.64 3.76
N ARG C 169 -30.12 -16.65 4.25
CA ARG C 169 -29.49 -17.89 4.71
C ARG C 169 -28.78 -18.60 3.57
N LEU C 170 -29.42 -18.67 2.40
CA LEU C 170 -28.79 -19.31 1.24
C LEU C 170 -27.55 -18.55 0.80
N MET C 171 -27.65 -17.22 0.73
CA MET C 171 -26.50 -16.38 0.37
CA MET C 171 -26.47 -16.48 0.32
C MET C 171 -25.36 -16.58 1.36
N GLU C 172 -25.68 -16.67 2.65
CA GLU C 172 -24.61 -16.78 3.63
C GLU C 172 -23.91 -18.14 3.53
N GLN C 173 -24.66 -19.21 3.28
CA GLN C 173 -24.04 -20.51 3.11
C GLN C 173 -23.14 -20.53 1.87
N LEU C 174 -23.60 -19.93 0.77
CA LEU C 174 -22.79 -19.89 -0.44
C LEU C 174 -21.49 -19.12 -0.22
N LEU C 175 -21.57 -17.91 0.34
N LEU C 175 -21.59 -17.91 0.34
CA LEU C 175 -20.38 -17.09 0.49
CA LEU C 175 -20.41 -17.07 0.51
C LEU C 175 -19.50 -17.55 1.64
C LEU C 175 -19.52 -17.50 1.67
N SER C 176 -20.06 -18.25 2.64
CA SER C 176 -19.24 -18.79 3.71
C SER C 176 -18.27 -19.86 3.21
N SER C 177 -18.51 -20.41 2.03
CA SER C 177 -17.63 -21.43 1.47
C SER C 177 -16.35 -20.85 0.89
N VAL C 178 -16.26 -19.54 0.73
CA VAL C 178 -15.07 -18.89 0.18
C VAL C 178 -14.50 -17.84 1.14
N GLY C 179 -14.86 -17.88 2.41
CA GLY C 179 -14.25 -16.99 3.39
C GLY C 179 -15.22 -16.68 4.51
N PHE C 180 -14.90 -15.63 5.25
CA PHE C 180 -15.80 -15.12 6.29
C PHE C 180 -17.02 -14.48 5.63
N CYS C 181 -18.19 -14.67 6.23
CA CYS C 181 -19.41 -14.04 5.73
C CYS C 181 -20.39 -13.79 6.87
N THR C 182 -21.00 -12.61 6.88
CA THR C 182 -22.01 -12.33 7.90
C THR C 182 -22.97 -11.25 7.40
N GLU C 183 -24.19 -11.28 7.93
CA GLU C 183 -25.19 -10.27 7.59
C GLU C 183 -24.91 -8.98 8.35
N VAL C 184 -25.05 -7.84 7.65
CA VAL C 184 -25.01 -6.53 8.26
C VAL C 184 -26.22 -5.74 7.80
N GLU C 185 -26.54 -4.69 8.56
CA GLU C 185 -27.47 -3.67 8.06
C GLU C 185 -26.83 -2.94 6.89
N GLU C 186 -27.66 -2.55 5.91
CA GLU C 186 -27.08 -1.98 4.69
C GLU C 186 -26.30 -0.70 4.97
N ASP C 187 -26.65 0.05 6.01
CA ASP C 187 -25.98 1.32 6.23
C ASP C 187 -24.54 1.16 6.72
N LEU C 188 -24.06 -0.06 6.87
CA LEU C 188 -22.68 -0.29 7.25
C LEU C 188 -21.79 -0.71 6.08
N ILE C 189 -22.37 -0.97 4.90
CA ILE C 189 -21.60 -1.60 3.83
C ILE C 189 -20.59 -0.64 3.22
N ASP C 190 -20.90 0.66 3.17
CA ASP C 190 -19.91 1.63 2.72
C ASP C 190 -18.68 1.63 3.62
N ALA C 191 -18.88 1.52 4.95
CA ALA C 191 -17.74 1.43 5.86
C ALA C 191 -16.99 0.12 5.68
N VAL C 192 -17.72 -1.00 5.57
CA VAL C 192 -17.09 -2.28 5.28
C VAL C 192 -16.27 -2.19 4.01
N THR C 193 -16.80 -1.53 2.99
CA THR C 193 -16.06 -1.34 1.74
C THR C 193 -14.70 -0.71 1.99
N GLY C 194 -14.64 0.28 2.87
CA GLY C 194 -13.39 0.95 3.15
C GLY C 194 -12.43 0.10 3.95
N LEU C 195 -12.94 -0.90 4.68
CA LEU C 195 -12.09 -1.74 5.53
C LEU C 195 -11.71 -3.03 4.81
N SER C 196 -12.65 -3.98 4.65
CA SER C 196 -12.28 -5.25 4.02
C SER C 196 -12.41 -5.25 2.50
N GLY C 197 -13.22 -4.36 1.93
CA GLY C 197 -13.30 -4.31 0.48
C GLY C 197 -12.03 -3.78 -0.15
N SER C 198 -11.51 -2.66 0.37
CA SER C 198 -10.27 -2.07 -0.09
C SER C 198 -9.06 -2.66 0.60
N GLY C 199 -9.26 -3.32 1.75
CA GLY C 199 -8.20 -3.85 2.58
C GLY C 199 -7.08 -4.59 1.88
N PRO C 200 -7.42 -5.52 0.98
CA PRO C 200 -6.35 -6.28 0.30
C PRO C 200 -5.34 -5.40 -0.41
N ALA C 201 -5.79 -4.30 -1.02
CA ALA C 201 -4.85 -3.36 -1.65
C ALA C 201 -3.95 -2.69 -0.62
N TYR C 202 -4.49 -2.34 0.55
CA TYR C 202 -3.63 -1.81 1.62
C TYR C 202 -2.56 -2.84 1.96
N ALA C 203 -2.94 -4.12 1.97
CA ALA C 203 -2.01 -5.20 2.32
C ALA C 203 -0.97 -5.43 1.23
N PHE C 204 -1.37 -5.40 -0.04
CA PHE C 204 -0.40 -5.58 -1.11
C PHE C 204 0.62 -4.45 -1.11
N THR C 205 0.18 -3.22 -0.86
CA THR C 205 1.09 -2.08 -0.75
C THR C 205 2.07 -2.29 0.40
N ALA C 206 1.55 -2.68 1.57
CA ALA C 206 2.39 -2.94 2.73
C ALA C 206 3.40 -4.05 2.45
N LEU C 207 2.98 -5.11 1.76
CA LEU C 207 3.86 -6.25 1.54
C LEU C 207 4.98 -5.91 0.56
N ASP C 208 4.64 -5.12 -0.46
CA ASP C 208 5.66 -4.58 -1.38
C ASP C 208 6.68 -3.74 -0.63
N ALA C 209 6.21 -2.88 0.28
CA ALA C 209 7.12 -2.01 1.03
C ALA C 209 7.94 -2.80 2.04
N LEU C 210 7.31 -3.75 2.75
CA LEU C 210 8.07 -4.58 3.67
C LEU C 210 9.14 -5.36 2.95
N ALA C 211 8.84 -5.82 1.72
CA ALA C 211 9.85 -6.52 0.94
C ALA C 211 10.98 -5.59 0.51
N ASP C 212 10.65 -4.36 0.10
CA ASP C 212 11.69 -3.36 -0.15
C ASP C 212 12.57 -3.17 1.08
N GLY C 213 11.97 -3.14 2.27
CA GLY C 213 12.77 -3.01 3.48
C GLY C 213 13.71 -4.19 3.67
N GLY C 214 13.20 -5.41 3.51
CA GLY C 214 14.06 -6.58 3.55
C GLY C 214 15.20 -6.51 2.54
N VAL C 215 14.88 -6.05 1.32
CA VAL C 215 15.92 -5.94 0.31
C VAL C 215 16.94 -4.88 0.70
N LYS C 216 16.49 -3.78 1.30
CA LYS C 216 17.44 -2.75 1.73
C LYS C 216 18.42 -3.31 2.74
N MET C 217 17.96 -4.19 3.62
CA MET C 217 18.82 -4.79 4.63
C MET C 217 19.51 -6.08 4.16
N GLY C 218 19.43 -6.40 2.87
CA GLY C 218 20.26 -7.42 2.29
C GLY C 218 19.60 -8.73 1.90
N LEU C 219 18.26 -8.83 2.01
CA LEU C 219 17.59 -10.08 1.64
C LEU C 219 17.32 -10.13 0.13
N PRO C 220 17.36 -11.32 -0.46
CA PRO C 220 16.89 -11.44 -1.84
C PRO C 220 15.42 -11.08 -1.90
N ARG C 221 15.01 -10.54 -3.05
CA ARG C 221 13.63 -10.07 -3.20
CA ARG C 221 13.62 -10.07 -3.19
C ARG C 221 12.63 -11.21 -2.99
N ARG C 222 12.86 -12.34 -3.66
CA ARG C 222 11.92 -13.47 -3.58
C ARG C 222 11.69 -13.87 -2.12
N LEU C 223 12.77 -14.01 -1.36
CA LEU C 223 12.69 -14.42 0.04
C LEU C 223 12.02 -13.35 0.89
N ALA C 224 12.36 -12.08 0.66
CA ALA C 224 11.72 -10.99 1.41
C ALA C 224 10.21 -10.99 1.20
N VAL C 225 9.74 -11.14 -0.05
CA VAL C 225 8.29 -11.14 -0.28
C VAL C 225 7.63 -12.30 0.46
N ARG C 226 8.27 -13.47 0.44
CA ARG C 226 7.71 -14.65 1.10
C ARG C 226 7.62 -14.45 2.61
N LEU C 227 8.71 -13.95 3.22
CA LEU C 227 8.73 -13.75 4.67
C LEU C 227 7.72 -12.70 5.11
N GLY C 228 7.62 -11.60 4.37
CA GLY C 228 6.67 -10.57 4.73
C GLY C 228 5.22 -11.05 4.64
N ALA C 229 4.90 -11.76 3.56
CA ALA C 229 3.54 -12.28 3.40
C ALA C 229 3.22 -13.32 4.48
N GLN C 230 4.16 -14.22 4.76
CA GLN C 230 3.92 -15.21 5.82
C GLN C 230 3.74 -14.54 7.17
N ALA C 231 4.49 -13.47 7.44
CA ALA C 231 4.37 -12.79 8.72
C ALA C 231 2.99 -12.15 8.86
N LEU C 232 2.53 -11.49 7.80
CA LEU C 232 1.19 -10.91 7.79
C LEU C 232 0.12 -11.99 7.98
N LEU C 233 0.21 -13.09 7.22
CA LEU C 233 -0.79 -14.15 7.35
C LEU C 233 -0.78 -14.74 8.75
N GLY C 234 0.39 -15.02 9.28
CA GLY C 234 0.46 -15.60 10.62
C GLY C 234 -0.11 -14.69 11.67
N ALA C 235 0.28 -13.40 11.65
CA ALA C 235 -0.25 -12.45 12.61
C ALA C 235 -1.76 -12.34 12.52
N ALA C 236 -2.30 -12.30 11.31
CA ALA C 236 -3.75 -12.17 11.16
C ALA C 236 -4.47 -13.40 11.70
N LYS C 237 -3.95 -14.59 11.40
CA LYS C 237 -4.54 -15.82 11.94
C LYS C 237 -4.45 -15.84 13.46
N MET C 238 -3.32 -15.41 14.01
CA MET C 238 -3.17 -15.32 15.47
C MET C 238 -4.30 -14.50 16.09
N LEU C 239 -4.55 -13.31 15.52
CA LEU C 239 -5.58 -12.43 16.07
C LEU C 239 -6.96 -13.05 15.95
N LEU C 240 -7.27 -13.63 14.78
CA LEU C 240 -8.56 -14.28 14.60
C LEU C 240 -8.76 -15.41 15.58
N HIS C 241 -7.70 -16.10 16.00
CA HIS C 241 -7.83 -17.24 16.89
C HIS C 241 -7.59 -16.89 18.35
N SER C 242 -7.35 -15.63 18.67
CA SER C 242 -6.98 -15.23 20.02
C SER C 242 -8.13 -14.47 20.68
N GLU C 243 -8.25 -14.63 21.99
CA GLU C 243 -9.21 -13.88 22.79
C GLU C 243 -8.63 -12.58 23.34
N GLN C 244 -7.50 -12.14 22.79
CA GLN C 244 -6.79 -10.99 23.34
C GLN C 244 -6.86 -9.80 22.38
N HIS C 245 -6.69 -8.62 22.95
CA HIS C 245 -6.64 -7.41 22.16
C HIS C 245 -5.37 -7.39 21.31
N PRO C 246 -5.45 -6.85 20.08
CA PRO C 246 -4.24 -6.77 19.25
C PRO C 246 -3.10 -6.00 19.89
N GLY C 247 -3.40 -5.03 20.76
CA GLY C 247 -2.33 -4.37 21.50
C GLY C 247 -1.65 -5.30 22.49
N GLN C 248 -2.40 -6.26 23.04
CA GLN C 248 -1.78 -7.26 23.91
C GLN C 248 -0.87 -8.18 23.12
N LEU C 249 -1.30 -8.59 21.91
CA LEU C 249 -0.44 -9.44 21.09
C LEU C 249 0.80 -8.68 20.65
N LYS C 250 0.66 -7.38 20.38
CA LYS C 250 1.81 -6.54 20.09
C LYS C 250 2.75 -6.46 21.28
N ASP C 251 2.21 -6.32 22.49
CA ASP C 251 3.05 -6.31 23.68
C ASP C 251 3.84 -7.61 23.82
N ASN C 252 3.21 -8.75 23.52
CA ASN C 252 3.86 -10.04 23.72
C ASN C 252 5.05 -10.24 22.80
N VAL C 253 5.11 -9.55 21.66
CA VAL C 253 6.24 -9.75 20.74
C VAL C 253 7.39 -8.76 20.96
N SER C 254 7.15 -7.61 21.58
CA SER C 254 8.20 -6.62 21.79
C SER C 254 8.91 -6.89 23.12
N SER C 255 10.10 -7.49 23.07
CA SER C 255 10.89 -7.65 24.27
C SER C 255 11.51 -6.30 24.67
N PRO C 256 11.73 -6.07 25.96
CA PRO C 256 12.18 -4.75 26.42
C PRO C 256 13.54 -4.39 25.84
N GLY C 257 13.66 -3.15 25.35
CA GLY C 257 14.86 -2.65 24.71
C GLY C 257 15.21 -3.28 23.38
N GLY C 258 14.35 -4.13 22.83
CA GLY C 258 14.70 -4.97 21.69
C GLY C 258 14.41 -4.35 20.34
N ALA C 259 14.61 -5.17 19.31
CA ALA C 259 14.51 -4.69 17.93
C ALA C 259 13.08 -4.30 17.57
N THR C 260 12.10 -5.05 18.07
CA THR C 260 10.72 -4.84 17.66
C THR C 260 10.19 -3.51 18.18
N ILE C 261 10.39 -3.22 19.47
CA ILE C 261 9.88 -1.96 20.01
C ILE C 261 10.60 -0.77 19.37
N HIS C 262 11.87 -0.93 18.99
CA HIS C 262 12.53 0.14 18.23
C HIS C 262 11.87 0.34 16.88
N ALA C 263 11.48 -0.75 16.22
CA ALA C 263 10.82 -0.62 14.93
C ALA C 263 9.41 -0.04 15.09
N LEU C 264 8.70 -0.45 16.12
CA LEU C 264 7.37 0.13 16.38
C LEU C 264 7.48 1.64 16.61
N HIS C 265 8.57 2.11 17.21
CA HIS C 265 8.70 3.54 17.46
C HIS C 265 8.73 4.32 16.15
N VAL C 266 9.54 3.86 15.19
CA VAL C 266 9.63 4.63 13.95
C VAL C 266 8.30 4.58 13.17
N LEU C 267 7.51 3.51 13.33
CA LEU C 267 6.16 3.51 12.74
C LEU C 267 5.29 4.58 13.39
N GLU C 268 5.33 4.66 14.73
CA GLU C 268 4.54 5.67 15.43
C GLU C 268 4.96 7.08 15.05
N SER C 269 6.27 7.29 14.84
CA SER C 269 6.75 8.63 14.53
C SER C 269 6.25 9.12 13.19
N GLY C 270 5.95 8.22 12.25
CA GLY C 270 5.38 8.62 10.98
C GLY C 270 3.87 8.67 10.94
N GLY C 271 3.20 8.46 12.08
CA GLY C 271 1.74 8.40 12.08
C GLY C 271 1.17 7.21 11.35
N PHE C 272 1.85 6.06 11.41
CA PHE C 272 1.43 4.83 10.73
C PHE C 272 -0.05 4.52 10.98
N ARG C 273 -0.46 4.56 12.25
CA ARG C 273 -1.85 4.26 12.58
C ARG C 273 -2.80 5.23 11.90
N SER C 274 -2.47 6.53 11.91
CA SER C 274 -3.37 7.52 11.33
C SER C 274 -3.52 7.32 9.83
N LEU C 275 -2.48 6.84 9.15
CA LEU C 275 -2.57 6.63 7.71
C LEU C 275 -3.59 5.55 7.38
N LEU C 276 -3.67 4.49 8.19
CA LEU C 276 -4.64 3.44 7.93
C LEU C 276 -6.05 3.88 8.27
N ILE C 277 -6.22 4.70 9.32
CA ILE C 277 -7.54 5.30 9.56
C ILE C 277 -7.93 6.19 8.38
N ASN C 278 -6.99 7.00 7.90
CA ASN C 278 -7.23 7.87 6.75
C ASN C 278 -7.72 7.06 5.53
N ALA C 279 -7.11 5.90 5.30
CA ALA C 279 -7.44 5.06 4.14
C ALA C 279 -8.85 4.52 4.24
N VAL C 280 -9.20 3.89 5.37
CA VAL C 280 -10.57 3.40 5.56
C VAL C 280 -11.56 4.54 5.37
N GLU C 281 -11.28 5.70 5.94
CA GLU C 281 -12.19 6.84 5.82
C GLU C 281 -12.30 7.31 4.38
N ALA C 282 -11.16 7.45 3.69
CA ALA C 282 -11.17 7.95 2.32
C ALA C 282 -11.92 7.00 1.38
N SER C 283 -11.74 5.68 1.58
CA SER C 283 -12.46 4.71 0.76
C SER C 283 -13.97 4.76 1.04
N CYS C 284 -14.35 4.82 2.30
CA CYS C 284 -15.77 4.91 2.65
C CYS C 284 -16.41 6.18 2.10
N ILE C 285 -15.73 7.31 2.24
CA ILE C 285 -16.27 8.59 1.75
C ILE C 285 -16.43 8.55 0.24
N ARG C 286 -15.46 7.99 -0.47
CA ARG C 286 -15.56 7.89 -1.92
C ARG C 286 -16.73 6.98 -2.32
N THR C 287 -16.93 5.89 -1.59
CA THR C 287 -18.04 4.98 -1.87
C THR C 287 -19.36 5.71 -1.75
N ARG C 288 -19.49 6.60 -0.77
CA ARG C 288 -20.70 7.42 -0.66
C ARG C 288 -20.82 8.40 -1.82
N GLU C 289 -19.71 9.01 -2.24
CA GLU C 289 -19.72 9.94 -3.36
C GLU C 289 -20.14 9.25 -4.66
N LEU C 290 -19.61 8.05 -4.91
CA LEU C 290 -19.95 7.34 -6.13
C LEU C 290 -21.45 7.12 -6.23
N GLN C 291 -22.12 6.83 -5.12
CA GLN C 291 -23.55 6.60 -5.15
C GLN C 291 -24.33 7.90 -5.26
N SER C 292 -23.90 8.96 -4.57
CA SER C 292 -24.56 10.24 -4.68
C SER C 292 -24.51 10.77 -6.12
N MET C 293 -23.49 10.39 -6.88
CA MET C 293 -23.46 10.74 -8.29
C MET C 293 -24.44 9.91 -9.10
N ALA C 294 -24.55 8.62 -8.79
CA ALA C 294 -25.51 7.77 -9.49
C ALA C 294 -26.94 8.19 -9.20
N ASP C 295 -27.22 8.57 -7.95
CA ASP C 295 -28.56 9.05 -7.60
C ASP C 295 -28.88 10.39 -8.26
N GLN C 296 -27.86 11.15 -8.65
CA GLN C 296 -28.06 12.42 -9.33
C GLN C 296 -28.05 12.22 -10.85
N MET D 23 11.99 -38.84 19.58
CA MET D 23 12.81 -37.65 19.77
C MET D 23 12.33 -36.82 20.95
N SER D 24 13.27 -36.38 21.78
CA SER D 24 12.99 -35.57 22.96
C SER D 24 13.48 -34.15 22.70
N VAL D 25 12.64 -33.17 23.05
CA VAL D 25 12.91 -31.77 22.78
C VAL D 25 12.94 -31.01 24.09
N GLY D 26 13.84 -30.05 24.19
CA GLY D 26 13.99 -29.27 25.41
C GLY D 26 13.97 -27.78 25.12
N PHE D 27 13.45 -27.03 26.08
CA PHE D 27 13.41 -25.58 26.03
C PHE D 27 14.10 -25.02 27.26
N ILE D 28 15.16 -24.26 27.06
CA ILE D 28 15.74 -23.46 28.13
C ILE D 28 15.13 -22.07 28.04
N GLY D 29 14.31 -21.73 29.04
CA GLY D 29 13.39 -20.62 28.92
C GLY D 29 12.00 -21.16 28.65
N ALA D 30 11.00 -20.69 29.39
CA ALA D 30 9.63 -21.16 29.26
C ALA D 30 8.68 -19.98 29.06
N GLY D 31 9.04 -19.10 28.13
CA GLY D 31 8.27 -17.91 27.85
C GLY D 31 7.43 -18.05 26.61
N GLN D 32 7.10 -16.90 26.01
CA GLN D 32 6.18 -16.87 24.87
C GLN D 32 6.69 -17.73 23.72
N LEU D 33 7.99 -17.70 23.44
CA LEU D 33 8.52 -18.47 22.32
C LEU D 33 8.52 -19.96 22.59
N ALA D 34 8.81 -20.36 23.83
CA ALA D 34 8.77 -21.78 24.16
C ALA D 34 7.33 -22.29 24.14
N PHE D 35 6.42 -21.54 24.76
CA PHE D 35 5.01 -21.91 24.69
C PHE D 35 4.54 -21.97 23.23
N ALA D 36 4.88 -20.95 22.44
CA ALA D 36 4.42 -20.92 21.06
C ALA D 36 4.92 -22.12 20.27
N LEU D 37 6.22 -22.42 20.36
CA LEU D 37 6.77 -23.56 19.63
C LEU D 37 6.20 -24.87 20.15
N ALA D 38 6.15 -25.03 21.48
CA ALA D 38 5.60 -26.26 22.06
C ALA D 38 4.14 -26.46 21.67
N LYS D 39 3.36 -25.37 21.67
CA LYS D 39 1.95 -25.50 21.29
C LYS D 39 1.81 -25.88 19.82
N GLY D 40 2.59 -25.25 18.94
CA GLY D 40 2.53 -25.60 17.54
C GLY D 40 3.01 -27.00 17.25
N PHE D 41 4.10 -27.42 17.90
CA PHE D 41 4.62 -28.77 17.71
C PHE D 41 3.59 -29.82 18.10
N THR D 42 2.94 -29.64 19.24
CA THR D 42 1.96 -30.62 19.70
C THR D 42 0.66 -30.52 18.92
N ALA D 43 0.31 -29.34 18.43
CA ALA D 43 -0.85 -29.23 17.54
C ALA D 43 -0.56 -29.89 16.21
N ALA D 44 0.66 -29.74 15.70
CA ALA D 44 1.05 -30.40 14.46
C ALA D 44 1.07 -31.92 14.60
N GLY D 45 1.15 -32.43 15.83
CA GLY D 45 1.25 -33.86 16.03
C GLY D 45 2.61 -34.43 15.73
N VAL D 46 3.64 -33.60 15.66
CA VAL D 46 4.98 -34.12 15.45
C VAL D 46 5.65 -34.52 16.76
N LEU D 47 5.19 -33.99 17.89
CA LEU D 47 5.74 -34.33 19.20
C LEU D 47 4.61 -34.48 20.20
N ALA D 48 4.72 -35.48 21.06
CA ALA D 48 3.86 -35.60 22.23
C ALA D 48 4.33 -34.64 23.30
N ALA D 49 3.37 -34.05 24.03
CA ALA D 49 3.72 -33.04 25.04
C ALA D 49 4.63 -33.60 26.12
N HIS D 50 4.46 -34.87 26.49
CA HIS D 50 5.31 -35.45 27.52
C HIS D 50 6.76 -35.62 27.07
N LYS D 51 7.03 -35.52 25.76
CA LYS D 51 8.38 -35.57 25.23
C LYS D 51 9.04 -34.20 25.18
N ILE D 52 8.40 -33.18 25.75
CA ILE D 52 8.91 -31.82 25.79
C ILE D 52 9.19 -31.46 27.24
N MET D 53 10.41 -31.02 27.53
CA MET D 53 10.75 -30.48 28.84
C MET D 53 11.14 -29.02 28.68
N ALA D 54 10.67 -28.18 29.59
CA ALA D 54 10.99 -26.77 29.59
C ALA D 54 11.47 -26.37 30.97
N SER D 55 12.50 -25.54 31.01
CA SER D 55 13.02 -24.98 32.25
C SER D 55 12.91 -23.47 32.21
N SER D 56 12.77 -22.87 33.40
CA SER D 56 12.64 -21.44 33.50
C SER D 56 13.16 -21.02 34.87
N PRO D 57 13.87 -19.89 34.97
CA PRO D 57 14.28 -19.40 36.28
C PRO D 57 13.13 -18.88 37.12
N ASP D 58 11.92 -18.85 36.57
CA ASP D 58 10.73 -18.32 37.25
C ASP D 58 9.57 -19.23 36.88
N MET D 59 9.18 -20.11 37.80
CA MET D 59 8.12 -21.07 37.57
C MET D 59 6.74 -20.52 37.89
N ASP D 60 6.55 -19.20 37.82
CA ASP D 60 5.27 -18.57 38.12
C ASP D 60 4.70 -17.81 36.93
N LEU D 61 5.36 -17.88 35.77
CA LEU D 61 4.86 -17.20 34.58
C LEU D 61 3.52 -17.81 34.17
N ALA D 62 2.73 -17.02 33.44
CA ALA D 62 1.51 -17.55 32.86
C ALA D 62 1.82 -18.59 31.79
N THR D 63 2.97 -18.47 31.13
CA THR D 63 3.38 -19.44 30.13
C THR D 63 3.68 -20.79 30.76
N VAL D 64 4.29 -20.79 31.95
CA VAL D 64 4.59 -22.04 32.63
C VAL D 64 3.30 -22.76 33.01
N SER D 65 2.31 -22.03 33.52
CA SER D 65 1.04 -22.66 33.87
C SER D 65 0.35 -23.24 32.64
N ALA D 66 0.45 -22.56 31.51
CA ALA D 66 -0.14 -23.07 30.27
C ALA D 66 0.61 -24.31 29.78
N LEU D 67 1.94 -24.33 29.94
CA LEU D 67 2.71 -25.50 29.53
C LEU D 67 2.34 -26.72 30.36
N ARG D 68 2.15 -26.54 31.67
CA ARG D 68 1.80 -27.67 32.53
C ARG D 68 0.49 -28.31 32.10
N LYS D 69 -0.53 -27.49 31.82
CA LYS D 69 -1.81 -28.01 31.40
C LYS D 69 -1.71 -28.71 30.05
N MET D 70 -0.74 -28.30 29.22
CA MET D 70 -0.56 -28.91 27.91
C MET D 70 0.05 -30.30 28.00
N GLY D 71 0.71 -30.63 29.11
CA GLY D 71 1.39 -31.90 29.28
C GLY D 71 2.89 -31.81 29.23
N VAL D 72 3.44 -30.61 29.08
CA VAL D 72 4.89 -30.42 29.00
C VAL D 72 5.50 -30.58 30.38
N LYS D 73 6.62 -31.30 30.45
CA LYS D 73 7.36 -31.40 31.69
C LYS D 73 8.06 -30.08 32.00
N LEU D 74 7.99 -29.66 33.26
CA LEU D 74 8.56 -28.40 33.69
C LEU D 74 9.49 -28.65 34.87
N THR D 75 10.66 -28.02 34.83
CA THR D 75 11.67 -28.17 35.87
C THR D 75 12.38 -26.84 36.06
N PRO D 76 12.84 -26.54 37.28
CA PRO D 76 13.60 -25.30 37.50
C PRO D 76 15.08 -25.42 37.16
N HIS D 77 15.57 -26.60 36.81
CA HIS D 77 16.99 -26.85 36.62
C HIS D 77 17.29 -27.03 35.14
N ASN D 78 18.06 -26.09 34.57
CA ASN D 78 18.47 -26.19 33.17
C ASN D 78 19.22 -27.49 32.88
N LYS D 79 19.97 -28.02 33.86
CA LYS D 79 20.72 -29.25 33.61
C LYS D 79 19.79 -30.43 33.36
N GLU D 80 18.62 -30.44 34.01
CA GLU D 80 17.65 -31.50 33.77
C GLU D 80 17.13 -31.46 32.33
N THR D 81 16.93 -30.25 31.80
CA THR D 81 16.45 -30.11 30.43
C THR D 81 17.49 -30.63 29.43
N VAL D 82 18.76 -30.27 29.63
CA VAL D 82 19.83 -30.77 28.77
C VAL D 82 19.83 -32.29 28.76
N GLN D 83 19.69 -32.91 29.93
CA GLN D 83 19.77 -34.36 29.99
C GLN D 83 18.53 -35.03 29.40
N HIS D 84 17.37 -34.37 29.47
CA HIS D 84 16.15 -34.93 28.92
C HIS D 84 16.17 -34.94 27.40
N SER D 85 16.75 -33.92 26.78
CA SER D 85 16.42 -33.58 25.40
C SER D 85 17.47 -34.07 24.41
N ASP D 86 17.01 -34.26 23.17
CA ASP D 86 17.88 -34.45 22.00
C ASP D 86 18.09 -33.12 21.28
N VAL D 87 17.01 -32.46 20.88
CA VAL D 87 17.06 -31.11 20.36
C VAL D 87 16.88 -30.15 21.53
N LEU D 88 17.79 -29.19 21.67
CA LEU D 88 17.77 -28.23 22.76
C LEU D 88 17.61 -26.83 22.20
N PHE D 89 16.43 -26.24 22.39
CA PHE D 89 16.15 -24.86 22.00
C PHE D 89 16.58 -23.90 23.09
N LEU D 90 17.23 -22.82 22.71
CA LEU D 90 17.60 -21.76 23.64
C LEU D 90 16.63 -20.59 23.45
N ALA D 91 15.58 -20.55 24.24
CA ALA D 91 14.51 -19.55 24.12
C ALA D 91 14.60 -18.51 25.22
N VAL D 92 15.81 -18.08 25.55
CA VAL D 92 16.03 -17.07 26.56
C VAL D 92 16.33 -15.75 25.87
N LYS D 93 16.35 -14.67 26.66
CA LYS D 93 16.71 -13.37 26.11
C LYS D 93 18.13 -13.42 25.56
N PRO D 94 18.44 -12.62 24.54
CA PRO D 94 19.79 -12.69 23.93
C PRO D 94 20.94 -12.60 24.93
N HIS D 95 20.89 -11.66 25.87
CA HIS D 95 22.01 -11.49 26.79
C HIS D 95 22.10 -12.59 27.84
N ILE D 96 21.09 -13.45 27.95
CA ILE D 96 21.17 -14.56 28.88
C ILE D 96 21.94 -15.74 28.30
N ILE D 97 22.14 -15.77 26.98
CA ILE D 97 22.75 -16.93 26.33
C ILE D 97 24.15 -17.24 26.86
N PRO D 98 25.07 -16.27 26.99
CA PRO D 98 26.41 -16.63 27.50
C PRO D 98 26.39 -17.20 28.91
N PHE D 99 25.47 -16.75 29.76
CA PHE D 99 25.37 -17.36 31.09
C PHE D 99 24.76 -18.76 31.02
N ILE D 100 23.85 -18.98 30.07
CA ILE D 100 23.30 -20.33 29.87
C ILE D 100 24.38 -21.27 29.37
N LEU D 101 25.12 -20.86 28.33
CA LEU D 101 26.12 -21.74 27.73
C LEU D 101 27.18 -22.14 28.76
N ASP D 102 27.56 -21.23 29.64
CA ASP D 102 28.51 -21.59 30.68
C ASP D 102 27.89 -22.51 31.73
N GLU D 103 26.57 -22.39 31.95
CA GLU D 103 25.91 -23.17 32.98
C GLU D 103 25.81 -24.64 32.58
N ILE D 104 25.57 -24.92 31.30
CA ILE D 104 25.27 -26.27 30.86
C ILE D 104 26.24 -26.77 29.81
N GLY D 105 27.32 -26.02 29.56
CA GLY D 105 28.27 -26.44 28.53
C GLY D 105 28.85 -27.82 28.77
N ALA D 106 29.16 -28.13 30.03
CA ALA D 106 29.74 -29.43 30.33
C ALA D 106 28.70 -30.56 30.28
N ASP D 107 27.42 -30.22 30.22
CA ASP D 107 26.37 -31.22 30.13
C ASP D 107 25.99 -31.53 28.69
N ILE D 108 26.60 -30.84 27.71
CA ILE D 108 26.32 -31.13 26.32
C ILE D 108 26.99 -32.44 25.93
N GLU D 109 26.23 -33.33 25.30
CA GLU D 109 26.70 -34.63 24.86
C GLU D 109 26.76 -34.68 23.34
N ASP D 110 27.24 -35.81 22.81
CA ASP D 110 27.38 -35.95 21.36
C ASP D 110 26.04 -35.87 20.64
N ARG D 111 24.96 -36.32 21.29
CA ARG D 111 23.67 -36.42 20.64
C ARG D 111 22.96 -35.09 20.50
N HIS D 112 23.45 -34.03 21.12
CA HIS D 112 22.69 -32.78 21.20
C HIS D 112 22.79 -31.96 19.94
N ILE D 113 21.65 -31.39 19.53
CA ILE D 113 21.61 -30.30 18.59
C ILE D 113 21.13 -29.08 19.36
N VAL D 114 21.98 -28.05 19.45
CA VAL D 114 21.64 -26.83 20.15
C VAL D 114 21.08 -25.84 19.13
N VAL D 115 19.85 -25.39 19.38
CA VAL D 115 19.15 -24.51 18.47
C VAL D 115 18.92 -23.19 19.19
N SER D 116 19.70 -22.17 18.81
CA SER D 116 19.55 -20.85 19.40
C SER D 116 18.42 -20.09 18.71
N CYS D 117 17.46 -19.60 19.48
CA CYS D 117 16.41 -18.74 18.96
C CYS D 117 16.64 -17.27 19.29
N ALA D 118 17.74 -16.95 19.95
CA ALA D 118 17.97 -15.58 20.41
C ALA D 118 18.34 -14.66 19.24
N ALA D 119 17.64 -13.54 19.15
CA ALA D 119 17.97 -12.54 18.13
C ALA D 119 19.41 -12.06 18.30
N GLY D 120 20.11 -11.91 17.18
CA GLY D 120 21.43 -11.32 17.18
C GLY D 120 22.58 -12.26 17.48
N VAL D 121 22.37 -13.25 18.36
CA VAL D 121 23.47 -14.06 18.89
C VAL D 121 24.01 -14.96 17.79
N THR D 122 25.30 -14.82 17.49
CA THR D 122 25.92 -15.47 16.34
C THR D 122 26.30 -16.91 16.64
N ILE D 123 26.37 -17.71 15.58
CA ILE D 123 26.79 -19.10 15.73
C ILE D 123 28.19 -19.15 16.34
N SER D 124 29.09 -18.28 15.87
CA SER D 124 30.46 -18.30 16.36
C SER D 124 30.53 -18.09 17.86
N SER D 125 29.72 -17.18 18.41
CA SER D 125 29.76 -16.92 19.84
C SER D 125 29.32 -18.16 20.63
N ILE D 126 28.27 -18.84 20.15
CA ILE D 126 27.77 -20.03 20.83
C ILE D 126 28.78 -21.17 20.72
N GLU D 127 29.30 -21.40 19.51
CA GLU D 127 30.28 -22.46 19.32
C GLU D 127 31.52 -22.23 20.17
N LYS D 128 31.94 -20.97 20.28
CA LYS D 128 33.15 -20.68 21.05
C LYS D 128 32.96 -21.04 22.53
N LYS D 129 31.80 -20.70 23.09
CA LYS D 129 31.56 -20.99 24.50
C LYS D 129 31.34 -22.49 24.73
N LEU D 130 30.62 -23.16 23.83
CA LEU D 130 30.42 -24.59 24.00
C LEU D 130 31.68 -25.39 23.72
N SER D 131 32.51 -24.94 22.76
CA SER D 131 33.70 -25.70 22.40
C SER D 131 34.71 -25.78 23.54
N ALA D 132 34.66 -24.84 24.50
CA ALA D 132 35.56 -24.92 25.64
C ALA D 132 35.30 -26.16 26.49
N PHE D 133 34.12 -26.75 26.41
CA PHE D 133 33.78 -27.94 27.19
C PHE D 133 34.02 -29.21 26.38
N ARG D 134 33.24 -29.43 25.33
CA ARG D 134 33.45 -30.54 24.42
C ARG D 134 33.64 -30.02 23.00
N PRO D 135 34.47 -30.68 22.20
CA PRO D 135 34.66 -30.23 20.82
C PRO D 135 33.46 -30.60 19.95
N ALA D 136 33.37 -29.89 18.83
CA ALA D 136 32.34 -30.09 17.80
C ALA D 136 30.90 -30.01 18.30
N PRO D 137 30.49 -28.95 18.99
CA PRO D 137 29.07 -28.78 19.30
C PRO D 137 28.26 -28.60 18.02
N ARG D 138 27.08 -29.25 17.98
CA ARG D 138 26.18 -29.13 16.84
C ARG D 138 25.21 -27.99 17.10
N VAL D 139 25.41 -26.86 16.41
CA VAL D 139 24.69 -25.63 16.68
C VAL D 139 23.89 -25.22 15.45
N ILE D 140 22.63 -24.87 15.67
CA ILE D 140 21.79 -24.25 14.65
C ILE D 140 21.29 -22.93 15.20
N ARG D 141 21.32 -21.89 14.37
CA ARG D 141 20.74 -20.61 14.72
C ARG D 141 19.46 -20.43 13.92
N CYS D 142 18.37 -20.09 14.59
CA CYS D 142 17.13 -19.85 13.89
C CYS D 142 16.54 -18.51 14.32
N MET D 143 15.67 -18.00 13.45
CA MET D 143 14.82 -16.86 13.77
C MET D 143 13.42 -17.25 13.36
N THR D 144 12.52 -17.32 14.34
CA THR D 144 11.14 -17.70 14.12
C THR D 144 10.26 -16.57 14.64
N ASN D 145 8.96 -16.79 14.69
CA ASN D 145 8.07 -15.75 15.20
C ASN D 145 6.89 -16.43 15.90
N THR D 146 6.10 -15.61 16.59
CA THR D 146 5.04 -16.13 17.46
C THR D 146 3.92 -16.85 16.71
N PRO D 147 3.60 -16.53 15.43
CA PRO D 147 2.49 -17.27 14.78
C PRO D 147 2.72 -18.77 14.61
N VAL D 148 3.86 -19.30 15.03
CA VAL D 148 3.97 -20.76 15.08
C VAL D 148 2.91 -21.36 16.00
N VAL D 149 2.41 -20.57 16.95
CA VAL D 149 1.40 -21.04 17.88
C VAL D 149 0.10 -21.41 17.16
N VAL D 150 -0.13 -20.86 15.97
CA VAL D 150 -1.22 -21.27 15.08
C VAL D 150 -0.68 -21.92 13.80
N ARG D 151 0.55 -22.45 13.87
CA ARG D 151 1.18 -23.21 12.79
C ARG D 151 1.31 -22.41 11.49
N GLU D 152 1.50 -21.10 11.59
CA GLU D 152 1.76 -20.25 10.42
C GLU D 152 2.95 -19.34 10.67
N GLY D 153 3.97 -19.86 11.33
CA GLY D 153 5.15 -19.07 11.57
C GLY D 153 5.97 -18.85 10.31
N ALA D 154 6.96 -17.99 10.44
CA ALA D 154 7.98 -17.78 9.42
C ALA D 154 9.33 -18.04 10.10
N THR D 155 10.00 -19.10 9.70
CA THR D 155 11.24 -19.52 10.35
C THR D 155 12.36 -19.59 9.32
N VAL D 156 13.52 -19.00 9.65
CA VAL D 156 14.74 -19.28 8.92
C VAL D 156 15.76 -19.87 9.89
N TYR D 157 16.66 -20.67 9.37
CA TYR D 157 17.71 -21.24 10.22
C TYR D 157 19.02 -21.24 9.44
N ALA D 158 20.11 -21.22 10.18
CA ALA D 158 21.44 -21.38 9.59
C ALA D 158 22.20 -22.42 10.40
N THR D 159 23.06 -23.17 9.71
CA THR D 159 23.74 -24.32 10.33
C THR D 159 25.15 -23.94 10.77
N GLY D 160 25.53 -24.43 11.95
CA GLY D 160 26.86 -24.19 12.47
C GLY D 160 27.90 -25.06 11.80
N THR D 161 29.12 -24.99 12.32
CA THR D 161 30.26 -25.63 11.67
C THR D 161 30.17 -27.15 11.71
N HIS D 162 29.67 -27.70 12.81
CA HIS D 162 29.62 -29.14 13.03
C HIS D 162 28.21 -29.69 12.89
N ALA D 163 27.27 -28.84 12.48
CA ALA D 163 25.90 -29.27 12.27
C ALA D 163 25.85 -29.99 10.92
N GLN D 164 25.90 -31.32 10.99
CA GLN D 164 25.91 -32.15 9.80
C GLN D 164 24.66 -31.94 8.97
N VAL D 165 24.73 -32.37 7.71
CA VAL D 165 23.64 -32.12 6.76
C VAL D 165 22.31 -32.66 7.29
N GLU D 166 22.36 -33.76 8.04
CA GLU D 166 21.14 -34.32 8.61
C GLU D 166 20.53 -33.41 9.67
N ASP D 167 21.35 -32.64 10.37
CA ASP D 167 20.86 -31.77 11.44
C ASP D 167 19.99 -30.65 10.87
N GLY D 168 20.44 -30.01 9.80
CA GLY D 168 19.62 -28.99 9.17
C GLY D 168 18.35 -29.56 8.57
N ARG D 169 18.48 -30.70 7.88
CA ARG D 169 17.30 -31.37 7.33
C ARG D 169 16.30 -31.72 8.42
N LEU D 170 16.79 -32.23 9.55
CA LEU D 170 15.92 -32.49 10.69
C LEU D 170 15.30 -31.20 11.20
N MET D 171 16.13 -30.16 11.35
CA MET D 171 15.64 -28.86 11.78
C MET D 171 14.53 -28.35 10.86
N GLU D 172 14.76 -28.41 9.54
CA GLU D 172 13.74 -27.88 8.64
C GLU D 172 12.46 -28.72 8.68
N GLN D 173 12.58 -30.03 8.92
CA GLN D 173 11.38 -30.86 9.00
C GLN D 173 10.55 -30.51 10.23
N LEU D 174 11.21 -30.34 11.38
CA LEU D 174 10.50 -29.97 12.60
C LEU D 174 9.82 -28.61 12.47
N LEU D 175 10.56 -27.60 12.01
CA LEU D 175 10.01 -26.25 12.01
C LEU D 175 9.02 -26.03 10.86
N SER D 176 9.09 -26.84 9.80
CA SER D 176 8.15 -26.73 8.71
C SER D 176 6.75 -27.17 9.14
N SER D 177 6.64 -27.91 10.22
CA SER D 177 5.35 -28.35 10.73
C SER D 177 4.57 -27.24 11.41
N VAL D 178 5.21 -26.09 11.68
CA VAL D 178 4.54 -24.97 12.32
C VAL D 178 4.61 -23.70 11.49
N GLY D 179 4.98 -23.81 10.22
CA GLY D 179 4.97 -22.67 9.33
C GLY D 179 6.01 -22.82 8.24
N PHE D 180 6.24 -21.72 7.54
CA PHE D 180 7.28 -21.68 6.52
C PHE D 180 8.63 -21.80 7.20
N CYS D 181 9.54 -22.55 6.57
CA CYS D 181 10.89 -22.72 7.09
C CYS D 181 11.84 -22.95 5.93
N THR D 182 12.96 -22.24 5.94
CA THR D 182 13.97 -22.42 4.91
C THR D 182 15.35 -22.13 5.50
N GLU D 183 16.37 -22.68 4.88
CA GLU D 183 17.74 -22.38 5.28
C GLU D 183 18.22 -21.08 4.65
N VAL D 184 18.96 -20.29 5.43
CA VAL D 184 19.61 -19.08 4.91
C VAL D 184 21.06 -19.08 5.39
N GLU D 185 21.89 -18.32 4.70
CA GLU D 185 23.19 -17.93 5.23
C GLU D 185 22.98 -17.13 6.50
N GLU D 186 23.86 -17.33 7.49
CA GLU D 186 23.69 -16.67 8.78
C GLU D 186 23.67 -15.15 8.64
N ASP D 187 24.46 -14.59 7.70
CA ASP D 187 24.52 -13.14 7.58
C ASP D 187 23.20 -12.51 7.14
N LEU D 188 22.19 -13.31 6.84
CA LEU D 188 20.87 -12.79 6.49
C LEU D 188 19.92 -12.71 7.67
N ILE D 189 20.28 -13.31 8.80
CA ILE D 189 19.28 -13.54 9.86
C ILE D 189 18.93 -12.24 10.58
N ASP D 190 19.88 -11.32 10.74
CA ASP D 190 19.53 -10.04 11.37
C ASP D 190 18.48 -9.30 10.55
N ALA D 191 18.59 -9.30 9.22
CA ALA D 191 17.56 -8.68 8.38
C ALA D 191 16.25 -9.44 8.45
N VAL D 192 16.30 -10.78 8.50
CA VAL D 192 15.06 -11.57 8.63
C VAL D 192 14.34 -11.18 9.90
N THR D 193 15.09 -11.02 10.99
CA THR D 193 14.54 -10.56 12.26
C THR D 193 13.77 -9.27 12.12
N GLY D 194 14.25 -8.37 11.25
CA GLY D 194 13.56 -7.10 11.06
C GLY D 194 12.31 -7.22 10.23
N LEU D 195 12.20 -8.29 9.44
CA LEU D 195 11.07 -8.46 8.53
C LEU D 195 10.04 -9.42 9.12
N SER D 196 10.37 -10.70 9.22
CA SER D 196 9.39 -11.66 9.72
C SER D 196 9.45 -11.81 11.23
N GLY D 197 10.60 -11.58 11.86
CA GLY D 197 10.67 -11.70 13.31
C GLY D 197 9.87 -10.63 14.01
N SER D 198 10.10 -9.36 13.62
CA SER D 198 9.33 -8.25 14.15
C SER D 198 8.00 -8.06 13.42
N GLY D 199 7.86 -8.65 12.22
CA GLY D 199 6.70 -8.41 11.39
C GLY D 199 5.33 -8.55 12.02
N PRO D 200 5.09 -9.59 12.83
CA PRO D 200 3.76 -9.70 13.46
C PRO D 200 3.35 -8.47 14.25
N ALA D 201 4.31 -7.81 14.92
CA ALA D 201 3.98 -6.59 15.66
C ALA D 201 3.55 -5.47 14.72
N TYR D 202 4.20 -5.34 13.55
CA TYR D 202 3.73 -4.37 12.57
C TYR D 202 2.28 -4.65 12.20
N ALA D 203 1.93 -5.94 12.02
CA ALA D 203 0.57 -6.28 11.61
C ALA D 203 -0.44 -6.05 12.73
N PHE D 204 -0.07 -6.34 13.97
CA PHE D 204 -0.99 -6.09 15.08
C PHE D 204 -1.28 -4.60 15.20
N THR D 205 -0.26 -3.75 15.02
CA THR D 205 -0.49 -2.31 15.00
C THR D 205 -1.40 -1.91 13.85
N ALA D 206 -1.13 -2.45 12.65
CA ALA D 206 -1.95 -2.12 11.48
C ALA D 206 -3.40 -2.53 11.70
N LEU D 207 -3.64 -3.72 12.25
CA LEU D 207 -4.99 -4.22 12.48
C LEU D 207 -5.69 -3.43 13.57
N ASP D 208 -4.94 -2.98 14.58
CA ASP D 208 -5.54 -2.07 15.56
C ASP D 208 -5.98 -0.77 14.88
N ALA D 209 -5.13 -0.22 14.01
CA ALA D 209 -5.45 1.04 13.34
C ALA D 209 -6.60 0.88 12.35
N LEU D 210 -6.56 -0.17 11.53
CA LEU D 210 -7.66 -0.41 10.59
C LEU D 210 -8.98 -0.57 11.32
N ALA D 211 -8.98 -1.24 12.47
CA ALA D 211 -10.22 -1.35 13.24
C ALA D 211 -10.69 0.02 13.73
N ASP D 212 -9.76 0.87 14.17
CA ASP D 212 -10.13 2.24 14.56
C ASP D 212 -10.78 2.98 13.39
N GLY D 213 -10.26 2.79 12.18
CA GLY D 213 -10.87 3.43 11.01
C GLY D 213 -12.26 2.89 10.73
N GLY D 214 -12.43 1.58 10.84
CA GLY D 214 -13.76 1.00 10.73
C GLY D 214 -14.72 1.57 11.76
N VAL D 215 -14.26 1.67 13.01
CA VAL D 215 -15.08 2.24 14.06
C VAL D 215 -15.38 3.71 13.77
N LYS D 216 -14.40 4.45 13.26
CA LYS D 216 -14.67 5.86 12.94
C LYS D 216 -15.79 5.97 11.92
N MET D 217 -15.87 5.03 11.00
CA MET D 217 -16.81 5.09 9.89
C MET D 217 -18.13 4.39 10.21
N GLY D 218 -18.32 3.97 11.45
CA GLY D 218 -19.62 3.49 11.91
C GLY D 218 -19.69 2.02 12.25
N LEU D 219 -18.51 1.21 12.16
CA LEU D 219 -18.64 -0.23 12.41
C LEU D 219 -18.47 -0.53 13.89
N PRO D 220 -19.17 -1.54 14.41
CA PRO D 220 -18.86 -2.02 15.76
C PRO D 220 -17.43 -2.50 15.81
N ARG D 221 -16.80 -2.36 16.99
CA ARG D 221 -15.39 -2.70 17.12
CA ARG D 221 -15.38 -2.69 17.11
C ARG D 221 -15.14 -4.17 16.80
N ARG D 222 -15.97 -5.06 17.35
CA ARG D 222 -15.74 -6.49 17.18
C ARG D 222 -15.76 -6.89 15.71
N LEU D 223 -16.68 -6.32 14.94
CA LEU D 223 -16.75 -6.61 13.52
C LEU D 223 -15.59 -6.01 12.75
N ALA D 224 -15.22 -4.77 13.07
CA ALA D 224 -14.11 -4.14 12.35
C ALA D 224 -12.80 -4.92 12.56
N VAL D 225 -12.59 -5.45 13.76
CA VAL D 225 -11.38 -6.26 14.00
C VAL D 225 -11.42 -7.53 13.17
N ARG D 226 -12.58 -8.20 13.12
CA ARG D 226 -12.72 -9.45 12.36
C ARG D 226 -12.53 -9.20 10.86
N LEU D 227 -13.13 -8.14 10.33
CA LEU D 227 -13.02 -7.86 8.89
C LEU D 227 -11.59 -7.45 8.51
N GLY D 228 -10.96 -6.58 9.30
CA GLY D 228 -9.61 -6.18 8.97
C GLY D 228 -8.61 -7.32 9.03
N ALA D 229 -8.73 -8.16 10.06
CA ALA D 229 -7.84 -9.32 10.17
C ALA D 229 -8.07 -10.29 9.02
N GLN D 230 -9.33 -10.54 8.67
CA GLN D 230 -9.64 -11.43 7.55
C GLN D 230 -9.11 -10.86 6.25
N ALA D 231 -9.23 -9.55 6.07
CA ALA D 231 -8.70 -8.90 4.86
C ALA D 231 -7.20 -9.09 4.73
N LEU D 232 -6.47 -8.88 5.83
CA LEU D 232 -5.01 -9.06 5.80
C LEU D 232 -4.63 -10.52 5.57
N LEU D 233 -5.35 -11.46 6.19
CA LEU D 233 -5.02 -12.87 6.01
C LEU D 233 -5.24 -13.31 4.56
N GLY D 234 -6.41 -12.97 3.99
CA GLY D 234 -6.68 -13.38 2.63
C GLY D 234 -5.73 -12.74 1.62
N ALA D 235 -5.41 -11.46 1.82
CA ALA D 235 -4.45 -10.79 0.93
C ALA D 235 -3.10 -11.49 0.97
N ALA D 236 -2.64 -11.80 2.18
CA ALA D 236 -1.35 -12.48 2.31
C ALA D 236 -1.38 -13.84 1.61
N LYS D 237 -2.47 -14.60 1.80
CA LYS D 237 -2.59 -15.91 1.16
C LYS D 237 -2.66 -15.78 -0.36
N MET D 238 -3.39 -14.76 -0.85
CA MET D 238 -3.44 -14.53 -2.30
C MET D 238 -2.05 -14.35 -2.87
N LEU D 239 -1.25 -13.48 -2.24
CA LEU D 239 0.11 -13.23 -2.72
C LEU D 239 0.96 -14.50 -2.65
N LEU D 240 0.86 -15.23 -1.54
CA LEU D 240 1.63 -16.48 -1.41
C LEU D 240 1.24 -17.50 -2.47
N HIS D 241 -0.02 -17.53 -2.88
CA HIS D 241 -0.49 -18.52 -3.84
C HIS D 241 -0.37 -18.04 -5.28
N SER D 242 0.09 -16.81 -5.50
CA SER D 242 0.13 -16.21 -6.82
C SER D 242 1.57 -16.09 -7.32
N GLU D 243 1.74 -16.16 -8.64
CA GLU D 243 3.02 -15.88 -9.26
C GLU D 243 3.13 -14.43 -9.72
N GLN D 244 2.30 -13.54 -9.17
CA GLN D 244 2.24 -12.18 -9.63
C GLN D 244 2.83 -11.23 -8.60
N HIS D 245 3.35 -10.12 -9.09
CA HIS D 245 3.92 -9.10 -8.23
C HIS D 245 2.83 -8.49 -7.36
N PRO D 246 3.13 -8.13 -6.10
CA PRO D 246 2.11 -7.48 -5.27
C PRO D 246 1.56 -6.20 -5.87
N GLY D 247 2.33 -5.51 -6.71
CA GLY D 247 1.81 -4.34 -7.39
C GLY D 247 0.74 -4.69 -8.39
N GLN D 248 0.90 -5.83 -9.09
CA GLN D 248 -0.14 -6.27 -10.02
C GLN D 248 -1.41 -6.64 -9.27
N LEU D 249 -1.29 -7.35 -8.16
CA LEU D 249 -2.47 -7.66 -7.35
C LEU D 249 -3.14 -6.39 -6.85
N LYS D 250 -2.34 -5.41 -6.42
CA LYS D 250 -2.90 -4.11 -6.08
C LYS D 250 -3.62 -3.49 -7.28
N ASP D 251 -2.99 -3.52 -8.46
CA ASP D 251 -3.63 -3.01 -9.67
C ASP D 251 -4.98 -3.70 -9.90
N ASN D 252 -5.06 -5.00 -9.61
CA ASN D 252 -6.28 -5.76 -9.88
C ASN D 252 -7.45 -5.34 -8.98
N VAL D 253 -7.18 -4.90 -7.74
CA VAL D 253 -8.29 -4.53 -6.86
C VAL D 253 -8.76 -3.08 -7.06
N SER D 254 -7.97 -2.23 -7.72
CA SER D 254 -8.25 -0.79 -7.78
C SER D 254 -8.99 -0.47 -9.08
N SER D 255 -10.32 -0.44 -9.01
CA SER D 255 -11.10 -0.02 -10.16
C SER D 255 -10.90 1.49 -10.42
N PRO D 256 -10.90 1.88 -11.70
CA PRO D 256 -10.67 3.29 -12.05
C PRO D 256 -11.65 4.26 -11.38
N GLY D 257 -11.09 5.31 -10.77
CA GLY D 257 -11.90 6.31 -10.10
C GLY D 257 -12.50 5.89 -8.79
N GLY D 258 -12.19 4.69 -8.30
CA GLY D 258 -12.95 4.05 -7.25
C GLY D 258 -12.45 4.33 -5.84
N ALA D 259 -13.11 3.67 -4.90
CA ALA D 259 -12.81 3.90 -3.49
C ALA D 259 -11.39 3.45 -3.14
N THR D 260 -10.94 2.34 -3.71
CA THR D 260 -9.64 1.78 -3.30
C THR D 260 -8.49 2.69 -3.73
N ILE D 261 -8.50 3.14 -4.99
CA ILE D 261 -7.42 4.02 -5.46
C ILE D 261 -7.42 5.35 -4.71
N HIS D 262 -8.60 5.82 -4.26
CA HIS D 262 -8.61 7.01 -3.41
C HIS D 262 -7.95 6.74 -2.06
N ALA D 263 -8.22 5.59 -1.45
CA ALA D 263 -7.55 5.27 -0.18
C ALA D 263 -6.06 5.06 -0.38
N LEU D 264 -5.66 4.44 -1.48
CA LEU D 264 -4.22 4.25 -1.71
C LEU D 264 -3.50 5.58 -1.82
N HIS D 265 -4.14 6.57 -2.46
CA HIS D 265 -3.54 7.89 -2.57
C HIS D 265 -3.23 8.46 -1.19
N VAL D 266 -4.17 8.36 -0.25
CA VAL D 266 -3.90 8.97 1.05
C VAL D 266 -2.82 8.19 1.81
N LEU D 267 -2.71 6.87 1.58
CA LEU D 267 -1.56 6.13 2.12
C LEU D 267 -0.24 6.65 1.53
N GLU D 268 -0.19 6.80 0.21
CA GLU D 268 1.03 7.32 -0.42
C GLU D 268 1.38 8.71 0.10
N SER D 269 0.38 9.58 0.30
CA SER D 269 0.67 10.94 0.74
C SER D 269 1.32 10.97 2.11
N GLY D 270 1.03 9.98 2.96
CA GLY D 270 1.73 9.89 4.24
C GLY D 270 3.04 9.14 4.22
N GLY D 271 3.51 8.69 3.05
CA GLY D 271 4.73 7.91 3.02
C GLY D 271 4.61 6.56 3.71
N PHE D 272 3.42 5.95 3.61
CA PHE D 272 3.13 4.64 4.19
C PHE D 272 4.21 3.61 3.85
N ARG D 273 4.57 3.49 2.57
CA ARG D 273 5.62 2.55 2.17
C ARG D 273 6.92 2.81 2.93
N SER D 274 7.33 4.08 2.99
CA SER D 274 8.60 4.39 3.63
C SER D 274 8.58 4.04 5.12
N LEU D 275 7.43 4.14 5.77
CA LEU D 275 7.39 3.81 7.20
C LEU D 275 7.71 2.35 7.44
N LEU D 276 7.21 1.46 6.59
CA LEU D 276 7.48 0.04 6.75
C LEU D 276 8.93 -0.29 6.42
N ILE D 277 9.50 0.39 5.42
CA ILE D 277 10.94 0.25 5.15
C ILE D 277 11.74 0.72 6.36
N ASN D 278 11.36 1.88 6.91
CA ASN D 278 11.96 2.39 8.15
C ASN D 278 11.94 1.35 9.26
N ALA D 279 10.82 0.65 9.41
CA ALA D 279 10.64 -0.31 10.49
C ALA D 279 11.56 -1.51 10.33
N VAL D 280 11.56 -2.15 9.15
CA VAL D 280 12.46 -3.27 8.93
C VAL D 280 13.91 -2.84 9.16
N GLU D 281 14.28 -1.67 8.66
CA GLU D 281 15.64 -1.17 8.84
C GLU D 281 15.97 -0.97 10.31
N ALA D 282 15.06 -0.33 11.05
CA ALA D 282 15.31 -0.01 12.45
C ALA D 282 15.40 -1.27 13.31
N SER D 283 14.57 -2.28 13.00
CA SER D 283 14.63 -3.54 13.73
C SER D 283 15.97 -4.22 13.49
N CYS D 284 16.38 -4.31 12.22
CA CYS D 284 17.64 -4.97 11.86
C CYS D 284 18.84 -4.27 12.47
N ILE D 285 18.86 -2.93 12.40
CA ILE D 285 19.97 -2.17 12.98
C ILE D 285 20.06 -2.42 14.49
N ARG D 286 18.92 -2.39 15.18
CA ARG D 286 18.91 -2.65 16.61
C ARG D 286 19.38 -4.06 16.92
N THR D 287 18.96 -5.04 16.13
CA THR D 287 19.46 -6.40 16.32
C THR D 287 20.99 -6.43 16.22
N ARG D 288 21.54 -5.71 15.24
CA ARG D 288 23.00 -5.64 15.11
C ARG D 288 23.65 -4.94 16.30
N GLU D 289 23.06 -3.83 16.76
CA GLU D 289 23.58 -3.14 17.94
C GLU D 289 23.60 -4.05 19.16
N LEU D 290 22.52 -4.79 19.38
CA LEU D 290 22.43 -5.66 20.54
C LEU D 290 23.57 -6.67 20.55
N GLN D 291 23.89 -7.25 19.39
CA GLN D 291 24.98 -8.21 19.36
C GLN D 291 26.33 -7.53 19.58
N SER D 292 26.51 -6.34 19.02
CA SER D 292 27.77 -5.61 19.22
C SER D 292 28.00 -5.29 20.69
N MET D 293 26.93 -4.96 21.41
CA MET D 293 27.05 -4.76 22.86
C MET D 293 27.42 -6.07 23.55
N ALA D 294 26.83 -7.18 23.12
CA ALA D 294 27.14 -8.48 23.73
C ALA D 294 28.59 -8.86 23.46
N ASP D 295 29.03 -8.73 22.20
CA ASP D 295 30.43 -9.01 21.87
C ASP D 295 31.38 -8.12 22.65
N GLN D 296 30.92 -6.92 23.02
CA GLN D 296 31.74 -6.03 23.84
C GLN D 296 31.82 -6.53 25.28
N GLU D 297 30.73 -7.10 25.79
CA GLU D 297 30.69 -7.61 27.17
C GLU D 297 31.43 -8.94 27.29
N MET E 23 -35.11 4.39 47.40
CA MET E 23 -35.14 4.96 46.06
C MET E 23 -34.97 3.88 44.99
N SER E 24 -35.76 3.98 43.93
CA SER E 24 -35.74 3.02 42.84
C SER E 24 -35.01 3.64 41.64
N VAL E 25 -33.96 2.96 41.17
CA VAL E 25 -33.16 3.42 40.04
C VAL E 25 -33.26 2.37 38.93
N GLY E 26 -33.52 2.82 37.71
CA GLY E 26 -33.57 1.95 36.57
C GLY E 26 -32.71 2.46 35.43
N PHE E 27 -32.28 1.52 34.58
CA PHE E 27 -31.43 1.80 33.44
C PHE E 27 -32.10 1.30 32.16
N ILE E 28 -32.25 2.19 31.19
CA ILE E 28 -32.67 1.82 29.84
C ILE E 28 -31.43 1.81 28.97
N GLY E 29 -31.12 0.64 28.39
CA GLY E 29 -29.81 0.39 27.84
C GLY E 29 -28.97 -0.31 28.89
N ALA E 30 -28.12 -1.25 28.47
CA ALA E 30 -27.31 -2.03 29.39
C ALA E 30 -25.87 -2.10 28.91
N GLY E 31 -25.37 -1.02 28.32
CA GLY E 31 -24.03 -0.98 27.79
C GLY E 31 -23.00 -0.72 28.86
N GLN E 32 -21.85 -0.21 28.41
CA GLN E 32 -20.76 0.10 29.33
C GLN E 32 -21.19 1.12 30.38
N LEU E 33 -21.96 2.13 29.97
CA LEU E 33 -22.32 3.20 30.90
C LEU E 33 -23.25 2.70 32.00
N ALA E 34 -24.31 1.99 31.61
CA ALA E 34 -25.20 1.39 32.61
C ALA E 34 -24.42 0.49 33.57
N PHE E 35 -23.51 -0.33 33.06
CA PHE E 35 -22.73 -1.18 33.96
C PHE E 35 -21.83 -0.35 34.86
N ALA E 36 -21.15 0.65 34.30
CA ALA E 36 -20.27 1.50 35.09
C ALA E 36 -21.02 2.18 36.23
N LEU E 37 -22.16 2.81 35.93
CA LEU E 37 -22.92 3.52 36.95
C LEU E 37 -23.47 2.57 38.01
N ALA E 38 -24.00 1.42 37.58
CA ALA E 38 -24.53 0.46 38.53
C ALA E 38 -23.43 -0.10 39.43
N LYS E 39 -22.28 -0.43 38.85
CA LYS E 39 -21.16 -0.92 39.66
C LYS E 39 -20.68 0.15 40.64
N GLY E 40 -20.59 1.39 40.19
CA GLY E 40 -20.20 2.47 41.07
C GLY E 40 -21.22 2.75 42.16
N PHE E 41 -22.51 2.77 41.80
CA PHE E 41 -23.55 3.06 42.79
C PHE E 41 -23.55 2.04 43.93
N THR E 42 -23.46 0.76 43.58
CA THR E 42 -23.47 -0.27 44.62
C THR E 42 -22.19 -0.26 45.44
N ALA E 43 -21.04 -0.06 44.79
CA ALA E 43 -19.79 0.06 45.52
C ALA E 43 -19.83 1.25 46.48
N ALA E 44 -20.49 2.34 46.08
CA ALA E 44 -20.63 3.50 46.95
C ALA E 44 -21.64 3.27 48.06
N GLY E 45 -22.47 2.24 47.96
CA GLY E 45 -23.43 1.93 48.99
C GLY E 45 -24.68 2.78 48.99
N VAL E 46 -24.92 3.56 47.94
CA VAL E 46 -26.11 4.40 47.91
C VAL E 46 -27.35 3.59 47.54
N LEU E 47 -27.20 2.62 46.64
CA LEU E 47 -28.31 1.77 46.21
C LEU E 47 -27.92 0.32 46.34
N ALA E 48 -28.84 -0.49 46.87
CA ALA E 48 -28.67 -1.93 46.84
C ALA E 48 -28.88 -2.44 45.41
N ALA E 49 -28.12 -3.48 45.04
CA ALA E 49 -28.16 -3.96 43.67
C ALA E 49 -29.55 -4.46 43.28
N HIS E 50 -30.30 -5.02 44.23
CA HIS E 50 -31.61 -5.57 43.91
C HIS E 50 -32.65 -4.48 43.66
N LYS E 51 -32.40 -3.24 44.11
CA LYS E 51 -33.26 -2.11 43.81
C LYS E 51 -32.99 -1.50 42.44
N ILE E 52 -32.10 -2.10 41.66
CA ILE E 52 -31.71 -1.60 40.35
C ILE E 52 -32.19 -2.58 39.29
N MET E 53 -32.70 -2.04 38.18
CA MET E 53 -33.16 -2.86 37.06
C MET E 53 -32.63 -2.27 35.77
N ALA E 54 -32.17 -3.14 34.87
CA ALA E 54 -31.65 -2.71 33.58
C ALA E 54 -32.35 -3.47 32.47
N SER E 55 -32.59 -2.79 31.35
CA SER E 55 -33.20 -3.39 30.17
C SER E 55 -32.34 -3.13 28.94
N SER E 56 -32.41 -4.05 27.99
CA SER E 56 -31.63 -3.98 26.76
C SER E 56 -32.24 -4.92 25.73
N PRO E 57 -32.11 -4.62 24.44
CA PRO E 57 -32.61 -5.55 23.42
C PRO E 57 -31.60 -6.67 23.18
N ASP E 58 -30.34 -6.40 23.47
CA ASP E 58 -29.27 -7.38 23.35
C ASP E 58 -28.95 -7.88 24.75
N MET E 59 -29.63 -8.95 25.16
CA MET E 59 -29.41 -9.54 26.47
C MET E 59 -28.20 -10.46 26.45
N LEU E 67 -23.51 -7.85 35.51
CA LEU E 67 -24.68 -7.15 36.02
C LEU E 67 -25.57 -8.09 36.83
N ARG E 68 -25.82 -9.28 36.28
CA ARG E 68 -26.63 -10.26 37.00
C ARG E 68 -25.91 -10.76 38.25
N LYS E 69 -24.59 -10.91 38.17
CA LYS E 69 -23.83 -11.35 39.34
C LYS E 69 -23.86 -10.31 40.46
N MET E 70 -23.86 -9.03 40.09
CA MET E 70 -23.97 -7.97 41.10
C MET E 70 -25.25 -8.10 41.92
N GLY E 71 -26.31 -8.63 41.33
CA GLY E 71 -27.62 -8.62 41.94
C GLY E 71 -28.60 -7.66 41.31
N VAL E 72 -28.30 -7.14 40.13
CA VAL E 72 -29.15 -6.15 39.46
C VAL E 72 -30.16 -6.90 38.60
N LYS E 73 -31.45 -6.70 38.88
CA LYS E 73 -32.49 -7.32 38.08
C LYS E 73 -32.39 -6.89 36.62
N LEU E 74 -32.77 -7.78 35.71
CA LEU E 74 -32.74 -7.50 34.29
C LEU E 74 -34.07 -7.89 33.67
N THR E 75 -34.33 -7.35 32.48
CA THR E 75 -35.56 -7.59 31.73
C THR E 75 -35.40 -7.10 30.30
N PRO E 76 -36.05 -7.72 29.32
CA PRO E 76 -35.97 -7.21 27.95
C PRO E 76 -36.97 -6.12 27.64
N HIS E 77 -37.98 -5.92 28.49
CA HIS E 77 -39.06 -4.98 28.24
C HIS E 77 -38.74 -3.65 28.90
N ASN E 78 -38.71 -2.57 28.11
CA ASN E 78 -38.42 -1.26 28.65
C ASN E 78 -39.53 -0.76 29.58
N LYS E 79 -40.78 -1.19 29.33
CA LYS E 79 -41.88 -0.75 30.18
C LYS E 79 -41.71 -1.24 31.62
N GLU E 80 -41.15 -2.43 31.80
CA GLU E 80 -40.94 -2.96 33.15
C GLU E 80 -39.94 -2.11 33.93
N THR E 81 -38.86 -1.69 33.28
CA THR E 81 -37.90 -0.81 33.93
C THR E 81 -38.56 0.50 34.37
N VAL E 82 -39.44 1.04 33.53
CA VAL E 82 -40.11 2.29 33.88
C VAL E 82 -41.01 2.09 35.09
N GLN E 83 -41.82 1.03 35.08
CA GLN E 83 -42.74 0.77 36.18
C GLN E 83 -42.04 0.41 37.47
N HIS E 84 -40.76 0.01 37.41
CA HIS E 84 -40.00 -0.33 38.61
C HIS E 84 -39.26 0.86 39.19
N SER E 85 -38.90 1.84 38.38
CA SER E 85 -37.89 2.83 38.76
C SER E 85 -38.52 4.16 39.14
N ASP E 86 -37.85 4.86 40.05
CA ASP E 86 -38.12 6.27 40.34
C ASP E 86 -37.25 7.17 39.48
N VAL E 87 -35.94 6.94 39.52
CA VAL E 87 -34.98 7.62 38.65
C VAL E 87 -34.72 6.71 37.46
N LEU E 88 -34.77 7.28 36.26
CA LEU E 88 -34.75 6.53 35.00
C LEU E 88 -33.59 7.03 34.14
N PHE E 89 -32.48 6.27 34.14
CA PHE E 89 -31.33 6.63 33.31
C PHE E 89 -31.51 6.08 31.90
N LEU E 90 -31.30 6.93 30.91
CA LEU E 90 -31.35 6.54 29.50
C LEU E 90 -29.91 6.40 29.03
N ALA E 91 -29.39 5.18 29.11
CA ALA E 91 -28.02 4.86 28.69
C ALA E 91 -27.99 4.17 27.33
N VAL E 92 -28.79 4.65 26.39
CA VAL E 92 -28.82 4.10 25.05
C VAL E 92 -28.03 5.02 24.14
N LYS E 93 -27.81 4.58 22.89
CA LYS E 93 -27.09 5.40 21.94
C LYS E 93 -27.91 6.64 21.60
N PRO E 94 -27.25 7.76 21.29
CA PRO E 94 -27.98 9.01 21.04
C PRO E 94 -29.07 8.90 19.97
N HIS E 95 -28.85 8.11 18.92
CA HIS E 95 -29.84 8.00 17.86
C HIS E 95 -31.02 7.12 18.24
N ILE E 96 -30.96 6.39 19.35
CA ILE E 96 -32.07 5.56 19.79
C ILE E 96 -32.96 6.27 20.81
N ILE E 97 -32.53 7.42 21.34
CA ILE E 97 -33.33 8.12 22.34
C ILE E 97 -34.74 8.43 21.87
N PRO E 98 -34.96 9.03 20.68
CA PRO E 98 -36.34 9.32 20.28
C PRO E 98 -37.20 8.07 20.18
N PHE E 99 -36.61 6.91 19.83
CA PHE E 99 -37.39 5.69 19.78
C PHE E 99 -37.78 5.22 21.17
N ILE E 100 -36.89 5.41 22.15
CA ILE E 100 -37.18 5.02 23.52
C ILE E 100 -38.26 5.92 24.11
N LEU E 101 -38.11 7.23 23.91
CA LEU E 101 -39.08 8.18 24.48
C LEU E 101 -40.49 7.90 23.99
N ASP E 102 -40.65 7.61 22.69
CA ASP E 102 -41.98 7.30 22.18
C ASP E 102 -42.46 5.92 22.61
N GLU E 103 -41.56 5.05 23.08
CA GLU E 103 -41.95 3.72 23.53
C GLU E 103 -42.44 3.75 24.97
N ILE E 104 -41.80 4.56 25.82
CA ILE E 104 -42.12 4.62 27.25
C ILE E 104 -42.86 5.90 27.61
N GLY E 105 -43.13 6.77 26.64
CA GLY E 105 -43.68 8.08 26.97
C GLY E 105 -45.00 8.00 27.72
N ALA E 106 -45.88 7.09 27.30
CA ALA E 106 -47.20 6.96 27.92
C ALA E 106 -47.14 6.30 29.29
N ASP E 107 -46.01 5.72 29.66
CA ASP E 107 -45.82 5.11 30.97
C ASP E 107 -45.04 6.01 31.92
N ILE E 108 -44.53 7.15 31.45
CA ILE E 108 -43.96 8.14 32.34
C ILE E 108 -45.04 8.65 33.27
N GLU E 109 -44.74 8.69 34.56
CA GLU E 109 -45.68 9.14 35.57
C GLU E 109 -45.04 10.27 36.38
N ASP E 110 -45.88 10.92 37.20
CA ASP E 110 -45.46 12.14 37.88
C ASP E 110 -44.20 11.93 38.71
N ARG E 111 -44.05 10.77 39.32
CA ARG E 111 -42.92 10.51 40.21
C ARG E 111 -41.60 10.41 39.47
N HIS E 112 -41.61 10.29 38.15
CA HIS E 112 -40.40 9.94 37.42
C HIS E 112 -39.48 11.13 37.22
N ILE E 113 -38.19 10.89 37.41
CA ILE E 113 -37.13 11.76 36.92
C ILE E 113 -36.44 11.02 35.79
N VAL E 114 -36.39 11.63 34.62
CA VAL E 114 -35.76 11.01 33.46
C VAL E 114 -34.39 11.66 33.29
N VAL E 115 -33.33 10.84 33.37
CA VAL E 115 -31.96 11.30 33.28
C VAL E 115 -31.38 10.76 31.99
N SER E 116 -31.15 11.63 31.02
CA SER E 116 -30.57 11.24 29.74
C SER E 116 -29.06 11.35 29.80
N CYS E 117 -28.37 10.25 29.48
CA CYS E 117 -26.92 10.25 29.41
C CYS E 117 -26.41 10.35 27.98
N ALA E 118 -27.31 10.41 27.00
CA ALA E 118 -26.89 10.38 25.61
C ALA E 118 -26.14 11.65 25.25
N ALA E 119 -24.97 11.48 24.64
CA ALA E 119 -24.21 12.63 24.16
C ALA E 119 -25.01 13.42 23.13
N GLY E 120 -24.96 14.74 23.24
CA GLY E 120 -25.54 15.62 22.23
C GLY E 120 -27.03 15.90 22.36
N VAL E 121 -27.81 14.94 22.87
CA VAL E 121 -29.27 15.04 22.81
C VAL E 121 -29.77 16.10 23.78
N THR E 122 -30.52 17.07 23.27
CA THR E 122 -30.91 18.25 24.05
C THR E 122 -32.06 17.95 24.98
N ILE E 123 -32.12 18.70 26.09
CA ILE E 123 -33.25 18.64 27.00
C ILE E 123 -34.54 18.96 26.27
N SER E 124 -34.50 19.95 25.38
CA SER E 124 -35.72 20.38 24.70
C SER E 124 -36.24 19.29 23.78
N SER E 125 -35.35 18.54 23.11
CA SER E 125 -35.82 17.46 22.26
C SER E 125 -36.50 16.37 23.08
N ILE E 126 -35.95 16.07 24.27
CA ILE E 126 -36.53 15.05 25.13
C ILE E 126 -37.87 15.51 25.70
N GLU E 127 -37.92 16.74 26.21
CA GLU E 127 -39.16 17.23 26.79
C GLU E 127 -40.26 17.32 25.75
N LYS E 128 -39.91 17.71 24.52
CA LYS E 128 -40.91 17.78 23.46
C LYS E 128 -41.50 16.41 23.18
N LYS E 129 -40.65 15.38 23.10
CA LYS E 129 -41.13 14.02 22.88
C LYS E 129 -42.06 13.58 24.01
N LEU E 130 -41.63 13.75 25.27
CA LEU E 130 -42.38 13.24 26.39
C LEU E 130 -43.61 14.08 26.72
N SER E 131 -43.59 15.38 26.41
CA SER E 131 -44.75 16.21 26.72
C SER E 131 -45.95 15.88 25.85
N ALA E 132 -45.74 15.21 24.72
CA ALA E 132 -46.89 14.77 23.91
C ALA E 132 -47.68 13.66 24.59
N PHE E 133 -47.16 13.07 25.67
CA PHE E 133 -47.88 12.04 26.41
C PHE E 133 -48.43 12.55 27.73
N ARG E 134 -47.60 13.19 28.55
CA ARG E 134 -48.00 13.75 29.82
C ARG E 134 -47.27 15.07 29.98
N PRO E 135 -47.93 16.10 30.50
CA PRO E 135 -47.29 17.42 30.61
C PRO E 135 -46.29 17.47 31.76
N ALA E 136 -45.35 18.39 31.61
CA ALA E 136 -44.29 18.63 32.59
C ALA E 136 -43.49 17.37 32.95
N PRO E 137 -42.85 16.73 31.98
CA PRO E 137 -41.89 15.68 32.33
C PRO E 137 -40.69 16.28 33.03
N ARG E 138 -40.15 15.53 33.99
CA ARG E 138 -39.02 15.98 34.79
C ARG E 138 -37.77 15.37 34.16
N VAL E 139 -37.01 16.20 33.44
CA VAL E 139 -35.90 15.73 32.60
C VAL E 139 -34.61 16.36 33.11
N ILE E 140 -33.58 15.55 33.24
CA ILE E 140 -32.22 16.01 33.52
C ILE E 140 -31.31 15.41 32.46
N ARG E 141 -30.37 16.21 31.98
CA ARG E 141 -29.39 15.78 31.00
C ARG E 141 -28.02 15.74 31.66
N CYS E 142 -27.25 14.67 31.43
CA CYS E 142 -25.96 14.59 32.08
C CYS E 142 -24.91 14.04 31.13
N MET E 143 -23.65 14.39 31.40
CA MET E 143 -22.51 13.82 30.70
C MET E 143 -21.57 13.26 31.75
N THR E 144 -21.44 11.95 31.78
CA THR E 144 -20.59 11.27 32.74
C THR E 144 -19.53 10.48 31.94
N ASN E 145 -18.77 9.62 32.61
CA ASN E 145 -17.76 8.86 31.90
C ASN E 145 -17.54 7.52 32.59
N THR E 146 -16.80 6.63 31.92
CA THR E 146 -16.66 5.27 32.41
C THR E 146 -15.96 5.14 33.77
N PRO E 147 -15.04 6.02 34.20
CA PRO E 147 -14.41 5.82 35.53
C PRO E 147 -15.34 5.97 36.72
N VAL E 148 -16.65 6.16 36.50
CA VAL E 148 -17.57 6.01 37.62
C VAL E 148 -17.52 4.59 38.17
N VAL E 149 -17.11 3.62 37.34
CA VAL E 149 -17.01 2.23 37.78
C VAL E 149 -16.01 2.06 38.91
N VAL E 150 -15.03 2.97 39.03
CA VAL E 150 -14.13 3.02 40.17
C VAL E 150 -14.40 4.26 41.04
N ARG E 151 -15.60 4.82 40.92
CA ARG E 151 -16.05 5.97 41.73
C ARG E 151 -15.15 7.19 41.54
N GLU E 152 -14.53 7.33 40.38
CA GLU E 152 -13.78 8.54 40.04
C GLU E 152 -14.25 9.11 38.71
N GLY E 153 -15.55 9.07 38.47
CA GLY E 153 -16.08 9.67 37.27
C GLY E 153 -15.99 11.17 37.31
N ALA E 154 -16.34 11.77 36.18
CA ALA E 154 -16.49 13.22 36.06
C ALA E 154 -17.85 13.47 35.41
N THR E 155 -18.78 14.05 36.17
CA THR E 155 -20.16 14.20 35.75
C THR E 155 -20.58 15.65 35.82
N VAL E 156 -21.28 16.12 34.79
CA VAL E 156 -22.01 17.37 34.83
C VAL E 156 -23.45 17.08 34.44
N TYR E 157 -24.36 17.94 34.88
CA TYR E 157 -25.76 17.74 34.55
C TYR E 157 -26.43 19.10 34.41
N ALA E 158 -27.49 19.13 33.61
CA ALA E 158 -28.32 20.31 33.47
C ALA E 158 -29.77 19.91 33.70
N THR E 159 -30.52 20.80 34.35
CA THR E 159 -31.89 20.51 34.75
C THR E 159 -32.86 21.04 33.71
N GLY E 160 -33.91 20.27 33.45
CA GLY E 160 -34.92 20.63 32.48
C GLY E 160 -35.92 21.62 33.04
N THR E 161 -36.95 21.89 32.23
CA THR E 161 -37.91 22.94 32.57
C THR E 161 -38.66 22.63 33.85
N HIS E 162 -39.03 21.37 34.05
CA HIS E 162 -39.89 20.97 35.16
C HIS E 162 -39.14 20.20 36.23
N ALA E 163 -37.81 20.09 36.10
CA ALA E 163 -36.99 19.51 37.16
C ALA E 163 -37.04 20.46 38.35
N GLN E 164 -37.92 20.17 39.30
CA GLN E 164 -37.94 20.89 40.58
C GLN E 164 -36.56 20.87 41.20
N VAL E 165 -36.23 21.93 41.93
CA VAL E 165 -34.88 22.14 42.45
C VAL E 165 -34.43 20.95 43.30
N GLU E 166 -35.39 20.20 43.83
CA GLU E 166 -35.06 19.00 44.58
C GLU E 166 -34.50 17.91 43.67
N ASP E 167 -34.84 17.92 42.38
CA ASP E 167 -34.39 16.87 41.47
C ASP E 167 -32.92 17.05 41.11
N GLY E 168 -32.47 18.29 40.95
CA GLY E 168 -31.06 18.54 40.72
C GLY E 168 -30.22 18.21 41.94
N ARG E 169 -30.75 18.52 43.13
CA ARG E 169 -30.02 18.19 44.36
C ARG E 169 -29.91 16.69 44.55
N LEU E 170 -30.99 15.96 44.30
CA LEU E 170 -30.94 14.50 44.39
C LEU E 170 -30.01 13.92 43.35
N MET E 171 -29.98 14.53 42.16
CA MET E 171 -29.09 14.07 41.09
C MET E 171 -27.63 14.26 41.50
N GLU E 172 -27.26 15.48 41.90
CA GLU E 172 -25.88 15.72 42.31
C GLU E 172 -25.50 14.84 43.50
N GLN E 173 -26.45 14.58 44.40
CA GLN E 173 -26.17 13.68 45.53
C GLN E 173 -25.87 12.27 45.04
N LEU E 174 -26.71 11.75 44.15
CA LEU E 174 -26.51 10.39 43.65
C LEU E 174 -25.23 10.27 42.83
N LEU E 175 -24.96 11.27 41.99
CA LEU E 175 -23.82 11.20 41.11
C LEU E 175 -22.51 11.56 41.79
N SER E 176 -22.55 12.35 42.87
CA SER E 176 -21.32 12.66 43.59
C SER E 176 -20.75 11.45 44.31
N SER E 177 -21.56 10.41 44.54
CA SER E 177 -21.07 9.23 45.23
C SER E 177 -20.10 8.42 44.36
N VAL E 178 -20.05 8.69 43.05
CA VAL E 178 -19.19 7.92 42.15
C VAL E 178 -18.23 8.83 41.38
N GLY E 179 -17.95 10.02 41.88
CA GLY E 179 -16.96 10.89 41.27
C GLY E 179 -17.34 12.35 41.45
N PHE E 180 -16.64 13.21 40.73
CA PHE E 180 -16.96 14.62 40.72
C PHE E 180 -18.31 14.84 40.02
N CYS E 181 -19.11 15.73 40.57
CA CYS E 181 -20.40 16.08 39.95
C CYS E 181 -20.75 17.51 40.25
N THR E 182 -21.15 18.25 39.22
CA THR E 182 -21.56 19.65 39.37
C THR E 182 -22.59 19.99 38.30
N GLU E 183 -23.42 20.99 38.59
CA GLU E 183 -24.39 21.47 37.63
C GLU E 183 -23.75 22.45 36.66
N VAL E 184 -24.19 22.40 35.40
CA VAL E 184 -23.73 23.33 34.37
C VAL E 184 -24.92 23.78 33.54
N GLU E 185 -24.77 24.91 32.87
CA GLU E 185 -25.73 25.31 31.84
C GLU E 185 -25.66 24.32 30.70
N GLU E 186 -26.82 24.01 30.09
CA GLU E 186 -26.86 22.95 29.10
C GLU E 186 -25.96 23.26 27.91
N ASP E 187 -25.75 24.54 27.59
CA ASP E 187 -24.96 24.85 26.41
C ASP E 187 -23.47 24.55 26.59
N LEU E 188 -23.03 24.13 27.77
CA LEU E 188 -21.65 23.71 27.96
C LEU E 188 -21.44 22.21 27.78
N ILE E 189 -22.51 21.41 27.73
CA ILE E 189 -22.34 19.96 27.87
C ILE E 189 -21.59 19.37 26.67
N ASP E 190 -21.83 19.89 25.46
CA ASP E 190 -21.08 19.37 24.31
C ASP E 190 -19.57 19.56 24.48
N ALA E 191 -19.16 20.71 25.02
CA ALA E 191 -17.74 20.94 25.32
C ALA E 191 -17.25 19.99 26.39
N VAL E 192 -18.03 19.82 27.47
CA VAL E 192 -17.66 18.87 28.51
C VAL E 192 -17.45 17.49 27.91
N THR E 193 -18.34 17.09 26.99
CA THR E 193 -18.22 15.80 26.33
C THR E 193 -16.86 15.63 25.67
N GLY E 194 -16.36 16.70 25.03
CA GLY E 194 -15.05 16.61 24.39
C GLY E 194 -13.87 16.55 25.36
N LEU E 195 -14.08 17.00 26.60
CA LEU E 195 -13.01 17.06 27.58
C LEU E 195 -13.01 15.83 28.49
N SER E 196 -14.02 15.71 29.36
CA SER E 196 -14.06 14.61 30.31
C SER E 196 -14.87 13.42 29.83
N GLY E 197 -15.72 13.61 28.82
CA GLY E 197 -16.45 12.48 28.27
C GLY E 197 -15.55 11.61 27.40
N SER E 198 -14.83 12.24 26.46
CA SER E 198 -13.86 11.52 25.65
C SER E 198 -12.51 11.37 26.34
N GLY E 199 -12.25 12.18 27.38
CA GLY E 199 -10.94 12.24 27.98
C GLY E 199 -10.32 10.93 28.42
N PRO E 200 -11.08 10.01 29.02
CA PRO E 200 -10.47 8.73 29.41
C PRO E 200 -9.81 8.02 28.23
N ALA E 201 -10.38 8.11 27.03
CA ALA E 201 -9.73 7.53 25.85
C ALA E 201 -8.42 8.22 25.53
N TYR E 202 -8.34 9.55 25.67
CA TYR E 202 -7.06 10.23 25.51
C TYR E 202 -6.04 9.67 26.49
N ALA E 203 -6.46 9.44 27.73
CA ALA E 203 -5.58 8.92 28.76
C ALA E 203 -5.12 7.49 28.44
N PHE E 204 -6.05 6.61 28.04
CA PHE E 204 -5.69 5.24 27.73
C PHE E 204 -4.69 5.18 26.59
N THR E 205 -4.88 6.03 25.58
CA THR E 205 -3.89 6.13 24.50
C THR E 205 -2.54 6.62 25.04
N ALA E 206 -2.56 7.63 25.90
CA ALA E 206 -1.32 8.14 26.47
C ALA E 206 -0.63 7.07 27.32
N LEU E 207 -1.41 6.30 28.09
CA LEU E 207 -0.82 5.29 28.96
C LEU E 207 -0.24 4.13 28.14
N ASP E 208 -0.88 3.77 27.03
CA ASP E 208 -0.33 2.74 26.16
C ASP E 208 1.01 3.17 25.58
N ALA E 209 1.09 4.43 25.16
CA ALA E 209 2.30 4.97 24.54
C ALA E 209 3.41 5.16 25.57
N LEU E 210 3.09 5.74 26.73
CA LEU E 210 4.06 5.83 27.81
C LEU E 210 4.64 4.46 28.17
N ALA E 211 3.80 3.43 28.13
CA ALA E 211 4.29 2.08 28.39
C ALA E 211 5.24 1.61 27.30
N ASP E 212 4.89 1.86 26.03
CA ASP E 212 5.80 1.56 24.93
C ASP E 212 7.14 2.26 25.14
N GLY E 213 7.12 3.51 25.62
CA GLY E 213 8.37 4.20 25.94
C GLY E 213 9.16 3.50 27.03
N GLY E 214 8.49 3.12 28.12
CA GLY E 214 9.16 2.36 29.15
C GLY E 214 9.78 1.08 28.62
N VAL E 215 9.05 0.37 27.76
CA VAL E 215 9.55 -0.89 27.22
C VAL E 215 10.73 -0.64 26.27
N LYS E 216 10.66 0.42 25.45
CA LYS E 216 11.79 0.73 24.60
C LYS E 216 13.04 0.95 25.42
N MET E 217 12.91 1.57 26.59
CA MET E 217 14.07 1.89 27.41
C MET E 217 14.44 0.75 28.38
N GLY E 218 13.85 -0.43 28.21
CA GLY E 218 14.30 -1.62 28.91
C GLY E 218 13.42 -2.10 30.05
N LEU E 219 12.20 -1.44 30.28
CA LEU E 219 11.38 -1.93 31.40
C LEU E 219 10.47 -3.06 30.95
N PRO E 220 10.12 -3.97 31.85
CA PRO E 220 9.10 -4.96 31.53
C PRO E 220 7.77 -4.26 31.30
N ARG E 221 6.97 -4.84 30.40
CA ARG E 221 5.72 -4.20 29.99
CA ARG E 221 5.72 -4.19 29.99
C ARG E 221 4.79 -4.01 31.17
N ARG E 222 4.60 -5.06 31.97
CA ARG E 222 3.70 -4.99 33.11
C ARG E 222 4.09 -3.86 34.06
N LEU E 223 5.39 -3.73 34.35
CA LEU E 223 5.85 -2.66 35.24
C LEU E 223 5.68 -1.29 34.59
N ALA E 224 5.93 -1.18 33.29
CA ALA E 224 5.82 0.11 32.62
C ALA E 224 4.38 0.60 32.64
N VAL E 225 3.41 -0.31 32.47
CA VAL E 225 2.00 0.08 32.53
C VAL E 225 1.66 0.60 33.93
N ARG E 226 2.09 -0.12 34.97
CA ARG E 226 1.76 0.26 36.33
C ARG E 226 2.41 1.59 36.72
N LEU E 227 3.66 1.80 36.29
CA LEU E 227 4.35 3.04 36.62
C LEU E 227 3.73 4.24 35.91
N GLY E 228 3.45 4.10 34.61
CA GLY E 228 2.86 5.20 33.88
C GLY E 228 1.48 5.58 34.38
N ALA E 229 0.66 4.59 34.70
CA ALA E 229 -0.68 4.88 35.21
C ALA E 229 -0.63 5.52 36.58
N GLN E 230 0.24 5.03 37.46
CA GLN E 230 0.40 5.64 38.78
C GLN E 230 0.91 7.07 38.68
N ALA E 231 1.86 7.31 37.77
CA ALA E 231 2.34 8.67 37.53
C ALA E 231 1.21 9.60 37.12
N LEU E 232 0.36 9.14 36.21
CA LEU E 232 -0.73 9.98 35.72
C LEU E 232 -1.78 10.20 36.80
N LEU E 233 -2.16 9.13 37.51
CA LEU E 233 -3.08 9.26 38.64
C LEU E 233 -2.53 10.22 39.69
N GLY E 234 -1.25 10.10 40.01
CA GLY E 234 -0.68 10.92 41.07
C GLY E 234 -0.60 12.38 40.70
N ALA E 235 -0.29 12.69 39.44
CA ALA E 235 -0.19 14.09 39.04
C ALA E 235 -1.57 14.73 39.02
N ALA E 236 -2.57 14.00 38.52
CA ALA E 236 -3.94 14.52 38.50
C ALA E 236 -4.41 14.84 39.90
N LYS E 237 -4.20 13.91 40.85
CA LYS E 237 -4.60 14.16 42.23
C LYS E 237 -3.86 15.35 42.81
N MET E 238 -2.57 15.48 42.50
CA MET E 238 -1.81 16.64 42.97
C MET E 238 -2.45 17.93 42.51
N LEU E 239 -2.75 18.04 41.22
CA LEU E 239 -3.39 19.25 40.71
C LEU E 239 -4.74 19.50 41.39
N LEU E 240 -5.54 18.44 41.57
CA LEU E 240 -6.85 18.60 42.20
C LEU E 240 -6.74 19.07 43.65
N HIS E 241 -5.69 18.68 44.36
CA HIS E 241 -5.49 19.07 45.75
C HIS E 241 -4.58 20.29 45.89
N SER E 242 -4.23 20.94 44.79
CA SER E 242 -3.31 22.07 44.79
C SER E 242 -4.06 23.35 44.40
N GLU E 243 -3.59 24.47 44.93
CA GLU E 243 -4.05 25.78 44.51
C GLU E 243 -3.13 26.40 43.47
N GLN E 244 -2.18 25.64 42.95
CA GLN E 244 -1.18 26.13 42.02
C GLN E 244 -1.53 25.77 40.58
N HIS E 245 -1.08 26.62 39.67
CA HIS E 245 -1.27 26.40 38.25
C HIS E 245 -0.49 25.15 37.80
N PRO E 246 -1.02 24.40 36.82
CA PRO E 246 -0.27 23.24 36.31
C PRO E 246 1.11 23.59 35.78
N GLY E 247 1.30 24.80 35.25
CA GLY E 247 2.63 25.23 34.87
C GLY E 247 3.56 25.40 36.06
N GLN E 248 3.02 25.86 37.19
CA GLN E 248 3.84 25.96 38.40
C GLN E 248 4.22 24.57 38.90
N LEU E 249 3.28 23.62 38.88
CA LEU E 249 3.59 22.26 39.28
C LEU E 249 4.58 21.64 38.30
N LYS E 250 4.45 21.96 37.01
CA LYS E 250 5.41 21.50 36.02
C LYS E 250 6.80 22.07 36.30
N ASP E 251 6.88 23.31 36.78
CA ASP E 251 8.18 23.90 37.10
C ASP E 251 8.82 23.20 38.28
N ASN E 252 8.02 22.81 39.28
CA ASN E 252 8.56 22.12 40.45
C ASN E 252 9.14 20.76 40.11
N VAL E 253 8.72 20.14 39.01
CA VAL E 253 9.24 18.82 38.66
C VAL E 253 10.59 18.92 37.96
N SER E 254 10.79 19.96 37.15
CA SER E 254 11.94 20.02 36.24
C SER E 254 13.10 20.71 36.93
N SER E 255 14.16 19.96 37.22
CA SER E 255 15.37 20.59 37.70
C SER E 255 16.19 21.15 36.53
N PRO E 256 16.97 22.20 36.76
CA PRO E 256 17.69 22.83 35.65
C PRO E 256 18.66 21.87 34.99
N GLY E 257 18.67 21.88 33.65
CA GLY E 257 19.50 21.00 32.86
C GLY E 257 19.16 19.53 32.93
N GLY E 258 18.08 19.16 33.63
CA GLY E 258 17.83 17.78 33.98
C GLY E 258 17.05 16.98 32.95
N ALA E 259 16.73 15.75 33.34
CA ALA E 259 16.06 14.82 32.43
C ALA E 259 14.64 15.28 32.09
N THR E 260 13.89 15.76 33.07
CA THR E 260 12.49 16.11 32.82
C THR E 260 12.38 17.25 31.81
N ILE E 261 13.19 18.29 31.96
CA ILE E 261 13.07 19.43 31.03
C ILE E 261 13.51 19.02 29.63
N HIS E 262 14.50 18.13 29.52
CA HIS E 262 14.83 17.57 28.21
C HIS E 262 13.63 16.85 27.61
N ALA E 263 12.88 16.09 28.43
CA ALA E 263 11.73 15.38 27.90
C ALA E 263 10.61 16.33 27.51
N LEU E 264 10.38 17.37 28.30
CA LEU E 264 9.35 18.36 27.95
C LEU E 264 9.67 19.04 26.62
N HIS E 265 10.95 19.24 26.31
CA HIS E 265 11.31 19.88 25.05
C HIS E 265 10.86 19.02 23.86
N VAL E 266 11.11 17.71 23.88
CA VAL E 266 10.71 16.92 22.72
C VAL E 266 9.18 16.84 22.63
N LEU E 267 8.46 16.95 23.75
CA LEU E 267 6.99 17.07 23.67
C LEU E 267 6.59 18.36 22.98
N GLU E 268 7.23 19.48 23.36
CA GLU E 268 6.90 20.75 22.74
C GLU E 268 7.25 20.77 21.26
N SER E 269 8.33 20.08 20.88
CA SER E 269 8.75 20.10 19.48
C SER E 269 7.74 19.39 18.58
N GLY E 270 7.04 18.41 19.11
CA GLY E 270 5.96 17.77 18.38
C GLY E 270 4.60 18.44 18.49
N GLY E 271 4.51 19.56 19.20
CA GLY E 271 3.22 20.23 19.35
C GLY E 271 2.22 19.45 20.19
N PHE E 272 2.72 18.69 21.17
CA PHE E 272 1.91 17.91 22.11
C PHE E 272 0.69 18.67 22.64
N ARG E 273 0.89 19.91 23.10
CA ARG E 273 -0.23 20.69 23.63
C ARG E 273 -1.32 20.87 22.59
N SER E 274 -0.95 21.22 21.36
CA SER E 274 -1.94 21.48 20.33
C SER E 274 -2.72 20.21 19.96
N LEU E 275 -2.09 19.05 20.07
CA LEU E 275 -2.79 17.79 19.76
C LEU E 275 -3.96 17.57 20.70
N LEU E 276 -3.76 17.82 22.00
CA LEU E 276 -4.83 17.65 22.96
C LEU E 276 -5.92 18.71 22.79
N ILE E 277 -5.54 19.93 22.41
CA ILE E 277 -6.54 20.94 22.05
C ILE E 277 -7.35 20.48 20.85
N ASN E 278 -6.64 20.01 19.81
CA ASN E 278 -7.27 19.44 18.62
C ASN E 278 -8.30 18.38 19.01
N ALA E 279 -7.94 17.52 19.97
CA ALA E 279 -8.80 16.40 20.37
C ALA E 279 -10.09 16.89 21.02
N VAL E 280 -9.97 17.76 22.04
CA VAL E 280 -11.17 18.32 22.68
C VAL E 280 -12.05 19.00 21.64
N GLU E 281 -11.43 19.78 20.75
CA GLU E 281 -12.18 20.47 19.72
C GLU E 281 -12.86 19.49 18.77
N ALA E 282 -12.10 18.51 18.27
CA ALA E 282 -12.66 17.54 17.33
C ALA E 282 -13.83 16.79 17.94
N SER E 283 -13.73 16.43 19.23
CA SER E 283 -14.81 15.70 19.88
C SER E 283 -16.05 16.58 20.05
N CYS E 284 -15.85 17.82 20.54
CA CYS E 284 -16.97 18.74 20.69
C CYS E 284 -17.65 18.99 19.35
N ILE E 285 -16.87 19.20 18.29
CA ILE E 285 -17.46 19.49 16.99
C ILE E 285 -18.29 18.30 16.50
N ARG E 286 -17.79 17.07 16.67
CA ARG E 286 -18.54 15.90 16.22
C ARG E 286 -19.83 15.73 17.03
N THR E 287 -19.76 15.98 18.34
CA THR E 287 -20.95 15.90 19.18
C THR E 287 -22.04 16.83 18.64
N ARG E 288 -21.66 18.01 18.17
CA ARG E 288 -22.63 18.94 17.60
C ARG E 288 -23.16 18.46 16.26
N GLU E 289 -22.27 17.95 15.39
CA GLU E 289 -22.69 17.38 14.11
C GLU E 289 -23.71 16.28 14.31
N LEU E 290 -23.47 15.39 15.27
CA LEU E 290 -24.37 14.26 15.48
C LEU E 290 -25.75 14.73 15.90
N GLN E 291 -25.82 15.74 16.77
CA GLN E 291 -27.11 16.27 17.18
C GLN E 291 -27.79 17.02 16.03
N SER E 292 -27.01 17.68 15.17
CA SER E 292 -27.58 18.34 14.02
C SER E 292 -28.19 17.33 13.04
N MET E 293 -27.54 16.18 12.88
CA MET E 293 -28.13 15.11 12.07
C MET E 293 -29.39 14.56 12.72
N ALA E 294 -29.43 14.50 14.06
CA ALA E 294 -30.62 14.02 14.75
C ALA E 294 -31.79 15.00 14.61
N ASP E 295 -31.50 16.29 14.69
CA ASP E 295 -32.56 17.29 14.55
C ASP E 295 -33.19 17.25 13.15
N GLN E 296 -32.37 17.03 12.13
CA GLN E 296 -32.87 16.98 10.75
C GLN E 296 -33.50 15.62 10.43
N PRO F . 22.22 -1.69 -9.35
CA PRO F . 23.45 -1.62 -8.59
C PRO F . 23.04 -1.49 -7.11
O PRO F . 23.92 -1.42 -6.19
CB PRO F . 24.23 -0.41 -9.04
CG PRO F . 23.33 0.31 -10.03
CD PRO F . 22.24 -0.73 -10.41
OXT PRO F . 21.82 -1.44 -6.83
N PRO G . -17.32 8.36 -29.50
CA PRO G . -18.25 9.04 -28.62
C PRO G . -17.52 9.51 -27.34
O PRO G . -16.30 9.27 -27.20
CB PRO G . -19.38 8.09 -28.26
CG PRO G . -19.14 6.84 -29.10
CD PRO G . -17.80 7.06 -29.84
OXT PRO G . -18.14 10.14 -26.45
N PRO H . -1.08 21.98 -22.25
CA PRO H . -2.48 21.91 -21.86
C PRO H . -2.64 22.89 -20.69
O PRO H . -1.60 23.15 -20.03
CB PRO H . -2.77 20.53 -21.36
CG PRO H . -1.58 19.67 -21.78
CD PRO H . -0.52 20.67 -22.33
OXT PRO H . -3.77 23.38 -20.40
N PRO I . 41.54 5.86 -17.27
CA PRO I . 42.19 5.97 -15.98
C PRO I . 41.17 6.36 -14.89
O PRO I . 40.19 7.08 -15.19
CB PRO I . 43.29 7.02 -16.06
CG PRO I . 43.27 7.54 -17.49
CD PRO I . 42.21 6.68 -18.24
OXT PRO I . 41.32 5.96 -13.71
S SO4 J . 22.74 -9.06 -11.14
O1 SO4 J . 24.11 -9.44 -10.80
O2 SO4 J . 22.65 -8.79 -12.57
O3 SO4 J . 22.38 -7.85 -10.40
O4 SO4 J . 21.83 -10.14 -10.78
N PRO K . 11.48 -10.08 19.25
CA PRO K . 12.91 -9.85 19.26
C PRO K . 13.12 -8.41 19.73
O PRO K . 14.28 -7.93 19.91
CB PRO K . 13.46 -10.02 17.87
CG PRO K . 12.24 -10.26 16.98
CD PRO K . 11.09 -10.58 17.98
OXT PRO K . 12.09 -7.71 19.93
N PRO L . -32.03 -5.70 5.58
CA PRO L . -32.38 -4.30 5.61
C PRO L . -31.09 -3.46 5.73
O PRO L . -31.11 -2.22 5.47
CB PRO L . -33.25 -4.02 6.81
CG PRO L . -33.52 -5.38 7.46
CD PRO L . -32.67 -6.40 6.65
OXT PRO L . -30.01 -4.01 6.07
S SO4 M . -14.31 -6.28 -11.10
O1 SO4 M . -14.90 -5.74 -12.33
O2 SO4 M . -13.05 -5.61 -10.83
O3 SO4 M . -14.10 -7.70 -11.27
O4 SO4 M . -15.23 -6.08 -9.98
N PRO N . -13.05 -1.83 -5.39
CA PRO N . -14.15 -0.97 -5.05
C PRO N . -13.74 0.45 -5.44
O PRO N . -12.52 0.67 -5.66
CB PRO N . -14.38 -1.06 -3.56
CG PRO N . -13.69 -2.34 -3.13
CD PRO N . -12.90 -2.83 -4.38
OXT PRO N . -14.61 1.38 -5.56
N PRO O . 25.86 -22.26 7.26
CA PRO O . 26.95 -21.32 7.43
C PRO O . 26.40 -19.92 7.72
O PRO O . 25.43 -19.47 7.05
CB PRO O . 27.79 -21.30 6.17
CG PRO O . 27.38 -22.55 5.40
CD PRO O . 26.10 -23.08 6.12
OXT PRO O . 26.94 -19.21 8.61
S SO4 P . 9.99 -14.99 25.58
O1 SO4 P . 10.30 -13.87 24.69
O2 SO4 P . 9.62 -16.16 24.78
O3 SO4 P . 11.15 -15.31 26.40
O4 SO4 P . 8.87 -14.62 26.44
N PRO Q . 13.44 15.30 38.03
CA PRO Q . 14.72 14.71 37.74
C PRO Q . 15.34 15.56 36.61
O PRO Q . 16.49 15.28 36.15
CB PRO Q . 14.51 13.31 37.25
CG PRO Q . 13.07 12.95 37.62
CD PRO Q . 12.47 14.27 38.19
OXT PRO Q . 14.65 16.52 36.16
N PRO R . -31.26 24.41 33.65
CA PRO R . -31.44 25.05 32.37
C PRO R . -30.19 24.83 31.49
O PRO R . -30.27 24.87 30.24
CB PRO R . -31.67 26.53 32.55
CG PRO R . -31.52 26.78 34.05
CD PRO R . -31.40 25.38 34.70
OXT PRO R . -29.07 24.64 32.04
S SO4 S . -22.72 2.27 25.87
O1 SO4 S . -21.86 3.38 25.48
O2 SO4 S . -22.13 1.01 25.42
O3 SO4 S . -22.90 2.26 27.32
O4 SO4 S . -24.03 2.43 25.24
#